data_5KNL
#
_entry.id   5KNL
#
_cell.length_a   77.111
_cell.length_b   82.238
_cell.length_c   135.376
_cell.angle_alpha   102.10
_cell.angle_beta   95.78
_cell.angle_gamma   90.86
#
_symmetry.space_group_name_H-M   'P 1'
#
loop_
_entity.id
_entity.type
_entity.pdbx_description
1 polymer 'Ubiquitin-activating enzyme E1 1'
2 polymer Ubiquitin
3 polymer 'Ubiquitin-conjugating enzyme E2 15'
4 non-polymer 'SULFATE ION'
5 water water
#
loop_
_entity_poly.entity_id
_entity_poly.type
_entity_poly.pdbx_seq_one_letter_code
_entity_poly.pdbx_strand_id
1 'polypeptide(L)'
;SNTIDEGLYSRQLYVLGHEAMKQMSQSNVLIIGCKGLGVEIAKNVCLAGVKSVTLYDPQPTRIEDLSSQYFLTEDDIGVP
RAKVTVSKLAELNQYVPVSVVDELSTEYLKNFKCVVVTETSLTKQLEINDFTHKNHIAYIAADSRGLFGSIFCDFGENFI
CTDTDGNEPLTGMIASITDDGVVTMLEETRHGLENGDFVKFTEVKGMPGLNDGTPRKVEVKGPYTFSIGSVKDLGSAGYN
GVFTQVKVPTKISFKSLRESLKDPEYVYPDFGKMMRPPQYHIAFQALSAFADAHEGSLPRPRNDIDAAEFFEFCKKIAST
LQFDVELDEKLIKEISYQARGDLVAMSAFLGGAVAQEVLKATTSKFYPLKQYFYFDSLESLPSSVTISEETCKPRGCRYD
GQIAVFGSEFQEKIASLSTFLVGAGAIGCEMLKNWAMMGVATGESGHISVTDMDSIEKSNLNRQFLFRPRDVGKLKSECA
STAVSIMNPSLTGKITSYQERVGPESEGIFGDEFFEKLSLVTNALDNVEARMYVDRRCVFFEKPLLESGTLGTKGNTQVV
VPHLTESYGSSQDPPEKSFPICTLKNFPNRIEHTIAWARDLFEGLFKQPIDNVNMYLSSPNFLETSLKTSSNPREVLENI
RDYLVTEKPLSFEECIMWARLQFDKFFNNNIQQLLFNFPKDSVTSTGQPFWSGPKRAPTPLSFDIHNREHFDFIVAAASL
YAFNYGLKSETDPAIYERVLAGYNPPPFAPKSGIKIQVNENEEAPETAANKDKQELKSIADSLPPPSSLVGFRLTPAEFE
KDDDSNHHIDFITAASNLRAMNYDITPADRFKTKFVAGKIVPAMCTSTAVVSGLVCLELVKLVDGKKKIEEYKNGFFNLA
IGLFTFSDPIASPKMKVNGKEIDKIWDRYNLPDCTLQELIDYFQKEEGLEVTMLSSGVSLLYANFQPPKKLAERLPLKIS
ELVEQITKKKLEPFRKHLVLEICCDDANGEDVEVPFICIKL
;
A,D
2 'polypeptide(L)'
;MGSSHHHHHHSSGLVPRGSHMQIFVRTLTGRTITLEVESSDTIDNVRARIQDREGIPPDQQRLIFAGRQLEDGRTLADYN
IQRESTLHLVLRLRGG
;
B,E
3 'polypeptide(L)'
;MPSSASEQLLRKQLKEIQKNPPQGFSVGLVDDKSIFEWEVMIIGPEDTLYEGGFFHATLSFPQDYPLMPPKMKFTTEIWH
PNVHPNGEVCISILHPPGDDKYGYEDAGERWLPVHSPETILISVISMLSSPNDESPANIDAAKEFRENPQEFKKRVRRLV
RRSIEMILEHHHHHH
;
C,F
#
loop_
_chem_comp.id
_chem_comp.type
_chem_comp.name
_chem_comp.formula
SO4 non-polymer 'SULFATE ION' 'O4 S -2'
#
# COMPACT_ATOMS: atom_id res chain seq x y z
N THR A 3 -1.98 -7.02 -6.02
CA THR A 3 -3.36 -7.39 -5.74
C THR A 3 -4.17 -6.17 -5.31
N ILE A 4 -4.56 -5.36 -6.29
CA ILE A 4 -5.49 -4.25 -6.05
C ILE A 4 -6.93 -4.74 -6.17
N ASP A 5 -7.78 -4.28 -5.25
CA ASP A 5 -9.16 -4.72 -5.20
C ASP A 5 -9.95 -4.29 -6.44
N GLU A 6 -10.00 -5.17 -7.43
CA GLU A 6 -10.72 -4.88 -8.66
C GLU A 6 -12.21 -4.78 -8.42
N GLY A 7 -12.69 -5.53 -7.42
CA GLY A 7 -14.09 -5.47 -7.03
C GLY A 7 -14.51 -4.08 -6.61
N LEU A 8 -13.57 -3.33 -6.04
CA LEU A 8 -13.84 -1.99 -5.54
C LEU A 8 -13.48 -0.91 -6.55
N TYR A 9 -12.31 -1.04 -7.17
CA TYR A 9 -11.75 0.03 -7.99
C TYR A 9 -12.03 -0.14 -9.49
N SER A 10 -12.92 -1.06 -9.84
CA SER A 10 -13.19 -1.39 -11.24
C SER A 10 -13.36 -0.17 -12.14
N ARG A 11 -14.41 0.60 -11.88
CA ARG A 11 -14.77 1.72 -12.75
C ARG A 11 -13.67 2.79 -12.77
N GLN A 12 -12.89 2.85 -11.70
CA GLN A 12 -11.83 3.84 -11.57
C GLN A 12 -10.56 3.39 -12.29
N LEU A 13 -10.31 2.08 -12.28
CA LEU A 13 -9.15 1.53 -12.96
C LEU A 13 -9.19 1.82 -14.44
N TYR A 14 -10.40 1.85 -15.00
CA TYR A 14 -10.58 2.10 -16.42
C TYR A 14 -10.35 3.57 -16.76
N VAL A 15 -10.03 4.38 -15.75
CA VAL A 15 -9.70 5.78 -15.94
C VAL A 15 -8.21 6.01 -15.73
N LEU A 16 -7.68 5.44 -14.65
CA LEU A 16 -6.29 5.70 -14.24
C LEU A 16 -5.32 4.61 -14.67
N GLY A 17 -5.79 3.36 -14.72
CA GLY A 17 -4.92 2.24 -15.01
C GLY A 17 -4.32 1.65 -13.75
N HIS A 18 -3.78 0.44 -13.85
CA HIS A 18 -3.24 -0.26 -12.69
C HIS A 18 -1.96 0.38 -12.16
N GLU A 19 -1.05 0.74 -13.08
CA GLU A 19 0.23 1.30 -12.70
C GLU A 19 0.06 2.62 -11.96
N ALA A 20 -0.85 3.45 -12.47
CA ALA A 20 -1.16 4.71 -11.81
C ALA A 20 -1.59 4.45 -10.37
N MET A 21 -2.37 3.41 -10.17
CA MET A 21 -2.91 3.13 -8.85
C MET A 21 -1.86 2.49 -7.93
N LYS A 22 -0.92 1.76 -8.49
CA LYS A 22 0.20 1.24 -7.70
C LYS A 22 0.96 2.42 -7.12
N GLN A 23 1.26 3.40 -7.97
CA GLN A 23 1.94 4.61 -7.55
C GLN A 23 1.15 5.33 -6.47
N MET A 24 -0.17 5.40 -6.65
CA MET A 24 -1.04 6.04 -5.68
C MET A 24 -0.95 5.37 -4.33
N SER A 25 -1.05 4.04 -4.33
CA SER A 25 -1.00 3.27 -3.09
C SER A 25 0.37 3.36 -2.41
N GLN A 26 1.32 4.00 -3.07
CA GLN A 26 2.65 4.22 -2.52
C GLN A 26 2.91 5.71 -2.26
N SER A 27 1.88 6.53 -2.44
CA SER A 27 2.01 7.98 -2.24
C SER A 27 1.24 8.45 -1.01
N ASN A 28 1.93 9.19 -0.15
CA ASN A 28 1.30 9.84 1.00
C ASN A 28 0.82 11.24 0.62
N VAL A 29 -0.30 11.66 1.22
CA VAL A 29 -0.88 12.97 0.92
C VAL A 29 -1.19 13.73 2.21
N LEU A 30 -0.68 14.95 2.31
CA LEU A 30 -0.99 15.85 3.41
C LEU A 30 -2.02 16.90 2.98
N ILE A 31 -3.12 17.02 3.73
CA ILE A 31 -4.14 18.01 3.45
C ILE A 31 -4.28 18.99 4.62
N ILE A 32 -4.02 20.26 4.32
CA ILE A 32 -4.05 21.33 5.31
C ILE A 32 -5.38 22.07 5.26
N GLY A 33 -6.09 22.06 6.38
CA GLY A 33 -7.40 22.70 6.47
C GLY A 33 -8.51 21.70 6.20
N CYS A 34 -9.48 21.64 7.10
CA CYS A 34 -10.61 20.73 6.96
C CYS A 34 -11.93 21.50 7.07
N LYS A 35 -12.00 22.63 6.38
CA LYS A 35 -13.26 23.34 6.19
C LYS A 35 -13.94 22.76 4.94
N GLY A 36 -14.85 23.51 4.34
CA GLY A 36 -15.62 23.04 3.21
C GLY A 36 -14.80 22.50 2.05
N LEU A 37 -13.77 23.25 1.66
CA LEU A 37 -12.95 22.86 0.53
C LEU A 37 -12.06 21.69 0.88
N GLY A 38 -11.45 21.75 2.05
CA GLY A 38 -10.51 20.74 2.49
C GLY A 38 -11.10 19.34 2.58
N VAL A 39 -12.30 19.24 3.15
CA VAL A 39 -12.93 17.95 3.37
C VAL A 39 -13.32 17.31 2.04
N GLU A 40 -13.74 18.14 1.08
CA GLU A 40 -14.12 17.64 -0.23
C GLU A 40 -12.92 17.02 -0.93
N ILE A 41 -11.79 17.71 -0.87
CA ILE A 41 -10.55 17.20 -1.45
C ILE A 41 -10.17 15.89 -0.78
N ALA A 42 -10.30 15.85 0.54
CA ALA A 42 -9.93 14.67 1.32
C ALA A 42 -10.83 13.48 1.00
N LYS A 43 -12.13 13.74 0.86
CA LYS A 43 -13.09 12.70 0.57
C LYS A 43 -12.72 11.98 -0.72
N ASN A 44 -12.43 12.76 -1.76
CA ASN A 44 -12.11 12.22 -3.06
C ASN A 44 -10.80 11.44 -3.06
N VAL A 45 -9.77 12.01 -2.44
CA VAL A 45 -8.47 11.34 -2.37
C VAL A 45 -8.58 10.01 -1.63
N CYS A 46 -9.44 9.95 -0.63
CA CYS A 46 -9.62 8.73 0.15
C CYS A 46 -10.29 7.65 -0.70
N LEU A 47 -11.26 8.05 -1.52
CA LEU A 47 -11.98 7.11 -2.35
C LEU A 47 -11.12 6.67 -3.53
N ALA A 48 -10.24 7.56 -3.98
CA ALA A 48 -9.35 7.28 -5.11
C ALA A 48 -8.37 6.17 -4.77
N GLY A 49 -7.84 6.18 -3.55
CA GLY A 49 -7.00 5.11 -3.05
C GLY A 49 -5.51 5.41 -3.06
N VAL A 50 -5.09 6.33 -2.19
CA VAL A 50 -3.67 6.64 -2.01
C VAL A 50 -3.13 5.82 -0.84
N LYS A 51 -1.84 5.97 -0.55
CA LYS A 51 -1.21 5.19 0.51
C LYS A 51 -1.78 5.58 1.87
N SER A 52 -1.92 6.89 2.09
CA SER A 52 -2.49 7.41 3.33
C SER A 52 -2.80 8.90 3.19
N VAL A 53 -3.73 9.38 3.99
CA VAL A 53 -4.09 10.80 4.03
C VAL A 53 -3.86 11.37 5.43
N THR A 54 -3.13 12.47 5.49
CA THR A 54 -2.86 13.16 6.76
C THR A 54 -3.52 14.53 6.79
N LEU A 55 -4.26 14.80 7.86
CA LEU A 55 -4.99 16.07 8.00
C LEU A 55 -4.33 17.00 9.00
N TYR A 56 -4.28 18.29 8.65
CA TYR A 56 -3.84 19.33 9.58
C TYR A 56 -4.85 20.46 9.65
N ASP A 57 -5.58 20.50 10.75
CA ASP A 57 -6.51 21.60 11.01
C ASP A 57 -6.87 21.64 12.48
N PRO A 58 -6.03 22.29 13.29
CA PRO A 58 -6.25 22.36 14.74
C PRO A 58 -7.27 23.43 15.16
N GLN A 59 -7.67 24.28 14.22
CA GLN A 59 -8.63 25.33 14.53
C GLN A 59 -9.99 24.71 14.88
N PRO A 60 -10.63 25.18 15.97
CA PRO A 60 -11.89 24.57 16.41
C PRO A 60 -13.07 24.86 15.47
N THR A 61 -14.06 23.97 15.50
CA THR A 61 -15.22 24.07 14.63
C THR A 61 -16.17 25.20 15.03
N ARG A 62 -16.39 26.13 14.11
CA ARG A 62 -17.43 27.15 14.26
C ARG A 62 -18.65 26.75 13.44
N ILE A 63 -19.81 27.30 13.81
CA ILE A 63 -21.07 26.92 13.18
C ILE A 63 -21.11 27.25 11.69
N GLU A 64 -20.47 28.35 11.31
CA GLU A 64 -20.50 28.80 9.92
C GLU A 64 -19.73 27.84 9.01
N ASP A 65 -18.96 26.94 9.59
CA ASP A 65 -18.22 25.95 8.82
C ASP A 65 -19.17 24.94 8.18
N LEU A 66 -20.33 24.75 8.81
CA LEU A 66 -21.29 23.74 8.36
C LEU A 66 -22.01 24.15 7.07
N SER A 67 -21.65 25.30 6.52
CA SER A 67 -22.23 25.74 5.25
C SER A 67 -21.83 24.82 4.11
N SER A 68 -20.78 24.03 4.32
CA SER A 68 -20.29 23.12 3.29
C SER A 68 -19.52 21.91 3.83
N GLN A 69 -19.11 21.96 5.09
CA GLN A 69 -18.41 20.83 5.72
C GLN A 69 -19.43 19.80 6.19
N TYR A 70 -19.74 18.85 5.31
CA TYR A 70 -20.81 17.88 5.53
C TYR A 70 -20.43 16.77 6.50
N PHE A 71 -19.20 16.81 7.02
CA PHE A 71 -18.76 15.83 8.02
C PHE A 71 -18.73 16.46 9.42
N LEU A 72 -19.12 17.73 9.51
CA LEU A 72 -19.22 18.40 10.80
C LEU A 72 -20.69 18.59 11.21
N THR A 73 -20.98 18.24 12.46
CA THR A 73 -22.31 18.44 13.03
C THR A 73 -22.24 19.55 14.06
N GLU A 74 -23.40 19.98 14.55
CA GLU A 74 -23.47 21.07 15.51
C GLU A 74 -23.00 20.63 16.90
N ASP A 75 -22.97 19.31 17.13
CA ASP A 75 -22.44 18.77 18.38
C ASP A 75 -20.92 18.84 18.42
N ASP A 76 -20.31 19.00 17.25
CA ASP A 76 -18.85 19.01 17.13
C ASP A 76 -18.27 20.42 17.20
N ILE A 77 -19.12 21.40 17.48
CA ILE A 77 -18.66 22.79 17.60
C ILE A 77 -17.64 22.91 18.72
N GLY A 78 -16.59 23.68 18.47
CA GLY A 78 -15.53 23.88 19.45
C GLY A 78 -14.43 22.84 19.33
N VAL A 79 -14.70 21.78 18.57
CA VAL A 79 -13.71 20.72 18.37
C VAL A 79 -12.82 21.04 17.17
N PRO A 80 -11.51 20.77 17.28
CA PRO A 80 -10.63 20.91 16.11
C PRO A 80 -11.15 20.11 14.92
N ARG A 81 -11.31 20.78 13.78
CA ARG A 81 -11.97 20.19 12.62
C ARG A 81 -11.34 18.87 12.17
N ALA A 82 -10.01 18.85 12.07
CA ALA A 82 -9.29 17.66 11.62
C ALA A 82 -9.61 16.43 12.49
N LYS A 83 -9.72 16.64 13.80
CA LYS A 83 -10.02 15.55 14.72
C LYS A 83 -11.43 15.01 14.50
N VAL A 84 -12.34 15.89 14.10
CA VAL A 84 -13.72 15.48 13.84
C VAL A 84 -13.82 14.76 12.50
N THR A 85 -13.07 15.25 11.52
CA THR A 85 -13.20 14.78 10.15
C THR A 85 -12.59 13.40 9.93
N VAL A 86 -11.44 13.14 10.56
CA VAL A 86 -10.65 11.94 10.31
C VAL A 86 -11.46 10.64 10.39
N SER A 87 -12.30 10.52 11.41
CA SER A 87 -13.05 9.28 11.62
C SER A 87 -14.05 9.04 10.51
N LYS A 88 -14.63 10.12 9.99
CA LYS A 88 -15.59 10.03 8.90
C LYS A 88 -14.89 9.61 7.61
N LEU A 89 -13.75 10.23 7.32
CA LEU A 89 -13.00 9.96 6.11
C LEU A 89 -12.45 8.54 6.07
N ALA A 90 -12.10 8.00 7.24
CA ALA A 90 -11.51 6.68 7.31
C ALA A 90 -12.48 5.61 6.82
N GLU A 91 -13.78 5.86 6.98
CA GLU A 91 -14.81 4.91 6.61
C GLU A 91 -15.06 4.87 5.09
N LEU A 92 -14.51 5.84 4.38
CA LEU A 92 -14.72 5.92 2.93
C LEU A 92 -14.05 4.76 2.20
N ASN A 93 -12.83 4.42 2.59
CA ASN A 93 -12.05 3.41 1.89
C ASN A 93 -11.23 2.56 2.86
N GLN A 94 -11.51 1.26 2.88
CA GLN A 94 -10.85 0.32 3.79
C GLN A 94 -9.38 0.14 3.45
N TYR A 95 -8.96 0.64 2.29
CA TYR A 95 -7.58 0.51 1.84
C TYR A 95 -6.80 1.82 2.02
N VAL A 96 -7.42 2.78 2.70
CA VAL A 96 -6.78 4.07 2.95
C VAL A 96 -6.89 4.48 4.42
N PRO A 97 -5.74 4.53 5.12
CA PRO A 97 -5.77 5.00 6.51
C PRO A 97 -5.69 6.52 6.57
N VAL A 98 -6.45 7.12 7.48
CA VAL A 98 -6.44 8.58 7.64
C VAL A 98 -5.93 8.93 9.03
N SER A 99 -5.14 9.99 9.10
CA SER A 99 -4.54 10.42 10.35
C SER A 99 -4.51 11.93 10.46
N VAL A 100 -4.15 12.42 11.65
CA VAL A 100 -4.10 13.85 11.92
C VAL A 100 -2.77 14.24 12.52
N VAL A 101 -2.33 15.46 12.23
CA VAL A 101 -1.16 16.04 12.86
C VAL A 101 -1.56 17.32 13.58
N ASP A 102 -0.98 17.53 14.76
CA ASP A 102 -1.32 18.69 15.59
C ASP A 102 -0.39 19.86 15.28
N GLU A 103 0.83 19.53 14.83
CA GLU A 103 1.78 20.55 14.40
C GLU A 103 2.49 20.14 13.12
N LEU A 104 2.91 21.15 12.36
CA LEU A 104 3.65 20.93 11.11
C LEU A 104 5.06 21.51 11.22
N SER A 105 5.99 20.88 10.52
CA SER A 105 7.33 21.39 10.36
C SER A 105 7.78 21.12 8.94
N THR A 106 8.70 21.94 8.43
CA THR A 106 9.15 21.80 7.05
C THR A 106 9.74 20.42 6.81
N GLU A 107 10.49 19.90 7.78
CA GLU A 107 11.15 18.60 7.63
C GLU A 107 10.12 17.47 7.59
N TYR A 108 8.93 17.73 8.13
CA TYR A 108 7.88 16.72 8.19
C TYR A 108 7.26 16.49 6.81
N LEU A 109 7.33 17.51 5.95
CA LEU A 109 6.74 17.42 4.62
C LEU A 109 7.43 16.37 3.76
N LYS A 110 8.67 16.03 4.10
CA LYS A 110 9.44 15.06 3.33
C LYS A 110 8.76 13.69 3.33
N ASN A 111 7.85 13.47 4.28
CA ASN A 111 7.11 12.22 4.38
C ASN A 111 6.04 12.06 3.30
N PHE A 112 5.80 13.12 2.52
CA PHE A 112 4.66 13.14 1.60
C PHE A 112 5.05 13.30 0.14
N LYS A 113 4.21 12.75 -0.73
CA LYS A 113 4.40 12.87 -2.17
C LYS A 113 3.71 14.14 -2.69
N CYS A 114 2.68 14.59 -1.96
CA CYS A 114 1.94 15.79 -2.33
C CYS A 114 1.35 16.52 -1.12
N VAL A 115 1.41 17.84 -1.16
CA VAL A 115 0.91 18.68 -0.07
C VAL A 115 -0.23 19.57 -0.55
N VAL A 116 -1.40 19.42 0.07
CA VAL A 116 -2.56 20.24 -0.25
C VAL A 116 -2.73 21.34 0.80
N VAL A 117 -2.97 22.57 0.35
CA VAL A 117 -3.04 23.72 1.25
C VAL A 117 -4.31 24.55 1.06
N THR A 118 -5.20 24.49 2.06
CA THR A 118 -6.41 25.31 2.08
C THR A 118 -6.45 26.18 3.33
N GLU A 119 -7.19 27.27 3.27
CA GLU A 119 -7.44 28.13 4.43
C GLU A 119 -6.15 28.64 5.08
N THR A 120 -5.12 28.85 4.27
CA THR A 120 -3.81 29.28 4.76
C THR A 120 -3.41 30.62 4.15
N SER A 121 -2.75 31.45 4.94
CA SER A 121 -2.32 32.77 4.48
C SER A 121 -1.25 32.66 3.41
N LEU A 122 -1.07 33.74 2.66
CA LEU A 122 -0.09 33.75 1.59
C LEU A 122 1.33 33.64 2.13
N THR A 123 1.57 34.23 3.30
CA THR A 123 2.89 34.23 3.91
C THR A 123 3.32 32.82 4.29
N LYS A 124 2.42 32.07 4.93
CA LYS A 124 2.71 30.69 5.32
C LYS A 124 2.77 29.77 4.11
N GLN A 125 2.02 30.11 3.07
CA GLN A 125 2.05 29.35 1.82
C GLN A 125 3.46 29.42 1.21
N LEU A 126 4.04 30.61 1.26
CA LEU A 126 5.36 30.84 0.70
C LEU A 126 6.42 30.03 1.45
N GLU A 127 6.27 29.93 2.77
CA GLU A 127 7.17 29.11 3.58
C GLU A 127 7.12 27.66 3.13
N ILE A 128 5.90 27.12 3.09
CA ILE A 128 5.67 25.72 2.73
C ILE A 128 6.19 25.41 1.33
N ASN A 129 5.85 26.26 0.37
CA ASN A 129 6.19 26.00 -1.02
C ASN A 129 7.69 26.08 -1.28
N ASP A 130 8.38 26.95 -0.55
CA ASP A 130 9.82 27.09 -0.71
C ASP A 130 10.53 25.77 -0.39
N PHE A 131 10.05 25.06 0.62
CA PHE A 131 10.66 23.80 1.02
C PHE A 131 10.30 22.68 0.05
N THR A 132 9.03 22.56 -0.28
CA THR A 132 8.55 21.49 -1.13
C THR A 132 9.15 21.60 -2.53
N HIS A 133 9.19 22.83 -3.05
CA HIS A 133 9.76 23.08 -4.36
C HIS A 133 11.25 22.77 -4.36
N LYS A 134 11.88 22.92 -3.20
CA LYS A 134 13.30 22.66 -3.03
C LYS A 134 13.60 21.17 -2.98
N ASN A 135 12.71 20.42 -2.36
CA ASN A 135 12.86 18.97 -2.22
C ASN A 135 11.98 18.20 -3.20
N HIS A 136 11.43 18.91 -4.19
CA HIS A 136 10.65 18.30 -5.26
C HIS A 136 9.45 17.52 -4.70
N ILE A 137 8.70 18.17 -3.82
CA ILE A 137 7.46 17.63 -3.29
C ILE A 137 6.29 18.41 -3.90
N ALA A 138 5.29 17.69 -4.39
CA ALA A 138 4.15 18.32 -5.06
C ALA A 138 3.36 19.24 -4.13
N TYR A 139 2.98 20.40 -4.65
CA TYR A 139 2.30 21.44 -3.89
C TYR A 139 1.05 21.94 -4.59
N ILE A 140 -0.08 21.90 -3.89
CA ILE A 140 -1.35 22.41 -4.43
C ILE A 140 -2.03 23.31 -3.40
N ALA A 141 -2.21 24.58 -3.77
CA ALA A 141 -2.95 25.54 -2.94
C ALA A 141 -4.31 25.83 -3.56
N ALA A 142 -5.35 25.85 -2.74
CA ALA A 142 -6.70 26.11 -3.23
C ALA A 142 -7.56 26.79 -2.16
N ASP A 143 -8.40 27.74 -2.58
CA ASP A 143 -9.29 28.44 -1.66
C ASP A 143 -10.64 28.79 -2.30
N SER A 144 -11.70 28.60 -1.51
CA SER A 144 -13.06 28.96 -1.90
C SER A 144 -13.53 30.19 -1.13
N ARG A 145 -13.82 31.27 -1.87
CA ARG A 145 -14.26 32.53 -1.27
C ARG A 145 -15.54 33.03 -1.92
N GLY A 146 -16.68 32.62 -1.38
CA GLY A 146 -17.97 32.99 -1.93
C GLY A 146 -18.18 32.39 -3.30
N LEU A 147 -18.45 33.24 -4.29
CA LEU A 147 -18.63 32.79 -5.66
C LEU A 147 -17.32 32.86 -6.44
N PHE A 148 -16.21 32.96 -5.71
CA PHE A 148 -14.88 33.03 -6.30
C PHE A 148 -14.00 31.88 -5.82
N GLY A 149 -13.16 31.36 -6.71
CA GLY A 149 -12.31 30.23 -6.40
C GLY A 149 -10.94 30.34 -7.05
N SER A 150 -9.93 29.75 -6.39
CA SER A 150 -8.56 29.77 -6.89
C SER A 150 -7.85 28.45 -6.63
N ILE A 151 -7.06 28.00 -7.61
CA ILE A 151 -6.19 26.84 -7.43
C ILE A 151 -4.80 27.12 -8.00
N PHE A 152 -3.77 26.79 -7.21
CA PHE A 152 -2.38 26.91 -7.65
C PHE A 152 -1.68 25.56 -7.51
N CYS A 153 -0.95 25.15 -8.56
CA CYS A 153 -0.21 23.89 -8.54
C CYS A 153 1.28 24.07 -8.78
N ASP A 154 2.08 23.27 -8.10
CA ASP A 154 3.53 23.27 -8.29
C ASP A 154 4.11 21.88 -8.00
N PHE A 155 4.51 21.17 -9.05
CA PHE A 155 5.00 19.80 -8.92
C PHE A 155 6.51 19.71 -9.09
N GLY A 156 7.19 20.86 -9.08
CA GLY A 156 8.64 20.90 -9.17
C GLY A 156 9.15 21.29 -10.54
N GLU A 157 10.44 21.64 -10.60
CA GLU A 157 11.06 22.06 -11.85
C GLU A 157 11.31 20.90 -12.80
N ASN A 158 11.30 19.67 -12.27
CA ASN A 158 11.60 18.49 -13.05
C ASN A 158 10.51 17.43 -12.96
N PHE A 159 9.26 17.86 -13.05
CA PHE A 159 8.13 16.94 -13.00
C PHE A 159 7.93 16.27 -14.36
N ILE A 160 7.81 14.95 -14.35
CA ILE A 160 7.65 14.16 -15.57
C ILE A 160 6.24 13.59 -15.66
N CYS A 161 5.62 13.80 -16.82
CA CYS A 161 4.28 13.30 -17.09
C CYS A 161 4.34 12.15 -18.09
N THR A 162 3.80 11.00 -17.70
CA THR A 162 3.89 9.79 -18.52
C THR A 162 2.70 9.64 -19.46
N ASP A 163 1.64 10.40 -19.20
CA ASP A 163 0.41 10.32 -19.98
C ASP A 163 -0.34 11.63 -19.85
N THR A 164 -0.34 12.43 -20.90
CA THR A 164 -0.82 13.81 -20.81
C THR A 164 -2.33 13.99 -20.99
N ASP A 165 -3.03 12.94 -21.41
CA ASP A 165 -4.47 13.07 -21.69
C ASP A 165 -5.26 11.77 -21.56
N GLY A 166 -4.57 10.66 -21.37
CA GLY A 166 -5.23 9.38 -21.18
C GLY A 166 -5.78 8.77 -22.46
N ASN A 167 -5.68 9.51 -23.57
CA ASN A 167 -6.14 9.01 -24.86
C ASN A 167 -5.31 7.83 -25.35
N GLU A 168 -5.95 6.93 -26.08
CA GLU A 168 -5.27 5.79 -26.67
C GLU A 168 -4.24 6.26 -27.70
N PRO A 169 -3.14 5.52 -27.85
CA PRO A 169 -2.12 5.89 -28.84
C PRO A 169 -2.67 5.96 -30.26
N LEU A 170 -2.42 7.07 -30.94
CA LEU A 170 -2.89 7.24 -32.31
C LEU A 170 -2.24 6.22 -33.23
N THR A 171 -2.86 5.97 -34.37
CA THR A 171 -2.36 4.98 -35.31
C THR A 171 -2.96 5.19 -36.69
N GLY A 172 -2.23 4.75 -37.72
CA GLY A 172 -2.69 4.88 -39.09
C GLY A 172 -1.85 4.06 -40.03
N MET A 173 -2.41 3.74 -41.19
CA MET A 173 -1.73 2.92 -42.19
C MET A 173 -0.92 3.80 -43.13
N ILE A 174 0.33 3.41 -43.36
CA ILE A 174 1.24 4.18 -44.21
C ILE A 174 1.07 3.81 -45.67
N ALA A 175 1.29 4.79 -46.54
CA ALA A 175 1.29 4.56 -47.98
C ALA A 175 2.73 4.52 -48.48
N SER A 176 3.51 5.52 -48.09
CA SER A 176 4.90 5.62 -48.52
C SER A 176 5.74 6.45 -47.58
N ILE A 177 7.04 6.18 -47.57
CA ILE A 177 8.00 6.93 -46.77
C ILE A 177 9.26 7.17 -47.61
N THR A 178 9.51 8.42 -47.96
CA THR A 178 10.72 8.76 -48.70
C THR A 178 11.93 8.53 -47.80
N ASP A 179 13.10 8.32 -48.40
CA ASP A 179 14.32 8.13 -47.63
C ASP A 179 14.71 9.42 -46.92
N ASP A 180 14.15 10.53 -47.37
CA ASP A 180 14.41 11.84 -46.76
C ASP A 180 13.65 11.95 -45.43
N GLY A 181 12.62 11.13 -45.26
CA GLY A 181 11.89 11.04 -43.99
C GLY A 181 10.43 11.46 -44.04
N VAL A 182 9.95 11.87 -45.21
CA VAL A 182 8.56 12.32 -45.34
C VAL A 182 7.61 11.13 -45.42
N VAL A 183 6.78 10.98 -44.39
CA VAL A 183 5.78 9.91 -44.35
C VAL A 183 4.44 10.38 -44.92
N THR A 184 3.77 9.47 -45.64
CA THR A 184 2.48 9.77 -46.26
C THR A 184 1.44 8.72 -45.92
N MET A 185 0.28 9.17 -45.44
CA MET A 185 -0.81 8.27 -45.09
C MET A 185 -1.46 7.66 -46.33
N LEU A 186 -2.34 6.69 -46.11
CA LEU A 186 -3.12 6.10 -47.21
C LEU A 186 -4.07 7.15 -47.79
N GLU A 187 -4.73 6.78 -48.88
CA GLU A 187 -5.59 7.71 -49.62
C GLU A 187 -6.59 8.43 -48.73
N GLU A 188 -6.35 9.74 -48.56
CA GLU A 188 -7.24 10.60 -47.79
C GLU A 188 -7.42 10.09 -46.36
N THR A 189 -6.32 10.06 -45.61
CA THR A 189 -6.35 9.69 -44.21
C THR A 189 -5.47 10.66 -43.41
N ARG A 190 -6.03 11.21 -42.35
CA ARG A 190 -5.31 12.15 -41.50
C ARG A 190 -4.64 11.41 -40.36
N HIS A 191 -3.42 11.81 -40.04
CA HIS A 191 -2.63 11.19 -38.99
C HIS A 191 -3.01 11.72 -37.62
N GLY A 192 -3.44 12.97 -37.57
CA GLY A 192 -3.86 13.60 -36.32
C GLY A 192 -2.72 13.86 -35.35
N LEU A 193 -1.50 13.61 -35.80
CA LEU A 193 -0.31 13.86 -34.98
C LEU A 193 -0.05 15.35 -34.84
N GLU A 194 0.88 15.68 -33.94
CA GLU A 194 1.29 17.06 -33.71
C GLU A 194 2.80 17.10 -33.48
N ASN A 195 3.40 18.26 -33.69
CA ASN A 195 4.85 18.41 -33.52
C ASN A 195 5.31 18.03 -32.12
N GLY A 196 6.36 17.23 -32.06
CA GLY A 196 6.91 16.76 -30.80
C GLY A 196 6.48 15.35 -30.46
N ASP A 197 5.38 14.90 -31.08
CA ASP A 197 4.90 13.53 -30.89
C ASP A 197 5.94 12.53 -31.37
N PHE A 198 5.97 11.36 -30.73
CA PHE A 198 6.87 10.28 -31.12
C PHE A 198 6.08 9.11 -31.68
N VAL A 199 6.55 8.56 -32.79
CA VAL A 199 5.89 7.43 -33.44
C VAL A 199 6.89 6.33 -33.77
N LYS A 200 6.47 5.08 -33.58
CA LYS A 200 7.22 3.93 -34.04
C LYS A 200 6.52 3.37 -35.28
N PHE A 201 7.12 2.37 -35.91
CA PHE A 201 6.56 1.80 -37.14
C PHE A 201 6.53 0.28 -37.11
N THR A 202 5.77 -0.30 -38.03
CA THR A 202 5.68 -1.74 -38.16
C THR A 202 5.19 -2.11 -39.55
N GLU A 203 5.61 -3.27 -40.04
CA GLU A 203 5.21 -3.77 -41.35
C GLU A 203 5.58 -2.83 -42.49
N VAL A 204 6.52 -1.92 -42.24
CA VAL A 204 7.02 -1.03 -43.29
C VAL A 204 7.90 -1.84 -44.25
N LYS A 205 7.48 -1.91 -45.50
CA LYS A 205 8.22 -2.65 -46.52
C LYS A 205 9.05 -1.71 -47.37
N GLY A 206 10.35 -2.00 -47.45
CA GLY A 206 11.30 -1.17 -48.18
C GLY A 206 12.46 -0.83 -47.25
N MET A 207 12.12 -0.54 -46.00
CA MET A 207 13.12 -0.33 -44.96
C MET A 207 12.62 -0.96 -43.67
N PRO A 208 12.96 -2.25 -43.45
CA PRO A 208 12.58 -2.96 -42.22
C PRO A 208 13.26 -2.43 -40.96
N GLY A 209 14.13 -1.42 -41.10
CA GLY A 209 14.82 -0.84 -39.96
C GLY A 209 13.91 0.00 -39.09
N LEU A 210 12.94 0.65 -39.71
CA LEU A 210 11.98 1.46 -38.97
C LEU A 210 11.05 0.59 -38.15
N ASN A 211 10.90 -0.68 -38.56
CA ASN A 211 10.07 -1.63 -37.83
C ASN A 211 10.74 -2.09 -36.53
N ASP A 212 11.90 -1.52 -36.24
CA ASP A 212 12.62 -1.79 -35.00
C ASP A 212 11.75 -1.55 -33.79
N GLY A 213 11.29 -0.31 -33.63
CA GLY A 213 10.57 0.12 -32.45
C GLY A 213 11.09 1.46 -31.96
N THR A 214 12.26 1.85 -32.47
CA THR A 214 12.86 3.13 -32.14
C THR A 214 11.94 4.28 -32.53
N PRO A 215 11.47 5.06 -31.55
CA PRO A 215 10.61 6.20 -31.90
C PRO A 215 11.37 7.34 -32.56
N ARG A 216 10.68 8.08 -33.43
CA ARG A 216 11.26 9.27 -34.06
C ARG A 216 10.40 10.50 -33.78
N LYS A 217 11.05 11.65 -33.62
CA LYS A 217 10.34 12.91 -33.44
C LYS A 217 9.55 13.24 -34.69
N VAL A 218 8.28 13.58 -34.51
CA VAL A 218 7.41 13.89 -35.64
C VAL A 218 7.47 15.37 -35.99
N GLU A 219 7.43 15.66 -37.29
CA GLU A 219 7.42 17.02 -37.80
C GLU A 219 6.29 17.15 -38.83
N VAL A 220 5.14 17.66 -38.39
CA VAL A 220 3.97 17.74 -39.24
C VAL A 220 4.23 18.65 -40.45
N LYS A 221 4.00 18.09 -41.64
CA LYS A 221 4.18 18.82 -42.89
C LYS A 221 2.83 19.18 -43.50
N GLY A 222 1.82 18.36 -43.22
CA GLY A 222 0.49 18.59 -43.72
C GLY A 222 -0.52 17.69 -43.01
N PRO A 223 -1.79 17.75 -43.43
CA PRO A 223 -2.83 16.92 -42.82
C PRO A 223 -2.68 15.44 -43.15
N TYR A 224 -2.05 15.13 -44.28
CA TYR A 224 -1.90 13.74 -44.73
C TYR A 224 -0.45 13.27 -44.66
N THR A 225 0.46 14.14 -44.23
CA THR A 225 1.89 13.82 -44.22
C THR A 225 2.61 14.38 -42.99
N PHE A 226 3.71 13.74 -42.64
CA PHE A 226 4.57 14.22 -41.56
C PHE A 226 5.97 13.63 -41.70
N SER A 227 6.97 14.37 -41.23
CA SER A 227 8.36 13.93 -41.32
C SER A 227 8.85 13.34 -40.00
N ILE A 228 9.85 12.48 -40.09
CA ILE A 228 10.45 11.86 -38.91
C ILE A 228 11.97 12.04 -38.88
N GLY A 229 12.55 12.30 -40.05
CA GLY A 229 13.99 12.46 -40.19
C GLY A 229 14.54 11.59 -41.30
N SER A 230 15.71 11.96 -41.80
CA SER A 230 16.33 11.21 -42.90
C SER A 230 16.63 9.77 -42.50
N VAL A 231 16.06 8.84 -43.25
CA VAL A 231 16.27 7.41 -43.03
C VAL A 231 16.99 6.80 -44.21
N LYS A 232 17.96 7.56 -44.74
CA LYS A 232 18.71 7.15 -45.93
C LYS A 232 19.63 5.96 -45.64
N ASP A 233 19.89 5.70 -44.36
CA ASP A 233 20.78 4.62 -43.97
C ASP A 233 20.29 3.27 -44.50
N LEU A 234 19.01 2.98 -44.30
CA LEU A 234 18.41 1.74 -44.79
C LEU A 234 17.20 2.03 -45.66
N GLY A 235 17.19 1.44 -46.85
CA GLY A 235 16.07 1.57 -47.77
C GLY A 235 16.02 2.90 -48.49
N SER A 236 15.70 2.85 -49.78
CA SER A 236 15.57 4.05 -50.60
C SER A 236 14.15 4.59 -50.54
N ALA A 237 13.20 3.71 -50.20
CA ALA A 237 11.80 4.08 -50.08
C ALA A 237 11.01 2.98 -49.39
N GLY A 238 10.10 3.36 -48.51
CA GLY A 238 9.26 2.42 -47.79
C GLY A 238 7.81 2.55 -48.21
N TYR A 239 6.98 1.61 -47.77
CA TYR A 239 5.56 1.62 -48.13
C TYR A 239 4.76 0.56 -47.38
N ASN A 240 3.43 0.68 -47.43
CA ASN A 240 2.51 -0.30 -46.86
C ASN A 240 2.81 -0.66 -45.40
N GLY A 241 3.14 0.34 -44.61
CA GLY A 241 3.42 0.15 -43.19
C GLY A 241 2.33 0.70 -42.30
N VAL A 242 2.61 0.76 -41.01
CA VAL A 242 1.68 1.30 -40.01
C VAL A 242 2.45 2.00 -38.91
N PHE A 243 2.14 3.26 -38.65
CA PHE A 243 2.78 3.98 -37.54
C PHE A 243 1.94 3.81 -36.29
N THR A 244 2.58 4.02 -35.14
CA THR A 244 1.90 3.93 -33.85
C THR A 244 2.51 4.97 -32.92
N GLN A 245 1.66 5.84 -32.39
CA GLN A 245 2.12 6.88 -31.49
C GLN A 245 2.76 6.26 -30.25
N VAL A 246 3.93 6.77 -29.89
CA VAL A 246 4.60 6.38 -28.67
C VAL A 246 4.42 7.52 -27.68
N LYS A 247 3.59 7.29 -26.66
CA LYS A 247 3.38 8.29 -25.63
C LYS A 247 4.67 8.50 -24.87
N VAL A 248 5.29 9.66 -25.10
CA VAL A 248 6.60 9.99 -24.55
C VAL A 248 6.49 10.71 -23.21
N PRO A 249 7.39 10.39 -22.26
CA PRO A 249 7.39 11.16 -21.01
C PRO A 249 7.69 12.63 -21.26
N THR A 250 6.89 13.52 -20.69
CA THR A 250 7.00 14.95 -20.94
C THR A 250 7.42 15.71 -19.69
N LYS A 251 8.49 16.50 -19.83
CA LYS A 251 8.97 17.35 -18.75
C LYS A 251 8.08 18.57 -18.60
N ILE A 252 7.54 18.75 -17.41
CA ILE A 252 6.72 19.91 -17.09
C ILE A 252 7.40 20.72 -15.99
N SER A 253 7.91 21.89 -16.36
CA SER A 253 8.70 22.72 -15.46
C SER A 253 7.83 23.73 -14.72
N PHE A 254 7.51 23.43 -13.47
CA PHE A 254 6.72 24.32 -12.62
C PHE A 254 7.58 25.38 -11.93
N LYS A 255 7.06 26.61 -11.90
CA LYS A 255 7.69 27.67 -11.13
C LYS A 255 7.24 27.59 -9.68
N SER A 256 8.08 28.03 -8.76
CA SER A 256 7.69 28.08 -7.35
C SER A 256 6.60 29.13 -7.17
N LEU A 257 5.98 29.15 -5.99
CA LEU A 257 4.95 30.13 -5.70
C LEU A 257 5.53 31.53 -5.61
N ARG A 258 6.76 31.63 -5.11
CA ARG A 258 7.40 32.91 -4.91
C ARG A 258 7.67 33.61 -6.24
N GLU A 259 8.38 32.92 -7.13
CA GLU A 259 8.80 33.51 -8.40
C GLU A 259 7.65 33.61 -9.42
N SER A 260 6.55 32.92 -9.14
CA SER A 260 5.42 32.91 -10.06
C SER A 260 4.34 33.93 -9.68
N LEU A 261 4.48 34.54 -8.51
CA LEU A 261 3.53 35.54 -8.06
C LEU A 261 3.63 36.82 -8.89
N LYS A 262 4.82 37.09 -9.43
CA LYS A 262 5.01 38.26 -10.27
C LYS A 262 4.51 38.02 -11.68
N ASP A 263 4.87 36.87 -12.23
CA ASP A 263 4.46 36.48 -13.57
C ASP A 263 3.77 35.11 -13.54
N PRO A 264 2.50 35.09 -13.13
CA PRO A 264 1.74 33.84 -12.99
C PRO A 264 1.21 33.31 -14.32
N GLU A 265 1.35 32.01 -14.55
CA GLU A 265 0.80 31.37 -15.73
C GLU A 265 -0.64 30.94 -15.43
N TYR A 266 -1.57 31.36 -16.29
CA TYR A 266 -2.99 31.18 -16.03
C TYR A 266 -3.60 29.99 -16.76
N VAL A 267 -4.57 29.36 -16.10
CA VAL A 267 -5.48 28.41 -16.75
C VAL A 267 -6.86 29.04 -16.72
N TYR A 268 -7.35 29.46 -17.88
CA TYR A 268 -8.61 30.20 -17.97
C TYR A 268 -9.81 29.25 -18.04
N PRO A 269 -10.68 29.26 -17.00
CA PRO A 269 -11.88 28.42 -17.06
C PRO A 269 -12.99 29.01 -17.93
N ASP A 270 -12.78 30.22 -18.44
CA ASP A 270 -13.77 30.88 -19.28
C ASP A 270 -13.12 31.98 -20.10
N PHE A 271 -12.99 31.76 -21.41
CA PHE A 271 -12.36 32.73 -22.30
C PHE A 271 -13.22 33.99 -22.45
N GLY A 272 -14.49 33.88 -22.08
CA GLY A 272 -15.37 35.04 -22.05
C GLY A 272 -14.97 36.00 -20.94
N LYS A 273 -14.26 35.48 -19.94
CA LYS A 273 -13.82 36.26 -18.78
C LYS A 273 -12.30 36.35 -18.73
N MET A 274 -11.69 36.47 -19.91
CA MET A 274 -10.22 36.47 -20.05
C MET A 274 -9.54 37.52 -19.17
N MET A 275 -10.23 38.63 -18.92
CA MET A 275 -9.63 39.77 -18.22
C MET A 275 -9.69 39.63 -16.70
N ARG A 276 -10.35 38.58 -16.22
CA ARG A 276 -10.67 38.47 -14.79
C ARG A 276 -9.58 37.84 -13.91
N PRO A 277 -8.91 36.79 -14.38
CA PRO A 277 -7.91 36.13 -13.52
C PRO A 277 -6.84 37.06 -12.93
N PRO A 278 -6.32 38.01 -13.71
CA PRO A 278 -5.34 38.95 -13.13
C PRO A 278 -5.91 39.77 -11.98
N GLN A 279 -7.17 40.18 -12.12
CA GLN A 279 -7.86 40.90 -11.06
C GLN A 279 -7.91 40.05 -9.81
N TYR A 280 -8.25 38.77 -9.99
CA TYR A 280 -8.36 37.84 -8.89
C TYR A 280 -6.99 37.54 -8.29
N HIS A 281 -5.97 37.54 -9.14
CA HIS A 281 -4.61 37.24 -8.69
C HIS A 281 -4.17 38.24 -7.62
N ILE A 282 -4.58 39.50 -7.78
CA ILE A 282 -4.29 40.53 -6.80
C ILE A 282 -5.26 40.42 -5.61
N ALA A 283 -6.54 40.24 -5.92
CA ALA A 283 -7.57 40.25 -4.90
C ALA A 283 -7.37 39.16 -3.85
N PHE A 284 -6.97 37.97 -4.28
CA PHE A 284 -6.79 36.86 -3.35
C PHE A 284 -5.57 37.08 -2.46
N GLN A 285 -4.61 37.86 -2.93
CA GLN A 285 -3.48 38.27 -2.11
C GLN A 285 -3.93 39.35 -1.13
N ALA A 286 -4.80 40.23 -1.62
CA ALA A 286 -5.34 41.31 -0.80
C ALA A 286 -6.16 40.73 0.36
N LEU A 287 -6.84 39.61 0.09
CA LEU A 287 -7.57 38.90 1.14
C LEU A 287 -6.61 38.47 2.23
N SER A 288 -5.39 38.11 1.82
CA SER A 288 -4.37 37.66 2.76
C SER A 288 -3.74 38.85 3.47
N ALA A 289 -3.52 39.94 2.74
CA ALA A 289 -2.98 41.16 3.32
C ALA A 289 -3.98 41.79 4.28
N PHE A 290 -5.26 41.74 3.90
CA PHE A 290 -6.33 42.25 4.73
C PHE A 290 -6.43 41.45 6.02
N ALA A 291 -6.37 40.13 5.89
CA ALA A 291 -6.52 39.23 7.03
C ALA A 291 -5.41 39.45 8.05
N ASP A 292 -4.20 39.72 7.55
CA ASP A 292 -3.07 39.99 8.43
C ASP A 292 -3.28 41.33 9.15
N ALA A 293 -4.04 42.22 8.52
CA ALA A 293 -4.28 43.55 9.07
C ALA A 293 -5.55 43.60 9.93
N HIS A 294 -6.18 42.45 10.15
CA HIS A 294 -7.40 42.38 10.94
C HIS A 294 -7.43 41.11 11.78
N GLU A 295 -6.24 40.61 12.13
CA GLU A 295 -6.11 39.47 13.04
C GLU A 295 -6.81 38.24 12.49
N GLY A 296 -6.60 37.98 11.19
CA GLY A 296 -7.11 36.78 10.56
C GLY A 296 -8.50 36.93 9.95
N SER A 297 -9.21 37.98 10.36
CA SER A 297 -10.58 38.19 9.89
C SER A 297 -10.64 38.70 8.46
N LEU A 298 -11.55 38.12 7.68
CA LEU A 298 -11.82 38.58 6.31
C LEU A 298 -12.83 39.73 6.36
N PRO A 299 -12.93 40.49 5.26
CA PRO A 299 -13.94 41.56 5.19
C PRO A 299 -15.34 41.05 5.46
N ARG A 300 -16.13 41.82 6.21
CA ARG A 300 -17.48 41.40 6.57
C ARG A 300 -18.39 41.45 5.34
N PRO A 301 -19.51 40.69 5.37
CA PRO A 301 -20.42 40.62 4.23
C PRO A 301 -20.99 41.97 3.80
N ARG A 302 -20.75 42.33 2.54
CA ARG A 302 -21.29 43.56 1.95
C ARG A 302 -20.90 44.80 2.76
N ASN A 303 -19.77 44.72 3.45
CA ASN A 303 -19.29 45.84 4.24
C ASN A 303 -18.52 46.83 3.37
N ASP A 304 -19.09 48.02 3.19
CA ASP A 304 -18.50 49.03 2.31
C ASP A 304 -17.16 49.53 2.83
N ILE A 305 -17.01 49.60 4.15
CA ILE A 305 -15.77 50.08 4.75
C ILE A 305 -14.63 49.11 4.46
N ASP A 306 -14.85 47.85 4.79
CA ASP A 306 -13.85 46.82 4.56
C ASP A 306 -13.56 46.66 3.06
N ALA A 307 -14.57 46.94 2.25
CA ALA A 307 -14.43 46.83 0.80
C ALA A 307 -13.46 47.87 0.26
N ALA A 308 -13.58 49.10 0.76
CA ALA A 308 -12.69 50.17 0.35
C ALA A 308 -11.28 49.92 0.90
N GLU A 309 -11.20 49.43 2.12
CA GLU A 309 -9.92 49.09 2.73
C GLU A 309 -9.28 47.92 1.97
N PHE A 310 -10.11 46.96 1.57
CA PHE A 310 -9.66 45.83 0.77
C PHE A 310 -9.17 46.32 -0.59
N PHE A 311 -9.89 47.29 -1.14
CA PHE A 311 -9.57 47.85 -2.45
C PHE A 311 -8.21 48.53 -2.46
N GLU A 312 -7.80 49.08 -1.33
CA GLU A 312 -6.52 49.76 -1.21
C GLU A 312 -5.36 48.76 -1.15
N PHE A 313 -5.59 47.64 -0.47
CA PHE A 313 -4.59 46.58 -0.41
C PHE A 313 -4.25 46.08 -1.81
N CYS A 314 -5.27 45.98 -2.66
CA CYS A 314 -5.07 45.55 -4.04
C CYS A 314 -4.12 46.48 -4.77
N LYS A 315 -4.25 47.77 -4.52
CA LYS A 315 -3.38 48.77 -5.14
C LYS A 315 -1.94 48.63 -4.67
N LYS A 316 -1.75 48.38 -3.38
CA LYS A 316 -0.41 48.19 -2.82
C LYS A 316 0.25 46.94 -3.39
N ILE A 317 -0.47 45.83 -3.38
CA ILE A 317 0.06 44.56 -3.88
C ILE A 317 0.33 44.66 -5.38
N ALA A 318 -0.56 45.32 -6.10
CA ALA A 318 -0.40 45.49 -7.55
C ALA A 318 0.85 46.31 -7.86
N SER A 319 1.17 47.26 -6.99
CA SER A 319 2.34 48.11 -7.18
C SER A 319 3.63 47.40 -6.78
N THR A 320 3.61 46.73 -5.63
CA THR A 320 4.78 46.04 -5.11
C THR A 320 5.25 44.95 -6.07
N LEU A 321 4.30 44.18 -6.59
CA LEU A 321 4.61 43.11 -7.54
C LEU A 321 4.86 43.66 -8.94
N GLN A 322 4.79 44.98 -9.08
CA GLN A 322 4.96 45.65 -10.37
C GLN A 322 3.93 45.10 -11.37
N PHE A 323 2.75 44.79 -10.86
CA PHE A 323 1.66 44.27 -11.68
C PHE A 323 0.91 45.42 -12.34
N ASP A 324 1.14 45.59 -13.64
CA ASP A 324 0.53 46.69 -14.39
C ASP A 324 -0.84 46.28 -14.95
N VAL A 325 -1.84 46.28 -14.09
CA VAL A 325 -3.21 45.99 -14.51
C VAL A 325 -4.19 47.00 -13.91
N GLU A 326 -5.15 47.45 -14.72
CA GLU A 326 -6.15 48.40 -14.25
C GLU A 326 -7.22 47.70 -13.42
N LEU A 327 -7.27 48.01 -12.14
CA LEU A 327 -8.15 47.32 -11.20
C LEU A 327 -9.63 47.65 -11.41
N ASP A 328 -10.43 46.61 -11.59
CA ASP A 328 -11.88 46.74 -11.69
C ASP A 328 -12.48 46.86 -10.28
N GLU A 329 -12.84 48.08 -9.90
CA GLU A 329 -13.29 48.36 -8.54
C GLU A 329 -14.58 47.63 -8.21
N LYS A 330 -15.52 47.61 -9.15
CA LYS A 330 -16.79 46.92 -8.95
C LYS A 330 -16.54 45.43 -8.69
N LEU A 331 -15.66 44.85 -9.49
CA LEU A 331 -15.37 43.42 -9.42
C LEU A 331 -14.55 43.08 -8.18
N ILE A 332 -13.57 43.93 -7.86
CA ILE A 332 -12.70 43.69 -6.72
C ILE A 332 -13.48 43.74 -5.41
N LYS A 333 -14.38 44.72 -5.30
CA LYS A 333 -15.15 44.90 -4.08
C LYS A 333 -16.17 43.78 -3.91
N GLU A 334 -16.56 43.14 -5.01
CA GLU A 334 -17.48 42.02 -4.96
C GLU A 334 -16.83 40.85 -4.22
N ILE A 335 -15.51 40.74 -4.32
CA ILE A 335 -14.77 39.69 -3.62
C ILE A 335 -14.77 40.00 -2.12
N SER A 336 -14.64 41.27 -1.78
CA SER A 336 -14.68 41.69 -0.38
C SER A 336 -16.07 41.42 0.19
N TYR A 337 -17.10 41.80 -0.57
CA TYR A 337 -18.49 41.60 -0.15
C TYR A 337 -18.79 40.14 0.10
N GLN A 338 -18.15 39.26 -0.69
CA GLN A 338 -18.39 37.83 -0.62
C GLN A 338 -17.22 37.08 0.00
N ALA A 339 -16.32 37.81 0.67
CA ALA A 339 -15.10 37.23 1.20
C ALA A 339 -15.37 36.08 2.19
N ARG A 340 -16.36 36.28 3.06
CA ARG A 340 -16.70 35.27 4.07
C ARG A 340 -17.66 34.22 3.53
N GLY A 341 -17.90 34.23 2.23
CA GLY A 341 -18.80 33.28 1.61
C GLY A 341 -18.21 31.89 1.54
N ASP A 342 -18.99 30.90 1.94
CA ASP A 342 -18.57 29.50 1.89
C ASP A 342 -19.68 28.64 1.30
N LEU A 343 -19.69 28.54 -0.03
CA LEU A 343 -20.73 27.81 -0.75
C LEU A 343 -20.32 26.36 -1.00
N VAL A 344 -21.24 25.43 -0.74
CA VAL A 344 -20.96 24.01 -0.90
C VAL A 344 -20.71 23.67 -2.37
N ALA A 345 -21.44 24.33 -3.25
CA ALA A 345 -21.30 24.12 -4.69
C ALA A 345 -19.87 24.44 -5.12
N MET A 346 -19.33 25.53 -4.59
CA MET A 346 -17.98 25.97 -4.91
C MET A 346 -16.94 24.98 -4.41
N SER A 347 -17.17 24.44 -3.22
CA SER A 347 -16.25 23.46 -2.63
C SER A 347 -16.29 22.15 -3.39
N ALA A 348 -17.49 21.76 -3.81
CA ALA A 348 -17.68 20.52 -4.57
C ALA A 348 -17.01 20.64 -5.93
N PHE A 349 -17.01 21.85 -6.48
CA PHE A 349 -16.42 22.10 -7.78
C PHE A 349 -14.89 22.13 -7.71
N LEU A 350 -14.36 22.95 -6.81
CA LEU A 350 -12.93 23.07 -6.63
C LEU A 350 -12.32 21.81 -6.01
N GLY A 351 -13.02 21.25 -5.03
CA GLY A 351 -12.55 20.06 -4.35
C GLY A 351 -12.34 18.89 -5.28
N GLY A 352 -13.28 18.70 -6.20
CA GLY A 352 -13.16 17.66 -7.21
C GLY A 352 -11.94 17.90 -8.09
N ALA A 353 -11.83 19.14 -8.60
CA ALA A 353 -10.72 19.50 -9.47
C ALA A 353 -9.38 19.32 -8.77
N VAL A 354 -9.28 19.83 -7.54
CA VAL A 354 -8.05 19.74 -6.77
C VAL A 354 -7.69 18.28 -6.48
N ALA A 355 -8.71 17.47 -6.16
CA ALA A 355 -8.48 16.07 -5.83
C ALA A 355 -7.86 15.33 -7.03
N GLN A 356 -8.31 15.69 -8.23
CA GLN A 356 -7.75 15.10 -9.44
C GLN A 356 -6.27 15.46 -9.54
N GLU A 357 -5.94 16.72 -9.25
CA GLU A 357 -4.58 17.21 -9.34
C GLU A 357 -3.64 16.49 -8.40
N VAL A 358 -4.13 16.12 -7.21
CA VAL A 358 -3.34 15.35 -6.27
C VAL A 358 -2.94 14.02 -6.90
N LEU A 359 -3.90 13.36 -7.54
CA LEU A 359 -3.65 12.09 -8.21
C LEU A 359 -2.63 12.24 -9.35
N LYS A 360 -2.64 13.38 -10.01
CA LYS A 360 -1.69 13.64 -11.09
C LYS A 360 -0.27 13.69 -10.54
N ALA A 361 -0.10 14.43 -9.44
CA ALA A 361 1.21 14.61 -8.82
C ALA A 361 1.78 13.29 -8.32
N THR A 362 0.91 12.33 -8.07
CA THR A 362 1.31 11.06 -7.45
C THR A 362 1.43 9.92 -8.45
N THR A 363 0.93 10.13 -9.67
CA THR A 363 0.91 9.08 -10.69
C THR A 363 1.65 9.47 -11.95
N SER A 364 2.00 10.75 -12.06
CA SER A 364 2.63 11.30 -13.25
C SER A 364 1.73 11.11 -14.48
N LYS A 365 0.45 10.89 -14.24
CA LYS A 365 -0.54 10.71 -15.30
C LYS A 365 -1.48 11.91 -15.36
N PHE A 366 -1.81 12.31 -16.58
CA PHE A 366 -2.64 13.49 -16.88
C PHE A 366 -1.87 14.80 -16.67
N TYR A 367 -2.23 15.81 -17.45
CA TYR A 367 -1.54 17.10 -17.44
C TYR A 367 -2.03 18.00 -16.31
N PRO A 368 -1.13 18.45 -15.42
CA PRO A 368 -1.60 19.28 -14.31
C PRO A 368 -1.97 20.70 -14.69
N LEU A 369 -2.65 21.40 -13.79
CA LEU A 369 -2.91 22.82 -13.96
C LEU A 369 -1.60 23.58 -13.86
N LYS A 370 -1.32 24.41 -14.84
CA LYS A 370 -0.04 25.09 -14.94
C LYS A 370 -0.26 26.58 -15.22
N GLN A 371 -0.40 27.42 -14.19
CA GLN A 371 -0.33 27.02 -12.78
C GLN A 371 -1.46 27.65 -11.96
N TYR A 372 -1.91 28.84 -12.36
CA TYR A 372 -2.96 29.55 -11.66
C TYR A 372 -4.33 29.34 -12.30
N PHE A 373 -5.27 28.84 -11.51
CA PHE A 373 -6.64 28.60 -11.95
C PHE A 373 -7.60 29.49 -11.18
N TYR A 374 -7.98 30.62 -11.77
CA TYR A 374 -8.89 31.56 -11.12
C TYR A 374 -10.29 31.46 -11.73
N PHE A 375 -11.27 31.19 -10.87
CA PHE A 375 -12.61 30.85 -11.30
C PHE A 375 -13.66 31.64 -10.52
N ASP A 376 -14.75 32.02 -11.21
CA ASP A 376 -15.87 32.69 -10.57
C ASP A 376 -17.19 32.23 -11.18
N SER A 377 -18.23 32.21 -10.34
CA SER A 377 -19.59 31.93 -10.79
C SER A 377 -20.50 33.10 -10.43
N LEU A 378 -20.04 34.30 -10.76
CA LEU A 378 -20.68 35.53 -10.29
C LEU A 378 -22.10 35.72 -10.82
N GLU A 379 -22.41 35.08 -11.95
CA GLU A 379 -23.77 35.13 -12.48
C GLU A 379 -24.77 34.46 -11.55
N SER A 380 -24.26 33.69 -10.60
CA SER A 380 -25.10 32.96 -9.65
C SER A 380 -25.65 33.90 -8.57
N LEU A 381 -25.18 35.13 -8.55
CA LEU A 381 -25.60 36.10 -7.54
C LEU A 381 -27.05 36.52 -7.75
N PRO A 382 -27.90 36.42 -6.71
CA PRO A 382 -29.30 36.81 -6.86
C PRO A 382 -29.50 38.30 -7.17
N SER A 383 -30.62 38.63 -7.79
CA SER A 383 -30.96 40.02 -8.09
C SER A 383 -32.43 40.33 -7.76
N SER A 384 -33.21 39.29 -7.49
CA SER A 384 -34.62 39.44 -7.18
C SER A 384 -34.84 39.73 -5.69
N VAL A 385 -33.75 39.81 -4.94
CA VAL A 385 -33.81 40.07 -3.51
C VAL A 385 -32.75 41.08 -3.09
N THR A 386 -32.92 41.64 -1.90
CA THR A 386 -31.97 42.62 -1.38
C THR A 386 -30.66 41.95 -1.02
N ILE A 387 -29.57 42.50 -1.51
CA ILE A 387 -28.22 42.08 -1.12
C ILE A 387 -27.51 43.27 -0.48
N SER A 388 -27.30 43.19 0.82
CA SER A 388 -26.78 44.31 1.59
C SER A 388 -26.08 43.83 2.85
N GLU A 389 -25.54 44.77 3.61
CA GLU A 389 -24.81 44.46 4.82
C GLU A 389 -25.72 43.90 5.91
N GLU A 390 -26.99 44.27 5.86
CA GLU A 390 -27.96 43.86 6.89
C GLU A 390 -28.46 42.44 6.66
N THR A 391 -28.81 42.11 5.43
CA THR A 391 -29.39 40.81 5.11
C THR A 391 -28.34 39.70 5.13
N CYS A 392 -27.11 40.04 4.75
CA CYS A 392 -26.02 39.07 4.76
C CYS A 392 -25.35 38.97 6.13
N LYS A 393 -25.93 39.64 7.12
CA LYS A 393 -25.39 39.62 8.46
C LYS A 393 -25.46 38.19 9.02
N PRO A 394 -24.37 37.70 9.62
CA PRO A 394 -24.38 36.35 10.20
C PRO A 394 -25.45 36.13 11.27
N ARG A 395 -25.83 34.87 11.47
CA ARG A 395 -26.85 34.53 12.45
C ARG A 395 -26.31 33.31 13.20
N GLY A 396 -27.03 32.82 14.21
CA GLY A 396 -26.59 31.65 14.95
C GLY A 396 -26.80 30.33 14.23
N CYS A 397 -27.24 30.38 12.97
CA CYS A 397 -27.51 29.16 12.22
C CYS A 397 -26.34 28.69 11.35
N ARG A 398 -26.50 27.50 10.79
CA ARG A 398 -25.45 26.84 10.01
C ARG A 398 -25.27 27.40 8.60
N TYR A 399 -26.27 28.12 8.11
CA TYR A 399 -26.25 28.59 6.72
C TYR A 399 -25.60 29.96 6.57
N ASP A 400 -24.78 30.37 7.54
CA ASP A 400 -24.12 31.67 7.51
C ASP A 400 -23.25 31.86 6.27
N GLY A 401 -22.47 30.83 5.94
CA GLY A 401 -21.55 30.90 4.82
C GLY A 401 -22.28 31.11 3.49
N GLN A 402 -23.53 30.69 3.45
CA GLN A 402 -24.36 30.87 2.26
C GLN A 402 -25.09 32.21 2.34
N ILE A 403 -25.62 32.52 3.51
CA ILE A 403 -26.32 33.78 3.74
C ILE A 403 -25.39 34.97 3.49
N ALA A 404 -24.09 34.75 3.68
CA ALA A 404 -23.10 35.80 3.53
C ALA A 404 -23.00 36.31 2.09
N VAL A 405 -23.64 35.60 1.16
CA VAL A 405 -23.61 35.96 -0.25
C VAL A 405 -25.01 36.21 -0.82
N PHE A 406 -25.94 35.35 -0.45
CA PHE A 406 -27.28 35.37 -1.05
C PHE A 406 -28.31 36.12 -0.21
N GLY A 407 -28.03 36.27 1.08
CA GLY A 407 -28.92 36.99 1.98
C GLY A 407 -29.86 36.07 2.73
N SER A 408 -30.60 36.63 3.67
CA SER A 408 -31.46 35.85 4.55
C SER A 408 -32.81 35.55 3.90
N GLU A 409 -33.26 36.43 3.01
CA GLU A 409 -34.56 36.26 2.37
C GLU A 409 -34.43 35.30 1.19
N PHE A 410 -33.22 35.16 0.67
CA PHE A 410 -32.96 34.18 -0.38
C PHE A 410 -32.93 32.78 0.22
N GLN A 411 -32.42 32.68 1.45
CA GLN A 411 -32.41 31.42 2.18
C GLN A 411 -33.81 30.85 2.31
N GLU A 412 -34.79 31.74 2.46
CA GLU A 412 -36.19 31.34 2.58
C GLU A 412 -36.69 30.71 1.30
N LYS A 413 -36.24 31.25 0.16
CA LYS A 413 -36.61 30.71 -1.15
C LYS A 413 -36.05 29.30 -1.34
N ILE A 414 -34.79 29.10 -0.97
CA ILE A 414 -34.16 27.80 -1.07
C ILE A 414 -34.85 26.80 -0.16
N ALA A 415 -35.23 27.26 1.03
CA ALA A 415 -35.85 26.39 2.04
C ALA A 415 -37.20 25.86 1.57
N SER A 416 -37.90 26.65 0.74
CA SER A 416 -39.26 26.32 0.34
C SER A 416 -39.31 25.60 -1.01
N LEU A 417 -38.15 25.14 -1.49
CA LEU A 417 -38.08 24.45 -2.78
C LEU A 417 -38.65 23.03 -2.70
N SER A 418 -39.36 22.65 -3.76
CA SER A 418 -39.87 21.28 -3.90
C SER A 418 -39.20 20.64 -5.11
N THR A 419 -38.26 19.74 -4.85
CA THR A 419 -37.42 19.17 -5.92
C THR A 419 -37.72 17.72 -6.21
N PHE A 420 -37.40 17.30 -7.43
CA PHE A 420 -37.49 15.91 -7.85
C PHE A 420 -36.13 15.44 -8.37
N LEU A 421 -35.49 14.55 -7.62
CA LEU A 421 -34.19 14.03 -8.01
C LEU A 421 -34.31 12.65 -8.66
N VAL A 422 -34.02 12.58 -9.96
CA VAL A 422 -34.08 11.33 -10.69
C VAL A 422 -32.72 10.65 -10.74
N GLY A 423 -32.50 9.72 -9.83
CA GLY A 423 -31.24 8.99 -9.73
C GLY A 423 -30.55 9.21 -8.40
N ALA A 424 -30.18 8.12 -7.75
CA ALA A 424 -29.45 8.15 -6.48
C ALA A 424 -28.08 7.50 -6.63
N GLY A 425 -27.49 7.63 -7.82
CA GLY A 425 -26.18 7.08 -8.08
C GLY A 425 -25.09 8.04 -7.63
N ALA A 426 -23.99 8.08 -8.38
CA ALA A 426 -22.88 8.97 -8.05
C ALA A 426 -23.34 10.43 -8.02
N ILE A 427 -23.92 10.91 -9.11
CA ILE A 427 -24.37 12.29 -9.19
C ILE A 427 -25.49 12.54 -8.19
N GLY A 428 -26.33 11.55 -7.99
CA GLY A 428 -27.43 11.66 -7.04
C GLY A 428 -26.92 11.92 -5.63
N CYS A 429 -25.90 11.17 -5.22
CA CYS A 429 -25.34 11.30 -3.88
C CYS A 429 -24.73 12.69 -3.66
N GLU A 430 -23.94 13.15 -4.61
CA GLU A 430 -23.32 14.47 -4.52
C GLU A 430 -24.37 15.58 -4.52
N MET A 431 -25.45 15.36 -5.25
CA MET A 431 -26.51 16.37 -5.35
C MET A 431 -27.27 16.51 -4.03
N LEU A 432 -27.62 15.38 -3.44
CA LEU A 432 -28.36 15.36 -2.18
C LEU A 432 -27.52 15.97 -1.08
N LYS A 433 -26.21 15.73 -1.15
CA LYS A 433 -25.27 16.33 -0.21
C LYS A 433 -25.29 17.85 -0.32
N ASN A 434 -25.17 18.35 -1.55
CA ASN A 434 -25.22 19.78 -1.81
C ASN A 434 -26.52 20.41 -1.31
N TRP A 435 -27.63 19.75 -1.57
CA TRP A 435 -28.94 20.25 -1.15
C TRP A 435 -29.02 20.34 0.36
N ALA A 436 -28.49 19.32 1.04
CA ALA A 436 -28.47 19.30 2.49
C ALA A 436 -27.70 20.49 3.04
N MET A 437 -26.54 20.76 2.45
CA MET A 437 -25.69 21.87 2.89
C MET A 437 -26.35 23.22 2.61
N MET A 438 -26.92 23.37 1.41
CA MET A 438 -27.57 24.61 1.03
C MET A 438 -28.83 24.89 1.85
N GLY A 439 -29.41 23.83 2.42
CA GLY A 439 -30.64 23.95 3.18
C GLY A 439 -31.85 23.92 2.26
N VAL A 440 -31.75 23.16 1.18
CA VAL A 440 -32.87 22.97 0.25
C VAL A 440 -33.99 22.19 0.91
N ALA A 441 -35.22 22.64 0.68
CA ALA A 441 -36.42 21.91 1.12
C ALA A 441 -36.50 21.77 2.63
N THR A 442 -35.77 22.59 3.37
CA THR A 442 -35.80 22.57 4.83
C THR A 442 -37.01 23.33 5.36
N GLY A 443 -37.55 24.23 4.53
CA GLY A 443 -38.70 25.03 4.91
C GLY A 443 -39.98 24.22 4.98
N GLU A 444 -41.06 24.86 5.42
CA GLU A 444 -42.33 24.17 5.62
C GLU A 444 -42.93 23.69 4.29
N SER A 445 -42.86 24.54 3.28
CA SER A 445 -43.44 24.22 1.97
C SER A 445 -42.46 23.52 1.05
N GLY A 446 -41.28 23.20 1.57
CA GLY A 446 -40.23 22.57 0.79
C GLY A 446 -40.27 21.05 0.89
N HIS A 447 -39.73 20.38 -0.13
CA HIS A 447 -39.70 18.92 -0.15
C HIS A 447 -38.68 18.38 -1.15
N ILE A 448 -38.23 17.15 -0.94
CA ILE A 448 -37.33 16.47 -1.87
C ILE A 448 -37.88 15.07 -2.19
N SER A 449 -38.08 14.81 -3.48
CA SER A 449 -38.48 13.49 -3.95
C SER A 449 -37.34 12.88 -4.75
N VAL A 450 -36.83 11.74 -4.30
CA VAL A 450 -35.73 11.06 -4.97
C VAL A 450 -36.15 9.63 -5.34
N THR A 451 -35.85 9.21 -6.56
CA THR A 451 -36.23 7.89 -7.03
C THR A 451 -35.06 7.15 -7.70
N ASP A 452 -34.92 5.88 -7.37
CA ASP A 452 -33.90 5.02 -7.97
C ASP A 452 -34.17 3.56 -7.63
N MET A 453 -34.40 2.76 -8.66
CA MET A 453 -34.74 1.35 -8.47
C MET A 453 -33.52 0.44 -8.28
N ASP A 454 -32.32 0.99 -8.47
CA ASP A 454 -31.09 0.20 -8.31
C ASP A 454 -30.68 0.05 -6.86
N SER A 455 -29.94 -1.02 -6.58
CA SER A 455 -29.41 -1.29 -5.26
C SER A 455 -27.90 -1.13 -5.22
N ILE A 456 -27.36 -0.87 -4.03
CA ILE A 456 -25.94 -0.61 -3.84
C ILE A 456 -25.09 -1.85 -4.14
N GLU A 457 -24.01 -1.64 -4.88
CA GLU A 457 -23.05 -2.70 -5.20
C GLU A 457 -21.66 -2.30 -4.72
N LYS A 458 -20.76 -3.28 -4.63
CA LYS A 458 -19.41 -3.03 -4.16
C LYS A 458 -18.67 -2.04 -5.07
N SER A 459 -18.91 -2.15 -6.37
CA SER A 459 -18.29 -1.26 -7.35
C SER A 459 -18.70 0.20 -7.14
N ASN A 460 -19.90 0.39 -6.61
CA ASN A 460 -20.45 1.74 -6.45
C ASN A 460 -19.76 2.56 -5.38
N LEU A 461 -19.23 1.87 -4.37
CA LEU A 461 -18.70 2.54 -3.18
C LEU A 461 -17.51 3.44 -3.49
N ASN A 462 -16.95 3.30 -4.70
CA ASN A 462 -15.76 4.06 -5.09
C ASN A 462 -16.05 5.52 -5.44
N ARG A 463 -17.30 5.83 -5.78
CA ARG A 463 -17.65 7.19 -6.17
C ARG A 463 -19.04 7.60 -5.68
N GLN A 464 -19.63 6.77 -4.83
CA GLN A 464 -20.93 7.06 -4.23
C GLN A 464 -20.76 7.05 -2.71
N PHE A 465 -20.35 8.20 -2.18
CA PHE A 465 -19.79 8.26 -0.84
C PHE A 465 -20.84 8.24 0.27
N LEU A 466 -22.11 8.33 -0.08
CA LEU A 466 -23.18 8.21 0.92
C LEU A 466 -23.42 6.75 1.27
N PHE A 467 -22.83 5.84 0.48
CA PHE A 467 -22.96 4.40 0.70
C PHE A 467 -21.71 3.81 1.33
N ARG A 468 -21.90 2.72 2.07
CA ARG A 468 -20.81 2.03 2.75
C ARG A 468 -20.83 0.53 2.43
N PRO A 469 -19.73 -0.17 2.70
CA PRO A 469 -19.64 -1.61 2.42
C PRO A 469 -20.80 -2.44 2.98
N ARG A 470 -21.29 -2.11 4.17
CA ARG A 470 -22.36 -2.87 4.80
C ARG A 470 -23.72 -2.55 4.16
N ASP A 471 -23.79 -1.42 3.46
CA ASP A 471 -25.03 -1.00 2.82
C ASP A 471 -25.29 -1.72 1.50
N VAL A 472 -24.34 -2.56 1.08
CA VAL A 472 -24.50 -3.31 -0.16
C VAL A 472 -25.74 -4.20 -0.07
N GLY A 473 -26.57 -4.14 -1.10
CA GLY A 473 -27.80 -4.91 -1.15
C GLY A 473 -29.03 -4.05 -0.92
N LYS A 474 -28.86 -2.93 -0.23
CA LYS A 474 -29.96 -2.02 0.04
C LYS A 474 -30.24 -1.10 -1.14
N LEU A 475 -31.34 -0.35 -1.06
CA LEU A 475 -31.72 0.57 -2.12
C LEU A 475 -30.95 1.88 -2.02
N LYS A 476 -30.52 2.41 -3.17
CA LYS A 476 -29.75 3.64 -3.22
C LYS A 476 -30.57 4.82 -2.71
N SER A 477 -31.85 4.86 -3.08
CA SER A 477 -32.71 6.00 -2.76
C SER A 477 -32.93 6.14 -1.27
N GLU A 478 -33.10 5.02 -0.58
CA GLU A 478 -33.36 5.03 0.85
C GLU A 478 -32.10 5.37 1.64
N CYS A 479 -30.98 4.75 1.26
CA CYS A 479 -29.71 4.99 1.93
C CYS A 479 -29.21 6.41 1.72
N ALA A 480 -29.42 6.93 0.51
CA ALA A 480 -29.02 8.29 0.19
C ALA A 480 -29.80 9.28 1.04
N SER A 481 -31.06 8.96 1.32
CA SER A 481 -31.93 9.82 2.11
C SER A 481 -31.54 9.80 3.59
N THR A 482 -31.33 8.61 4.12
CA THR A 482 -30.94 8.45 5.52
C THR A 482 -29.61 9.13 5.79
N ALA A 483 -28.73 9.11 4.78
CA ALA A 483 -27.39 9.66 4.92
C ALA A 483 -27.42 11.19 5.06
N VAL A 484 -28.21 11.84 4.24
CA VAL A 484 -28.28 13.30 4.25
C VAL A 484 -29.11 13.81 5.43
N SER A 485 -29.93 12.94 6.01
CA SER A 485 -30.67 13.29 7.20
C SER A 485 -29.69 13.52 8.35
N ILE A 486 -28.59 12.78 8.32
CA ILE A 486 -27.53 12.93 9.32
C ILE A 486 -26.72 14.20 9.05
N MET A 487 -26.53 14.53 7.76
CA MET A 487 -25.79 15.73 7.40
C MET A 487 -26.59 16.98 7.74
N ASN A 488 -27.90 16.89 7.62
CA ASN A 488 -28.79 18.00 7.95
C ASN A 488 -30.12 17.48 8.50
N PRO A 489 -30.24 17.39 9.84
CA PRO A 489 -31.47 16.89 10.46
C PRO A 489 -32.71 17.68 10.08
N SER A 490 -32.52 18.89 9.54
CA SER A 490 -33.64 19.70 9.08
C SER A 490 -34.41 19.00 7.98
N LEU A 491 -33.76 18.04 7.32
CA LEU A 491 -34.38 17.29 6.24
C LEU A 491 -35.15 16.07 6.75
N THR A 492 -35.13 15.86 8.06
CA THR A 492 -35.85 14.74 8.67
C THR A 492 -37.35 14.87 8.40
N GLY A 493 -37.89 13.93 7.64
CA GLY A 493 -39.30 13.94 7.29
C GLY A 493 -39.60 14.86 6.13
N LYS A 494 -38.55 15.36 5.48
CA LYS A 494 -38.70 16.27 4.35
C LYS A 494 -38.30 15.61 3.03
N ILE A 495 -37.92 14.34 3.09
CA ILE A 495 -37.50 13.61 1.89
C ILE A 495 -38.28 12.31 1.72
N THR A 496 -38.89 12.15 0.55
CA THR A 496 -39.58 10.93 0.18
C THR A 496 -38.77 10.16 -0.86
N SER A 497 -38.46 8.91 -0.56
CA SER A 497 -37.68 8.07 -1.46
C SER A 497 -38.56 7.08 -2.20
N TYR A 498 -38.38 7.00 -3.50
CA TYR A 498 -39.07 6.01 -4.34
C TYR A 498 -38.05 5.02 -4.89
N GLN A 499 -38.52 3.83 -5.24
CA GLN A 499 -37.68 2.83 -5.90
C GLN A 499 -38.27 2.50 -7.26
N GLU A 500 -38.68 3.55 -7.98
CA GLU A 500 -39.34 3.40 -9.27
C GLU A 500 -38.44 3.82 -10.41
N ARG A 501 -38.45 3.05 -11.49
CA ARG A 501 -37.81 3.46 -12.72
C ARG A 501 -38.64 4.58 -13.34
N VAL A 502 -38.01 5.73 -13.57
CA VAL A 502 -38.72 6.84 -14.19
C VAL A 502 -39.02 6.52 -15.65
N GLY A 503 -40.29 6.60 -16.01
CA GLY A 503 -40.72 6.27 -17.35
C GLY A 503 -42.24 6.19 -17.45
N PRO A 504 -42.74 5.79 -18.62
CA PRO A 504 -44.18 5.67 -18.90
C PRO A 504 -44.90 4.77 -17.89
N GLU A 505 -44.22 3.73 -17.42
CA GLU A 505 -44.83 2.77 -16.50
C GLU A 505 -45.18 3.42 -15.16
N SER A 506 -44.42 4.44 -14.78
CA SER A 506 -44.54 5.03 -13.45
C SER A 506 -45.27 6.37 -13.46
N GLU A 507 -46.03 6.65 -14.52
CA GLU A 507 -46.78 7.91 -14.60
C GLU A 507 -47.92 7.94 -13.59
N GLY A 508 -48.26 6.79 -13.04
CA GLY A 508 -49.30 6.72 -12.02
C GLY A 508 -48.82 7.31 -10.71
N ILE A 509 -47.52 7.18 -10.45
CA ILE A 509 -46.91 7.67 -9.22
C ILE A 509 -46.36 9.08 -9.41
N PHE A 510 -45.70 9.30 -10.54
CA PHE A 510 -45.16 10.61 -10.90
C PHE A 510 -46.09 11.30 -11.89
N GLY A 511 -47.35 11.46 -11.49
CA GLY A 511 -48.38 11.98 -12.37
C GLY A 511 -48.61 13.47 -12.25
N ASP A 512 -49.83 13.89 -12.62
CA ASP A 512 -50.18 15.30 -12.68
C ASP A 512 -50.04 16.00 -11.34
N GLU A 513 -50.54 15.37 -10.28
CA GLU A 513 -50.51 15.98 -8.96
C GLU A 513 -49.09 16.05 -8.43
N PHE A 514 -48.29 15.05 -8.76
CA PHE A 514 -46.90 14.99 -8.31
C PHE A 514 -46.08 16.12 -8.87
N PHE A 515 -46.20 16.34 -10.18
CA PHE A 515 -45.37 17.32 -10.87
C PHE A 515 -45.76 18.76 -10.57
N GLU A 516 -47.05 19.02 -10.44
CA GLU A 516 -47.55 20.39 -10.32
C GLU A 516 -46.99 21.13 -9.11
N LYS A 517 -46.65 20.40 -8.05
CA LYS A 517 -46.16 21.02 -6.82
C LYS A 517 -44.64 21.12 -6.79
N LEU A 518 -43.99 20.73 -7.88
CA LEU A 518 -42.52 20.79 -7.96
C LEU A 518 -42.02 22.16 -8.40
N SER A 519 -40.93 22.59 -7.81
CA SER A 519 -40.27 23.83 -8.20
C SER A 519 -39.34 23.56 -9.39
N LEU A 520 -38.71 22.39 -9.37
CA LEU A 520 -37.78 21.99 -10.43
C LEU A 520 -37.44 20.51 -10.35
N VAL A 521 -36.91 19.98 -11.45
CA VAL A 521 -36.46 18.59 -11.50
C VAL A 521 -34.95 18.54 -11.72
N THR A 522 -34.29 17.54 -11.15
CA THR A 522 -32.85 17.35 -11.30
C THR A 522 -32.51 15.92 -11.69
N ASN A 523 -31.82 15.76 -12.81
CA ASN A 523 -31.41 14.44 -13.28
C ASN A 523 -30.10 13.96 -12.67
N ALA A 524 -30.04 12.66 -12.39
CA ALA A 524 -28.81 12.00 -11.97
C ALA A 524 -28.77 10.63 -12.62
N LEU A 525 -28.98 10.62 -13.93
CA LEU A 525 -29.23 9.39 -14.68
C LEU A 525 -27.98 8.82 -15.35
N ASP A 526 -28.07 7.55 -15.76
CA ASP A 526 -26.94 6.84 -16.36
C ASP A 526 -27.23 6.39 -17.79
N ASN A 527 -28.37 6.83 -18.34
CA ASN A 527 -28.70 6.53 -19.73
C ASN A 527 -29.43 7.71 -20.38
N VAL A 528 -29.44 7.74 -21.70
CA VAL A 528 -30.02 8.86 -22.43
C VAL A 528 -31.54 8.76 -22.51
N GLU A 529 -32.06 7.54 -22.62
CA GLU A 529 -33.49 7.33 -22.78
C GLU A 529 -34.29 7.92 -21.63
N ALA A 530 -33.79 7.74 -20.41
CA ALA A 530 -34.46 8.29 -19.23
C ALA A 530 -34.39 9.81 -19.23
N ARG A 531 -33.23 10.35 -19.57
CA ARG A 531 -33.04 11.79 -19.62
C ARG A 531 -34.05 12.44 -20.58
N MET A 532 -34.17 11.87 -21.77
CA MET A 532 -35.12 12.37 -22.76
C MET A 532 -36.54 12.38 -22.22
N TYR A 533 -36.92 11.28 -21.57
CA TYR A 533 -38.27 11.13 -21.02
C TYR A 533 -38.59 12.20 -19.99
N VAL A 534 -37.69 12.37 -19.01
CA VAL A 534 -37.88 13.38 -17.98
C VAL A 534 -37.96 14.76 -18.60
N ASP A 535 -37.15 15.00 -19.62
CA ASP A 535 -37.13 16.29 -20.30
C ASP A 535 -38.51 16.63 -20.86
N ARG A 536 -39.12 15.65 -21.52
CA ARG A 536 -40.42 15.86 -22.14
C ARG A 536 -41.51 16.07 -21.10
N ARG A 537 -41.43 15.35 -19.99
CA ARG A 537 -42.38 15.55 -18.91
C ARG A 537 -42.25 16.96 -18.34
N CYS A 538 -41.01 17.44 -18.21
CA CYS A 538 -40.76 18.77 -17.70
C CYS A 538 -41.22 19.84 -18.67
N VAL A 539 -41.21 19.52 -19.96
CA VAL A 539 -41.72 20.44 -20.97
C VAL A 539 -43.23 20.56 -20.83
N PHE A 540 -43.88 19.46 -20.48
CA PHE A 540 -45.32 19.45 -20.35
C PHE A 540 -45.77 20.26 -19.14
N PHE A 541 -45.20 19.95 -17.99
CA PHE A 541 -45.56 20.64 -16.75
C PHE A 541 -44.86 21.99 -16.61
N GLU A 542 -44.13 22.39 -17.66
CA GLU A 542 -43.45 23.69 -17.68
C GLU A 542 -42.55 23.87 -16.46
N LYS A 543 -41.85 22.80 -16.09
CA LYS A 543 -40.94 22.86 -14.94
C LYS A 543 -39.47 22.92 -15.41
N PRO A 544 -38.62 23.61 -14.65
CA PRO A 544 -37.19 23.65 -15.00
C PRO A 544 -36.51 22.30 -14.79
N LEU A 545 -35.49 22.01 -15.59
CA LEU A 545 -34.74 20.77 -15.47
C LEU A 545 -33.23 21.03 -15.40
N LEU A 546 -32.61 20.55 -14.32
CA LEU A 546 -31.17 20.56 -14.17
C LEU A 546 -30.59 19.20 -14.57
N GLU A 547 -29.79 19.19 -15.63
CA GLU A 547 -29.22 17.96 -16.20
C GLU A 547 -27.71 17.90 -16.04
N SER A 548 -27.19 16.72 -15.75
CA SER A 548 -25.75 16.51 -15.64
C SER A 548 -25.35 15.09 -16.04
N GLY A 549 -24.10 14.94 -16.48
CA GLY A 549 -23.57 13.65 -16.88
C GLY A 549 -22.06 13.61 -16.77
N THR A 550 -21.49 12.40 -16.67
CA THR A 550 -20.04 12.22 -16.53
C THR A 550 -19.53 11.03 -17.32
N LEU A 551 -18.21 10.99 -17.52
CA LEU A 551 -17.52 9.89 -18.16
C LEU A 551 -16.04 9.98 -17.86
N GLY A 552 -15.57 9.14 -16.94
CA GLY A 552 -14.21 9.25 -16.45
C GLY A 552 -13.97 10.62 -15.86
N THR A 553 -13.00 11.34 -16.41
CA THR A 553 -12.65 12.66 -15.94
C THR A 553 -13.44 13.77 -16.65
N LYS A 554 -14.36 13.38 -17.52
CA LYS A 554 -15.20 14.33 -18.25
C LYS A 554 -16.57 14.50 -17.61
N GLY A 555 -17.16 15.68 -17.77
CA GLY A 555 -18.48 15.98 -17.22
C GLY A 555 -19.14 17.16 -17.90
N ASN A 556 -20.46 17.25 -17.77
CA ASN A 556 -21.19 18.37 -18.35
C ASN A 556 -22.47 18.70 -17.58
N THR A 557 -22.92 19.94 -17.70
CA THR A 557 -24.15 20.39 -17.06
C THR A 557 -25.01 21.22 -18.02
N GLN A 558 -26.31 20.93 -18.06
CA GLN A 558 -27.25 21.70 -18.86
C GLN A 558 -28.46 22.11 -18.03
N VAL A 559 -28.93 23.34 -18.24
CA VAL A 559 -30.13 23.84 -17.55
C VAL A 559 -31.22 24.15 -18.57
N VAL A 560 -32.44 23.71 -18.25
CA VAL A 560 -33.61 23.93 -19.10
C VAL A 560 -34.59 24.86 -18.40
N VAL A 561 -34.76 26.05 -18.96
CA VAL A 561 -35.62 27.08 -18.37
C VAL A 561 -36.89 27.28 -19.20
N PRO A 562 -38.07 27.04 -18.59
CA PRO A 562 -39.36 27.22 -19.27
C PRO A 562 -39.51 28.57 -19.97
N HIS A 563 -40.03 28.53 -21.20
CA HIS A 563 -40.32 29.73 -21.99
C HIS A 563 -39.08 30.60 -22.17
N LEU A 564 -37.90 29.98 -22.16
CA LEU A 564 -36.65 30.70 -22.32
C LEU A 564 -35.66 29.89 -23.15
N THR A 565 -35.25 28.74 -22.64
CA THR A 565 -34.22 27.92 -23.27
C THR A 565 -34.81 26.73 -24.03
N GLU A 566 -34.00 26.14 -24.90
CA GLU A 566 -34.36 24.87 -25.54
C GLU A 566 -34.28 23.75 -24.50
N SER A 567 -34.87 22.61 -24.82
CA SER A 567 -34.90 21.49 -23.89
C SER A 567 -33.75 20.51 -24.15
N TYR A 568 -33.61 19.52 -23.27
CA TYR A 568 -32.55 18.52 -23.39
C TYR A 568 -32.69 17.73 -24.69
N GLY A 569 -33.92 17.55 -25.15
CA GLY A 569 -34.19 16.78 -26.34
C GLY A 569 -34.03 17.57 -27.63
N SER A 570 -33.81 18.88 -27.50
CA SER A 570 -33.62 19.74 -28.65
C SER A 570 -32.29 19.44 -29.35
N SER A 571 -31.42 18.74 -28.64
CA SER A 571 -30.13 18.31 -29.19
C SER A 571 -29.88 16.83 -28.89
N GLN A 572 -28.95 16.23 -29.65
CA GLN A 572 -28.58 14.83 -29.45
C GLN A 572 -27.06 14.67 -29.44
N ASP A 573 -26.60 13.55 -28.90
CA ASP A 573 -25.16 13.26 -28.81
C ASP A 573 -24.83 11.97 -29.57
N PRO A 574 -23.55 11.79 -29.93
CA PRO A 574 -23.14 10.59 -30.67
C PRO A 574 -23.55 9.29 -29.97
N PRO A 575 -24.09 8.32 -30.72
CA PRO A 575 -24.60 7.09 -30.14
C PRO A 575 -23.51 6.08 -29.79
N GLU A 576 -23.85 5.11 -28.96
CA GLU A 576 -22.93 4.04 -28.58
C GLU A 576 -22.53 3.19 -29.79
N LYS A 577 -21.24 2.86 -29.86
CA LYS A 577 -20.69 2.08 -30.95
C LYS A 577 -21.26 0.65 -30.94
N SER A 578 -21.60 0.15 -32.13
CA SER A 578 -22.12 -1.20 -32.27
C SER A 578 -21.58 -1.85 -33.55
N PHE A 579 -21.85 -3.13 -33.73
CA PHE A 579 -21.32 -3.88 -34.87
C PHE A 579 -22.40 -4.70 -35.57
N PRO A 580 -22.33 -4.80 -36.90
CA PRO A 580 -23.29 -5.61 -37.65
C PRO A 580 -23.04 -7.11 -37.50
N ILE A 581 -24.08 -7.92 -37.67
CA ILE A 581 -23.97 -9.37 -37.47
C ILE A 581 -23.06 -10.02 -38.50
N CYS A 582 -23.08 -9.51 -39.73
CA CYS A 582 -22.23 -10.04 -40.78
C CYS A 582 -20.75 -9.98 -40.41
N THR A 583 -20.33 -8.86 -39.81
CA THR A 583 -18.96 -8.72 -39.33
C THR A 583 -18.70 -9.70 -38.21
N LEU A 584 -19.65 -9.86 -37.30
CA LEU A 584 -19.46 -10.67 -36.10
C LEU A 584 -19.51 -12.18 -36.35
N LYS A 585 -20.36 -12.62 -37.27
CA LYS A 585 -20.60 -14.04 -37.45
C LYS A 585 -19.43 -14.79 -38.11
N ASN A 586 -18.68 -14.11 -38.98
CA ASN A 586 -17.65 -14.79 -39.76
C ASN A 586 -16.37 -14.00 -40.00
N PHE A 587 -16.43 -12.68 -39.86
CA PHE A 587 -15.32 -11.82 -40.26
C PHE A 587 -14.89 -10.80 -39.21
N PRO A 588 -14.48 -11.28 -38.02
CA PRO A 588 -13.93 -10.38 -36.99
C PRO A 588 -12.50 -9.95 -37.32
N ASN A 589 -12.14 -8.73 -36.93
CA ASN A 589 -10.79 -8.23 -37.09
C ASN A 589 -10.32 -7.40 -35.89
N ARG A 590 -11.17 -7.33 -34.87
CA ARG A 590 -10.83 -6.68 -33.61
C ARG A 590 -11.16 -7.64 -32.48
N ILE A 591 -10.64 -7.39 -31.28
CA ILE A 591 -10.98 -8.22 -30.15
C ILE A 591 -12.42 -7.89 -29.74
N GLU A 592 -12.83 -6.66 -30.02
CA GLU A 592 -14.18 -6.23 -29.69
C GLU A 592 -15.21 -7.01 -30.50
N HIS A 593 -14.83 -7.46 -31.69
CA HIS A 593 -15.71 -8.27 -32.53
C HIS A 593 -15.88 -9.66 -31.92
N THR A 594 -14.78 -10.25 -31.48
CA THR A 594 -14.81 -11.60 -30.95
C THR A 594 -15.50 -11.62 -29.58
N ILE A 595 -15.37 -10.53 -28.83
CA ILE A 595 -16.03 -10.42 -27.53
C ILE A 595 -17.54 -10.36 -27.72
N ALA A 596 -18.00 -9.55 -28.67
CA ALA A 596 -19.43 -9.46 -28.96
C ALA A 596 -19.95 -10.82 -29.38
N TRP A 597 -19.20 -11.47 -30.28
CA TRP A 597 -19.51 -12.82 -30.72
C TRP A 597 -19.59 -13.76 -29.53
N ALA A 598 -18.61 -13.67 -28.64
CA ALA A 598 -18.52 -14.53 -27.48
C ALA A 598 -19.72 -14.35 -26.56
N ARG A 599 -20.28 -13.14 -26.55
CA ARG A 599 -21.44 -12.84 -25.72
C ARG A 599 -22.68 -13.51 -26.31
N ASP A 600 -22.85 -13.42 -27.62
CA ASP A 600 -23.96 -14.09 -28.29
C ASP A 600 -23.84 -15.59 -28.10
N LEU A 601 -22.60 -16.09 -28.05
CA LEU A 601 -22.35 -17.50 -27.85
C LEU A 601 -22.74 -17.91 -26.44
N PHE A 602 -22.45 -17.04 -25.49
CA PHE A 602 -22.82 -17.26 -24.10
C PHE A 602 -24.34 -17.36 -23.96
N GLU A 603 -25.04 -16.40 -24.59
CA GLU A 603 -26.49 -16.36 -24.56
C GLU A 603 -27.09 -17.55 -25.31
N GLY A 604 -26.45 -17.91 -26.42
CA GLY A 604 -26.96 -18.97 -27.28
C GLY A 604 -26.87 -20.36 -26.68
N LEU A 605 -25.92 -20.55 -25.78
CA LEU A 605 -25.69 -21.87 -25.19
C LEU A 605 -26.37 -22.05 -23.84
N PHE A 606 -26.36 -20.99 -23.03
CA PHE A 606 -26.73 -21.13 -21.61
C PHE A 606 -27.95 -20.30 -21.19
N LYS A 607 -28.66 -19.70 -22.15
CA LYS A 607 -29.79 -18.83 -21.81
C LYS A 607 -30.98 -19.00 -22.74
N GLN A 608 -30.76 -18.76 -24.04
CA GLN A 608 -31.86 -18.77 -24.99
C GLN A 608 -32.52 -20.15 -25.13
N PRO A 609 -31.70 -21.22 -25.25
CA PRO A 609 -32.34 -22.54 -25.34
C PRO A 609 -33.02 -22.91 -24.03
N ILE A 610 -32.45 -22.45 -22.92
CA ILE A 610 -32.98 -22.74 -21.59
C ILE A 610 -34.37 -22.14 -21.41
N ASP A 611 -34.56 -20.93 -21.91
CA ASP A 611 -35.85 -20.25 -21.78
C ASP A 611 -36.92 -20.94 -22.61
N ASN A 612 -36.53 -21.46 -23.78
CA ASN A 612 -37.46 -22.19 -24.63
C ASN A 612 -37.95 -23.45 -23.93
N VAL A 613 -37.02 -24.15 -23.28
CA VAL A 613 -37.35 -25.33 -22.52
C VAL A 613 -38.34 -24.97 -21.42
N ASN A 614 -38.02 -23.93 -20.65
CA ASN A 614 -38.86 -23.54 -19.52
C ASN A 614 -40.22 -23.01 -19.95
N MET A 615 -40.31 -22.48 -21.17
CA MET A 615 -41.59 -22.01 -21.67
C MET A 615 -42.39 -23.16 -22.24
N TYR A 616 -41.70 -24.14 -22.81
CA TYR A 616 -42.35 -25.34 -23.32
C TYR A 616 -43.02 -26.13 -22.20
N LEU A 617 -42.41 -26.11 -21.03
CA LEU A 617 -42.90 -26.88 -19.89
C LEU A 617 -43.94 -26.11 -19.06
N SER A 618 -43.98 -24.79 -19.21
CA SER A 618 -44.83 -23.94 -18.39
C SER A 618 -46.05 -23.40 -19.13
N SER A 619 -45.91 -23.19 -20.43
CA SER A 619 -47.00 -22.67 -21.25
C SER A 619 -47.74 -23.81 -21.96
N PRO A 620 -49.07 -23.75 -22.02
CA PRO A 620 -49.86 -24.88 -22.54
C PRO A 620 -49.83 -25.01 -24.06
N ASN A 621 -49.85 -23.89 -24.78
CA ASN A 621 -49.91 -23.90 -26.23
C ASN A 621 -48.63 -23.39 -26.87
N PHE A 622 -47.52 -23.50 -26.14
CA PHE A 622 -46.25 -22.94 -26.57
C PHE A 622 -45.78 -23.44 -27.94
N LEU A 623 -45.92 -24.74 -28.18
CA LEU A 623 -45.41 -25.33 -29.41
C LEU A 623 -46.06 -24.72 -30.64
N GLU A 624 -47.38 -24.82 -30.73
CA GLU A 624 -48.10 -24.31 -31.90
C GLU A 624 -48.12 -22.78 -31.91
N THR A 625 -47.88 -22.18 -30.75
CA THR A 625 -47.79 -20.73 -30.63
C THR A 625 -46.46 -20.24 -31.19
N SER A 626 -45.42 -21.06 -31.01
CA SER A 626 -44.09 -20.72 -31.51
C SER A 626 -44.00 -21.06 -33.00
N LEU A 627 -44.73 -22.08 -33.42
CA LEU A 627 -44.80 -22.45 -34.82
C LEU A 627 -45.42 -21.32 -35.63
N LYS A 628 -46.28 -20.56 -34.98
CA LYS A 628 -46.99 -19.45 -35.61
C LYS A 628 -46.22 -18.14 -35.48
N THR A 629 -45.82 -17.80 -34.25
CA THR A 629 -45.28 -16.48 -33.94
C THR A 629 -43.84 -16.49 -33.44
N SER A 630 -42.95 -17.15 -34.19
CA SER A 630 -41.53 -17.15 -33.86
C SER A 630 -40.68 -16.85 -35.09
N SER A 631 -39.57 -16.16 -34.86
CA SER A 631 -38.62 -15.83 -35.93
C SER A 631 -38.06 -17.10 -36.55
N ASN A 632 -37.86 -18.12 -35.72
CA ASN A 632 -37.23 -19.36 -36.16
C ASN A 632 -37.76 -20.56 -35.36
N PRO A 633 -38.93 -21.10 -35.76
CA PRO A 633 -39.52 -22.23 -35.05
C PRO A 633 -38.60 -23.45 -35.01
N ARG A 634 -37.74 -23.57 -36.01
CA ARG A 634 -36.81 -24.70 -36.09
C ARG A 634 -35.88 -24.74 -34.89
N GLU A 635 -35.23 -23.61 -34.62
CA GLU A 635 -34.24 -23.55 -33.55
C GLU A 635 -34.90 -23.73 -32.18
N VAL A 636 -36.15 -23.33 -32.06
CA VAL A 636 -36.87 -23.51 -30.80
C VAL A 636 -37.04 -24.99 -30.50
N LEU A 637 -37.51 -25.75 -31.48
CA LEU A 637 -37.75 -27.18 -31.29
C LEU A 637 -36.45 -27.95 -31.06
N GLU A 638 -35.43 -27.65 -31.86
CA GLU A 638 -34.14 -28.30 -31.71
C GLU A 638 -33.52 -28.00 -30.35
N ASN A 639 -33.89 -26.84 -29.78
CA ASN A 639 -33.43 -26.48 -28.45
C ASN A 639 -34.10 -27.34 -27.38
N ILE A 640 -35.40 -27.58 -27.53
CA ILE A 640 -36.13 -28.42 -26.57
C ILE A 640 -35.55 -29.83 -26.57
N ARG A 641 -35.45 -30.42 -27.76
CA ARG A 641 -34.94 -31.78 -27.91
C ARG A 641 -33.55 -31.93 -27.33
N ASP A 642 -32.63 -31.08 -27.78
CA ASP A 642 -31.22 -31.21 -27.40
C ASP A 642 -31.00 -31.09 -25.91
N TYR A 643 -31.74 -30.19 -25.26
CA TYR A 643 -31.50 -29.88 -23.85
C TYR A 643 -32.33 -30.70 -22.87
N LEU A 644 -33.33 -31.43 -23.35
CA LEU A 644 -34.18 -32.24 -22.47
C LEU A 644 -33.87 -33.74 -22.55
N VAL A 645 -33.42 -34.22 -23.71
CA VAL A 645 -33.20 -35.65 -23.90
C VAL A 645 -31.86 -35.99 -24.56
N THR A 646 -31.56 -35.37 -25.70
CA THR A 646 -30.39 -35.77 -26.48
C THR A 646 -29.08 -35.40 -25.80
N GLU A 647 -28.82 -34.11 -25.68
CA GLU A 647 -27.54 -33.64 -25.14
C GLU A 647 -27.61 -33.41 -23.64
N LYS A 648 -28.72 -33.77 -23.01
CA LYS A 648 -28.86 -33.63 -21.56
C LYS A 648 -27.79 -34.42 -20.84
N PRO A 649 -27.03 -33.78 -19.94
CA PRO A 649 -26.00 -34.51 -19.19
C PRO A 649 -26.57 -35.27 -18.00
N LEU A 650 -25.88 -36.32 -17.59
CA LEU A 650 -26.28 -37.11 -16.44
C LEU A 650 -25.21 -37.05 -15.36
N SER A 651 -23.99 -36.76 -15.79
CA SER A 651 -22.87 -36.53 -14.87
C SER A 651 -22.14 -35.27 -15.30
N PHE A 652 -21.29 -34.74 -14.42
CA PHE A 652 -20.49 -33.57 -14.79
C PHE A 652 -19.45 -33.95 -15.84
N GLU A 653 -19.10 -35.22 -15.89
CA GLU A 653 -18.12 -35.69 -16.86
C GLU A 653 -18.71 -35.63 -18.26
N GLU A 654 -20.02 -35.75 -18.37
CA GLU A 654 -20.70 -35.60 -19.65
C GLU A 654 -20.73 -34.13 -20.07
N CYS A 655 -20.71 -33.23 -19.09
CA CYS A 655 -20.62 -31.81 -19.38
C CYS A 655 -19.23 -31.46 -19.91
N ILE A 656 -18.22 -32.16 -19.41
CA ILE A 656 -16.86 -31.99 -19.92
C ILE A 656 -16.82 -32.50 -21.35
N MET A 657 -17.48 -33.65 -21.57
CA MET A 657 -17.62 -34.21 -22.91
C MET A 657 -18.33 -33.22 -23.82
N TRP A 658 -19.40 -32.63 -23.29
CA TRP A 658 -20.19 -31.65 -24.03
C TRP A 658 -19.32 -30.45 -24.39
N ALA A 659 -18.59 -29.92 -23.42
CA ALA A 659 -17.77 -28.74 -23.63
C ALA A 659 -16.65 -29.02 -24.63
N ARG A 660 -16.14 -30.25 -24.61
CA ARG A 660 -15.09 -30.66 -25.53
C ARG A 660 -15.66 -30.69 -26.95
N LEU A 661 -16.95 -31.01 -27.06
CA LEU A 661 -17.62 -31.02 -28.35
C LEU A 661 -17.88 -29.61 -28.85
N GLN A 662 -18.21 -28.70 -27.93
CA GLN A 662 -18.47 -27.31 -28.29
C GLN A 662 -17.21 -26.64 -28.85
N PHE A 663 -16.06 -27.10 -28.37
CA PHE A 663 -14.79 -26.55 -28.83
C PHE A 663 -14.66 -26.75 -30.33
N ASP A 664 -14.87 -27.99 -30.78
CA ASP A 664 -14.78 -28.33 -32.19
C ASP A 664 -15.84 -27.60 -33.00
N LYS A 665 -17.01 -27.42 -32.39
CA LYS A 665 -18.13 -26.83 -33.11
C LYS A 665 -17.94 -25.34 -33.43
N PHE A 666 -17.18 -24.63 -32.59
CA PHE A 666 -17.11 -23.17 -32.68
C PHE A 666 -15.72 -22.61 -32.98
N PHE A 667 -14.69 -23.44 -32.87
CA PHE A 667 -13.32 -22.97 -33.11
C PHE A 667 -12.57 -23.86 -34.11
N ASN A 668 -13.24 -24.90 -34.59
CA ASN A 668 -12.61 -25.86 -35.51
C ASN A 668 -13.49 -26.14 -36.73
N ASN A 669 -14.53 -26.94 -36.54
CA ASN A 669 -15.40 -27.36 -37.63
C ASN A 669 -16.02 -26.19 -38.39
N ASN A 670 -16.56 -25.23 -37.64
CA ASN A 670 -17.18 -24.06 -38.26
C ASN A 670 -16.17 -23.25 -39.06
N ILE A 671 -14.91 -23.28 -38.62
CA ILE A 671 -13.85 -22.58 -39.32
C ILE A 671 -13.47 -23.35 -40.59
N GLN A 672 -13.44 -24.67 -40.49
CA GLN A 672 -13.23 -25.49 -41.67
C GLN A 672 -14.32 -25.22 -42.69
N GLN A 673 -15.57 -25.23 -42.20
CA GLN A 673 -16.73 -24.99 -43.04
C GLN A 673 -16.67 -23.62 -43.72
N LEU A 674 -16.24 -22.61 -42.95
CA LEU A 674 -16.11 -21.27 -43.49
C LEU A 674 -15.02 -21.24 -44.56
N LEU A 675 -13.95 -21.98 -44.31
CA LEU A 675 -12.83 -22.07 -45.25
C LEU A 675 -13.20 -22.84 -46.51
N PHE A 676 -14.05 -23.85 -46.36
CA PHE A 676 -14.49 -24.60 -47.54
C PHE A 676 -15.34 -23.72 -48.44
N ASN A 677 -16.08 -22.79 -47.82
CA ASN A 677 -16.90 -21.84 -48.57
C ASN A 677 -16.06 -20.69 -49.11
N PHE A 678 -15.02 -20.33 -48.36
CA PHE A 678 -14.10 -19.27 -48.76
C PHE A 678 -12.67 -19.70 -48.47
N PRO A 679 -12.09 -20.52 -49.36
CA PRO A 679 -10.70 -20.98 -49.23
C PRO A 679 -9.71 -19.85 -48.97
N LYS A 680 -8.55 -20.21 -48.44
CA LYS A 680 -7.58 -19.22 -47.98
C LYS A 680 -7.05 -18.38 -49.14
N ASP A 681 -7.12 -18.93 -50.36
CA ASP A 681 -6.63 -18.26 -51.56
C ASP A 681 -7.77 -17.79 -52.46
N SER A 682 -8.95 -17.59 -51.88
CA SER A 682 -10.11 -17.14 -52.64
C SER A 682 -9.91 -15.72 -53.18
N VAL A 683 -10.69 -15.38 -54.21
CA VAL A 683 -10.61 -14.07 -54.85
C VAL A 683 -12.00 -13.59 -55.24
N THR A 684 -12.33 -12.36 -54.88
CA THR A 684 -13.61 -11.77 -55.23
C THR A 684 -13.56 -11.21 -56.65
N SER A 685 -14.72 -10.92 -57.23
CA SER A 685 -14.81 -10.51 -58.63
C SER A 685 -14.31 -9.09 -58.89
N THR A 686 -13.12 -8.77 -58.36
CA THR A 686 -12.45 -7.51 -58.68
C THR A 686 -10.93 -7.69 -58.66
N GLY A 687 -10.49 -8.94 -58.62
CA GLY A 687 -9.07 -9.25 -58.65
C GLY A 687 -8.45 -9.36 -57.27
N GLN A 688 -9.02 -8.63 -56.32
CA GLN A 688 -8.48 -8.60 -54.96
C GLN A 688 -8.73 -9.92 -54.25
N PRO A 689 -7.75 -10.40 -53.46
CA PRO A 689 -8.00 -11.61 -52.68
C PRO A 689 -9.10 -11.40 -51.63
N PHE A 690 -9.94 -12.41 -51.42
CA PHE A 690 -11.07 -12.29 -50.52
C PHE A 690 -10.64 -11.94 -49.10
N TRP A 691 -9.77 -12.77 -48.53
CA TRP A 691 -9.29 -12.55 -47.16
C TRP A 691 -8.23 -11.46 -47.11
N SER A 692 -8.63 -10.22 -47.38
CA SER A 692 -7.71 -9.09 -47.33
C SER A 692 -8.34 -7.90 -46.63
N GLY A 693 -7.49 -7.05 -46.04
CA GLY A 693 -7.94 -5.84 -45.36
C GLY A 693 -8.73 -6.14 -44.11
N PRO A 694 -10.00 -5.68 -44.05
CA PRO A 694 -10.78 -5.90 -42.82
C PRO A 694 -11.06 -7.38 -42.55
N LYS A 695 -10.90 -8.22 -43.57
CA LYS A 695 -11.07 -9.66 -43.41
C LYS A 695 -9.73 -10.32 -43.10
N ARG A 696 -9.76 -11.30 -42.21
CA ARG A 696 -8.55 -12.02 -41.82
C ARG A 696 -8.78 -13.52 -41.93
N ALA A 697 -7.98 -14.17 -42.77
CA ALA A 697 -8.14 -15.59 -43.04
C ALA A 697 -7.97 -16.42 -41.76
N PRO A 698 -9.03 -17.09 -41.31
CA PRO A 698 -8.93 -17.84 -40.06
C PRO A 698 -8.22 -19.18 -40.22
N THR A 699 -7.98 -19.86 -39.11
CA THR A 699 -7.30 -21.14 -39.10
C THR A 699 -7.92 -22.03 -38.03
N PRO A 700 -8.32 -23.26 -38.40
CA PRO A 700 -8.93 -24.14 -37.40
C PRO A 700 -8.03 -24.42 -36.21
N LEU A 701 -8.64 -24.83 -35.10
CA LEU A 701 -7.92 -25.09 -33.87
C LEU A 701 -7.97 -26.56 -33.50
N SER A 702 -6.80 -27.16 -33.32
CA SER A 702 -6.71 -28.53 -32.84
C SER A 702 -6.62 -28.51 -31.32
N PHE A 703 -7.58 -29.15 -30.67
CA PHE A 703 -7.67 -29.10 -29.21
C PHE A 703 -6.39 -29.64 -28.56
N ASP A 704 -5.97 -28.95 -27.50
CA ASP A 704 -4.76 -29.30 -26.77
C ASP A 704 -4.95 -28.97 -25.30
N ILE A 705 -5.15 -30.00 -24.50
CA ILE A 705 -5.49 -29.83 -23.08
C ILE A 705 -4.41 -29.07 -22.32
N HIS A 706 -3.17 -29.18 -22.79
CA HIS A 706 -2.05 -28.51 -22.13
C HIS A 706 -1.95 -27.04 -22.52
N ASN A 707 -2.81 -26.61 -23.44
CA ASN A 707 -2.89 -25.19 -23.82
C ASN A 707 -3.75 -24.42 -22.82
N ARG A 708 -3.26 -23.26 -22.41
CA ARG A 708 -3.93 -22.44 -21.41
C ARG A 708 -5.36 -22.10 -21.80
N GLU A 709 -5.52 -21.48 -22.96
CA GLU A 709 -6.81 -20.96 -23.39
C GLU A 709 -7.78 -22.07 -23.76
N HIS A 710 -7.26 -23.17 -24.28
CA HIS A 710 -8.10 -24.31 -24.64
C HIS A 710 -8.74 -24.90 -23.39
N PHE A 711 -7.95 -25.02 -22.33
CA PHE A 711 -8.43 -25.61 -21.08
C PHE A 711 -9.36 -24.64 -20.33
N ASP A 712 -9.04 -23.36 -20.38
CA ASP A 712 -9.88 -22.35 -19.74
C ASP A 712 -11.29 -22.37 -20.32
N PHE A 713 -11.40 -22.64 -21.62
CA PHE A 713 -12.70 -22.74 -22.27
C PHE A 713 -13.49 -23.94 -21.78
N ILE A 714 -12.85 -25.11 -21.77
CA ILE A 714 -13.49 -26.35 -21.35
C ILE A 714 -14.12 -26.22 -19.97
N VAL A 715 -13.34 -25.68 -19.04
CA VAL A 715 -13.81 -25.53 -17.66
C VAL A 715 -14.99 -24.57 -17.61
N ALA A 716 -14.84 -23.41 -18.26
CA ALA A 716 -15.88 -22.40 -18.26
C ALA A 716 -17.16 -22.94 -18.89
N ALA A 717 -17.02 -23.50 -20.09
CA ALA A 717 -18.16 -24.04 -20.82
C ALA A 717 -18.83 -25.14 -20.02
N ALA A 718 -18.03 -26.10 -19.54
CA ALA A 718 -18.57 -27.24 -18.80
C ALA A 718 -19.23 -26.80 -17.50
N SER A 719 -18.60 -25.87 -16.79
CA SER A 719 -19.16 -25.38 -15.53
C SER A 719 -20.48 -24.67 -15.75
N LEU A 720 -20.59 -23.95 -16.86
CA LEU A 720 -21.83 -23.23 -17.19
C LEU A 720 -22.92 -24.19 -17.62
N TYR A 721 -22.54 -25.22 -18.38
CA TYR A 721 -23.49 -26.22 -18.81
C TYR A 721 -24.04 -26.94 -17.59
N ALA A 722 -23.17 -27.23 -16.63
CA ALA A 722 -23.57 -27.87 -15.40
C ALA A 722 -24.53 -26.97 -14.61
N PHE A 723 -24.32 -25.66 -14.72
CA PHE A 723 -25.15 -24.69 -14.00
C PHE A 723 -26.59 -24.71 -14.50
N ASN A 724 -26.78 -25.08 -15.77
CA ASN A 724 -28.13 -25.15 -16.34
C ASN A 724 -28.92 -26.34 -15.79
N TYR A 725 -28.23 -27.45 -15.53
CA TYR A 725 -28.89 -28.67 -15.09
C TYR A 725 -28.70 -28.90 -13.58
N GLY A 726 -28.05 -27.96 -12.91
CA GLY A 726 -27.88 -28.03 -11.47
C GLY A 726 -26.86 -29.07 -11.03
N LEU A 727 -25.93 -29.40 -11.92
CA LEU A 727 -24.86 -30.34 -11.60
C LEU A 727 -23.68 -29.64 -10.95
N LYS A 728 -23.01 -30.32 -10.04
CA LYS A 728 -21.85 -29.77 -9.34
C LYS A 728 -20.63 -29.70 -10.24
N SER A 729 -19.96 -28.55 -10.24
CA SER A 729 -18.75 -28.35 -11.04
C SER A 729 -17.56 -29.00 -10.35
N GLU A 730 -16.45 -29.08 -11.08
CA GLU A 730 -15.21 -29.62 -10.53
C GLU A 730 -14.01 -28.79 -10.98
N THR A 731 -13.10 -28.54 -10.05
CA THR A 731 -11.92 -27.72 -10.32
C THR A 731 -10.69 -28.59 -10.55
N ASP A 732 -10.67 -29.77 -9.93
CA ASP A 732 -9.56 -30.71 -10.03
C ASP A 732 -9.24 -31.02 -11.50
N PRO A 733 -8.10 -30.49 -12.01
CA PRO A 733 -7.76 -30.73 -13.42
C PRO A 733 -7.57 -32.21 -13.75
N ALA A 734 -7.31 -33.02 -12.73
CA ALA A 734 -7.08 -34.45 -12.94
C ALA A 734 -8.27 -35.12 -13.61
N ILE A 735 -9.48 -34.71 -13.21
CA ILE A 735 -10.70 -35.29 -13.76
C ILE A 735 -10.84 -34.97 -15.24
N TYR A 736 -10.54 -33.72 -15.61
CA TYR A 736 -10.66 -33.29 -17.00
C TYR A 736 -9.71 -34.07 -17.91
N GLU A 737 -8.48 -34.26 -17.46
CA GLU A 737 -7.48 -35.00 -18.22
C GLU A 737 -7.98 -36.41 -18.56
N ARG A 738 -8.68 -37.02 -17.61
CA ARG A 738 -9.19 -38.37 -17.78
C ARG A 738 -10.26 -38.44 -18.86
N VAL A 739 -11.34 -37.68 -18.69
CA VAL A 739 -12.46 -37.71 -19.61
C VAL A 739 -12.04 -37.30 -21.02
N LEU A 740 -11.21 -36.25 -21.11
CA LEU A 740 -10.78 -35.72 -22.39
C LEU A 740 -9.84 -36.67 -23.14
N ALA A 741 -9.07 -37.45 -22.39
CA ALA A 741 -8.16 -38.42 -23.00
C ALA A 741 -8.95 -39.48 -23.77
N GLY A 742 -10.09 -39.86 -23.22
CA GLY A 742 -10.93 -40.87 -23.83
C GLY A 742 -11.97 -40.30 -24.79
N TYR A 743 -11.69 -39.12 -25.33
CA TYR A 743 -12.60 -38.47 -26.28
C TYR A 743 -12.16 -38.71 -27.72
N ASN A 744 -13.03 -39.35 -28.50
CA ASN A 744 -12.81 -39.56 -29.92
C ASN A 744 -13.64 -38.58 -30.74
N PRO A 745 -12.98 -37.56 -31.32
CA PRO A 745 -13.73 -36.60 -32.13
C PRO A 745 -14.46 -37.27 -33.30
N PRO A 746 -15.80 -37.14 -33.36
CA PRO A 746 -16.50 -37.66 -34.54
C PRO A 746 -15.95 -37.06 -35.82
N PRO A 747 -15.74 -37.86 -36.87
CA PRO A 747 -15.13 -37.32 -38.09
C PRO A 747 -16.01 -36.25 -38.74
N PHE A 748 -15.43 -35.08 -38.98
CA PHE A 748 -16.15 -33.96 -39.57
C PHE A 748 -15.58 -33.63 -40.93
N ALA A 749 -16.49 -33.34 -41.87
CA ALA A 749 -16.11 -32.95 -43.22
C ALA A 749 -16.97 -31.77 -43.69
N PRO A 750 -16.34 -30.73 -44.27
CA PRO A 750 -17.08 -29.59 -44.81
C PRO A 750 -18.11 -29.99 -45.88
N LYS A 751 -19.38 -29.71 -45.62
CA LYS A 751 -20.45 -30.03 -46.57
C LYS A 751 -20.47 -29.04 -47.72
N SER A 752 -21.12 -29.43 -48.81
CA SER A 752 -21.23 -28.59 -50.00
C SER A 752 -22.55 -27.83 -50.00
N LYS A 771 -43.93 -29.02 -53.10
CA LYS A 771 -43.92 -30.33 -52.46
C LYS A 771 -43.01 -30.31 -51.24
N ASP A 772 -42.91 -29.15 -50.59
CA ASP A 772 -42.09 -29.01 -49.39
C ASP A 772 -42.52 -27.74 -48.62
N LYS A 773 -43.39 -27.85 -47.61
CA LYS A 773 -43.98 -29.09 -47.07
C LYS A 773 -42.93 -30.04 -46.51
N GLN A 774 -41.73 -29.53 -46.27
CA GLN A 774 -40.66 -30.31 -45.64
C GLN A 774 -40.75 -30.13 -44.13
N GLU A 775 -41.95 -29.84 -43.65
CA GLU A 775 -42.19 -29.68 -42.23
C GLU A 775 -41.86 -30.98 -41.49
N LEU A 776 -40.57 -31.24 -41.33
CA LEU A 776 -40.12 -32.42 -40.61
C LEU A 776 -40.07 -32.14 -39.11
N LYS A 777 -40.84 -31.15 -38.68
CA LYS A 777 -40.94 -30.85 -37.26
C LYS A 777 -42.12 -31.58 -36.64
N SER A 778 -42.18 -32.86 -36.97
CA SER A 778 -42.95 -33.84 -36.22
C SER A 778 -42.03 -34.40 -35.13
N ILE A 779 -40.95 -33.68 -34.85
CA ILE A 779 -40.01 -34.04 -33.81
C ILE A 779 -40.50 -33.47 -32.48
N ALA A 780 -41.44 -32.53 -32.57
CA ALA A 780 -42.13 -32.04 -31.38
C ALA A 780 -42.89 -33.20 -30.74
N ASP A 781 -43.15 -34.24 -31.54
CA ASP A 781 -43.78 -35.45 -31.03
C ASP A 781 -42.76 -36.29 -30.28
N SER A 782 -41.48 -36.16 -30.66
CA SER A 782 -40.40 -36.88 -30.01
C SER A 782 -40.05 -36.25 -28.66
N LEU A 783 -40.72 -35.15 -28.33
CA LEU A 783 -40.50 -34.46 -27.06
C LEU A 783 -41.40 -35.03 -25.98
N PRO A 784 -40.86 -35.19 -24.76
CA PRO A 784 -41.75 -35.62 -23.68
C PRO A 784 -42.76 -34.52 -23.35
N PRO A 785 -43.97 -34.89 -22.92
CA PRO A 785 -45.00 -33.87 -22.68
C PRO A 785 -44.71 -33.03 -21.43
N PRO A 786 -45.26 -31.80 -21.37
CA PRO A 786 -45.13 -31.00 -20.15
C PRO A 786 -45.66 -31.73 -18.92
N SER A 787 -46.62 -32.62 -19.15
CA SER A 787 -47.22 -33.40 -18.07
C SER A 787 -46.25 -34.44 -17.52
N SER A 788 -45.26 -34.82 -18.34
CA SER A 788 -44.27 -35.81 -17.94
C SER A 788 -43.14 -35.21 -17.09
N LEU A 789 -43.02 -33.88 -17.13
CA LEU A 789 -41.97 -33.18 -16.41
C LEU A 789 -42.52 -32.00 -15.62
N VAL A 790 -43.60 -32.25 -14.90
CA VAL A 790 -44.21 -31.20 -14.08
C VAL A 790 -43.27 -30.86 -12.93
N GLY A 791 -43.00 -29.56 -12.77
CA GLY A 791 -42.16 -29.08 -11.69
C GLY A 791 -40.68 -29.15 -12.00
N PHE A 792 -40.34 -29.42 -13.26
CA PHE A 792 -38.96 -29.45 -13.71
C PHE A 792 -38.63 -28.21 -14.54
N ARG A 793 -37.58 -27.51 -14.14
CA ARG A 793 -37.12 -26.32 -14.86
C ARG A 793 -35.60 -26.32 -14.94
N LEU A 794 -35.07 -25.84 -16.06
CA LEU A 794 -33.65 -25.61 -16.21
C LEU A 794 -33.32 -24.19 -15.77
N THR A 795 -32.09 -23.97 -15.33
CA THR A 795 -31.68 -22.67 -14.79
C THR A 795 -30.92 -21.86 -15.83
N PRO A 796 -31.56 -20.83 -16.41
CA PRO A 796 -30.84 -20.02 -17.40
C PRO A 796 -29.77 -19.14 -16.77
N ALA A 797 -28.65 -18.96 -17.46
CA ALA A 797 -27.56 -18.14 -16.96
C ALA A 797 -27.79 -16.68 -17.33
N GLU A 798 -28.01 -15.84 -16.32
CA GLU A 798 -28.21 -14.41 -16.52
C GLU A 798 -26.87 -13.68 -16.42
N PHE A 799 -26.38 -13.20 -17.56
CA PHE A 799 -25.07 -12.55 -17.65
C PHE A 799 -24.86 -11.50 -16.57
N GLU A 800 -23.80 -11.69 -15.78
CA GLU A 800 -23.45 -10.77 -14.71
C GLU A 800 -21.93 -10.55 -14.70
N LYS A 801 -21.50 -9.40 -15.19
CA LYS A 801 -20.09 -9.04 -15.28
C LYS A 801 -19.37 -9.03 -13.94
N ASP A 802 -20.04 -8.51 -12.91
CA ASP A 802 -19.37 -8.16 -11.66
C ASP A 802 -19.18 -9.32 -10.69
N ASP A 803 -19.53 -10.53 -11.10
CA ASP A 803 -19.24 -11.74 -10.31
C ASP A 803 -18.18 -12.58 -11.03
N ASP A 804 -16.96 -12.56 -10.49
CA ASP A 804 -15.82 -13.17 -11.18
C ASP A 804 -15.71 -14.67 -10.94
N SER A 805 -16.72 -15.26 -10.30
CA SER A 805 -16.70 -16.69 -9.95
C SER A 805 -17.81 -17.49 -10.63
N ASN A 806 -18.54 -16.85 -11.54
CA ASN A 806 -19.67 -17.49 -12.20
C ASN A 806 -19.33 -17.99 -13.60
N HIS A 807 -18.07 -17.86 -13.98
CA HIS A 807 -17.54 -18.33 -15.26
C HIS A 807 -18.07 -17.53 -16.46
N HIS A 808 -18.81 -16.46 -16.20
CA HIS A 808 -19.36 -15.67 -17.29
C HIS A 808 -18.26 -14.96 -18.05
N ILE A 809 -17.52 -14.09 -17.37
CA ILE A 809 -16.42 -13.37 -18.00
C ILE A 809 -15.32 -14.35 -18.40
N ASP A 810 -15.13 -15.40 -17.62
CA ASP A 810 -14.15 -16.43 -17.96
C ASP A 810 -14.48 -17.03 -19.31
N PHE A 811 -15.75 -17.35 -19.52
CA PHE A 811 -16.18 -17.96 -20.77
C PHE A 811 -16.02 -17.00 -21.94
N ILE A 812 -16.51 -15.77 -21.77
CA ILE A 812 -16.40 -14.75 -22.82
C ILE A 812 -14.94 -14.57 -23.21
N THR A 813 -14.07 -14.49 -22.21
CA THR A 813 -12.66 -14.21 -22.45
C THR A 813 -12.01 -15.38 -23.18
N ALA A 814 -12.28 -16.60 -22.74
CA ALA A 814 -11.71 -17.79 -23.36
C ALA A 814 -12.23 -17.93 -24.78
N ALA A 815 -13.55 -17.90 -24.93
CA ALA A 815 -14.17 -18.03 -26.24
C ALA A 815 -13.71 -16.91 -27.16
N SER A 816 -13.66 -15.69 -26.64
CA SER A 816 -13.23 -14.53 -27.42
C SER A 816 -11.80 -14.72 -27.92
N ASN A 817 -10.91 -15.15 -27.03
CA ASN A 817 -9.50 -15.29 -27.38
C ASN A 817 -9.23 -16.50 -28.27
N LEU A 818 -10.02 -17.57 -28.10
CA LEU A 818 -9.92 -18.72 -28.99
C LEU A 818 -10.26 -18.27 -30.41
N ARG A 819 -11.33 -17.49 -30.53
CA ARG A 819 -11.73 -16.94 -31.82
C ARG A 819 -10.74 -15.88 -32.27
N ALA A 820 -10.03 -15.27 -31.33
CA ALA A 820 -8.98 -14.31 -31.67
C ALA A 820 -7.79 -15.05 -32.26
N MET A 821 -7.50 -16.23 -31.71
CA MET A 821 -6.42 -17.06 -32.22
C MET A 821 -6.77 -17.57 -33.62
N ASN A 822 -8.05 -17.85 -33.84
CA ASN A 822 -8.51 -18.26 -35.17
C ASN A 822 -8.15 -17.22 -36.22
N TYR A 823 -8.54 -15.98 -35.97
CA TYR A 823 -8.45 -14.92 -36.98
C TYR A 823 -7.20 -14.05 -36.82
N ASP A 824 -6.22 -14.56 -36.07
CA ASP A 824 -4.95 -13.86 -35.87
C ASP A 824 -5.19 -12.46 -35.31
N ILE A 825 -5.89 -12.40 -34.18
CA ILE A 825 -6.15 -11.15 -33.49
C ILE A 825 -5.49 -11.21 -32.12
N THR A 826 -4.90 -10.10 -31.71
CA THR A 826 -4.25 -10.05 -30.40
C THR A 826 -5.31 -10.22 -29.31
N PRO A 827 -5.18 -11.29 -28.49
CA PRO A 827 -6.21 -11.51 -27.48
C PRO A 827 -6.14 -10.48 -26.34
N ALA A 828 -7.09 -10.54 -25.42
CA ALA A 828 -7.16 -9.60 -24.31
C ALA A 828 -7.48 -10.34 -23.02
N ASP A 829 -6.92 -9.86 -21.91
CA ASP A 829 -7.17 -10.48 -20.61
C ASP A 829 -8.62 -10.28 -20.22
N ARG A 830 -9.04 -10.95 -19.16
CA ARG A 830 -10.43 -10.87 -18.72
C ARG A 830 -10.77 -9.43 -18.32
N PHE A 831 -9.75 -8.66 -17.93
CA PHE A 831 -9.96 -7.29 -17.48
C PHE A 831 -10.50 -6.38 -18.58
N LYS A 832 -9.87 -6.42 -19.76
CA LYS A 832 -10.37 -5.65 -20.89
C LYS A 832 -11.69 -6.23 -21.39
N THR A 833 -11.79 -7.55 -21.35
CA THR A 833 -12.99 -8.24 -21.81
C THR A 833 -14.18 -7.86 -20.94
N LYS A 834 -13.94 -7.83 -19.63
CA LYS A 834 -14.97 -7.45 -18.66
C LYS A 834 -15.47 -6.03 -18.92
N PHE A 835 -14.57 -5.17 -19.39
CA PHE A 835 -14.91 -3.79 -19.68
C PHE A 835 -15.79 -3.66 -20.91
N VAL A 836 -15.45 -4.44 -21.93
CA VAL A 836 -16.18 -4.42 -23.19
C VAL A 836 -17.49 -5.18 -23.05
N ALA A 837 -17.39 -6.45 -22.68
CA ALA A 837 -18.57 -7.30 -22.57
C ALA A 837 -19.58 -6.73 -21.58
N GLY A 838 -19.07 -6.10 -20.53
CA GLY A 838 -19.91 -5.53 -19.50
C GLY A 838 -20.45 -4.15 -19.83
N LYS A 839 -19.91 -3.53 -20.88
CA LYS A 839 -20.29 -2.18 -21.26
C LYS A 839 -20.12 -1.24 -20.06
N ILE A 840 -18.97 -1.35 -19.40
CA ILE A 840 -18.69 -0.58 -18.20
C ILE A 840 -18.32 0.85 -18.54
N VAL A 841 -18.89 1.78 -17.81
CA VAL A 841 -18.58 3.20 -17.97
C VAL A 841 -17.49 3.61 -16.97
N PRO A 842 -16.35 4.11 -17.48
CA PRO A 842 -15.34 4.62 -16.55
C PRO A 842 -15.90 5.78 -15.72
N ALA A 843 -15.54 5.83 -14.44
CA ALA A 843 -16.10 6.83 -13.54
C ALA A 843 -15.33 6.91 -12.24
N MET A 844 -15.16 8.13 -11.74
CA MET A 844 -14.55 8.33 -10.43
C MET A 844 -15.11 9.57 -9.76
N CYS A 845 -14.94 9.63 -8.44
CA CYS A 845 -15.57 10.63 -7.59
C CYS A 845 -15.29 12.07 -8.00
N THR A 846 -14.12 12.31 -8.59
CA THR A 846 -13.68 13.67 -8.90
C THR A 846 -14.64 14.40 -9.85
N SER A 847 -14.86 13.81 -11.03
CA SER A 847 -15.73 14.42 -12.03
C SER A 847 -17.18 14.53 -11.55
N THR A 848 -17.60 13.59 -10.70
CA THR A 848 -18.96 13.60 -10.18
C THR A 848 -19.17 14.77 -9.22
N ALA A 849 -18.14 15.05 -8.42
CA ALA A 849 -18.19 16.16 -7.49
C ALA A 849 -18.25 17.50 -8.24
N VAL A 850 -17.48 17.59 -9.32
CA VAL A 850 -17.40 18.82 -10.09
C VAL A 850 -18.73 19.19 -10.74
N VAL A 851 -19.41 18.21 -11.36
CA VAL A 851 -20.69 18.49 -12.00
C VAL A 851 -21.73 18.86 -10.97
N SER A 852 -21.72 18.18 -9.82
CA SER A 852 -22.66 18.47 -8.75
C SER A 852 -22.52 19.92 -8.31
N GLY A 853 -21.29 20.41 -8.32
CA GLY A 853 -21.02 21.80 -7.97
C GLY A 853 -21.62 22.78 -8.97
N LEU A 854 -21.38 22.54 -10.26
CA LEU A 854 -21.85 23.44 -11.30
C LEU A 854 -23.37 23.44 -11.40
N VAL A 855 -23.98 22.28 -11.18
CA VAL A 855 -25.43 22.15 -11.22
C VAL A 855 -26.10 23.02 -10.16
N CYS A 856 -25.53 23.03 -8.96
CA CYS A 856 -26.10 23.80 -7.85
C CYS A 856 -25.84 25.29 -8.03
N LEU A 857 -24.75 25.65 -8.70
CA LEU A 857 -24.46 27.04 -9.02
C LEU A 857 -25.46 27.57 -10.04
N GLU A 858 -26.12 26.65 -10.75
CA GLU A 858 -27.15 27.02 -11.72
C GLU A 858 -28.53 27.00 -11.09
N LEU A 859 -28.71 26.12 -10.09
CA LEU A 859 -29.99 26.00 -9.40
C LEU A 859 -30.38 27.34 -8.76
N VAL A 860 -29.41 28.00 -8.12
CA VAL A 860 -29.68 29.26 -7.44
C VAL A 860 -30.14 30.35 -8.41
N LYS A 861 -29.83 30.17 -9.69
CA LYS A 861 -30.31 31.10 -10.71
C LYS A 861 -31.79 30.87 -10.98
N LEU A 862 -32.23 29.62 -10.89
CA LEU A 862 -33.63 29.29 -11.08
C LEU A 862 -34.47 29.77 -9.91
N VAL A 863 -33.91 29.68 -8.71
CA VAL A 863 -34.57 30.16 -7.51
C VAL A 863 -34.78 31.67 -7.59
N ASP A 864 -33.76 32.36 -8.10
CA ASP A 864 -33.83 33.81 -8.27
C ASP A 864 -34.80 34.20 -9.38
N GLY A 865 -35.24 33.20 -10.15
CA GLY A 865 -36.20 33.42 -11.21
C GLY A 865 -35.66 34.33 -12.29
N LYS A 866 -34.40 34.11 -12.66
CA LYS A 866 -33.74 34.93 -13.67
C LYS A 866 -34.38 34.73 -15.04
N LYS A 867 -34.76 35.84 -15.67
CA LYS A 867 -35.47 35.79 -16.94
C LYS A 867 -34.52 36.00 -18.12
N LYS A 868 -33.31 36.48 -17.82
CA LYS A 868 -32.28 36.63 -18.84
C LYS A 868 -31.55 35.31 -19.07
N ILE A 869 -31.49 34.88 -20.32
CA ILE A 869 -30.88 33.60 -20.68
C ILE A 869 -29.37 33.64 -20.51
N GLU A 870 -28.79 34.82 -20.72
CA GLU A 870 -27.34 34.98 -20.65
C GLU A 870 -26.81 34.81 -19.23
N GLU A 871 -27.70 34.86 -18.25
CA GLU A 871 -27.32 34.65 -16.86
C GLU A 871 -27.02 33.18 -16.58
N TYR A 872 -27.68 32.30 -17.33
CA TYR A 872 -27.50 30.86 -17.17
C TYR A 872 -26.25 30.37 -17.90
N LYS A 873 -25.73 29.22 -17.49
CA LYS A 873 -24.48 28.69 -18.05
C LYS A 873 -24.47 27.17 -18.14
N ASN A 874 -24.26 26.65 -19.34
CA ASN A 874 -24.03 25.22 -19.56
C ASN A 874 -22.54 24.88 -19.46
N GLY A 875 -22.21 23.89 -18.64
CA GLY A 875 -20.81 23.55 -18.36
C GLY A 875 -20.29 22.32 -19.09
N PHE A 876 -19.00 22.33 -19.40
CA PHE A 876 -18.29 21.18 -19.96
C PHE A 876 -16.86 21.19 -19.46
N PHE A 877 -16.36 20.06 -18.98
CA PHE A 877 -14.99 20.00 -18.47
C PHE A 877 -14.30 18.63 -18.64
N ASN A 878 -12.97 18.66 -18.62
CA ASN A 878 -12.16 17.45 -18.55
C ASN A 878 -11.05 17.63 -17.52
N LEU A 879 -11.20 17.00 -16.36
CA LEU A 879 -10.24 17.17 -15.28
C LEU A 879 -8.87 16.61 -15.63
N ALA A 880 -8.81 15.75 -16.64
CA ALA A 880 -7.55 15.12 -17.02
C ALA A 880 -6.59 16.13 -17.67
N ILE A 881 -7.12 17.21 -18.21
CA ILE A 881 -6.30 18.19 -18.91
C ILE A 881 -6.59 19.62 -18.46
N GLY A 882 -7.26 19.75 -17.32
CA GLY A 882 -7.57 21.06 -16.76
C GLY A 882 -8.35 21.93 -17.72
N LEU A 883 -9.27 21.31 -18.44
CA LEU A 883 -10.09 22.01 -19.43
C LEU A 883 -11.47 22.30 -18.86
N PHE A 884 -11.81 23.59 -18.77
CA PHE A 884 -13.14 24.02 -18.37
C PHE A 884 -13.67 25.01 -19.39
N THR A 885 -14.95 24.85 -19.76
CA THR A 885 -15.59 25.75 -20.71
C THR A 885 -17.08 25.85 -20.42
N PHE A 886 -17.63 27.05 -20.63
CA PHE A 886 -19.03 27.32 -20.34
C PHE A 886 -19.67 28.07 -21.50
N SER A 887 -20.99 28.05 -21.55
CA SER A 887 -21.71 28.69 -22.65
C SER A 887 -23.15 29.01 -22.26
N ASP A 888 -23.67 30.10 -22.81
CA ASP A 888 -25.06 30.48 -22.60
C ASP A 888 -25.98 29.44 -23.23
N PRO A 889 -27.05 29.05 -22.51
CA PRO A 889 -28.02 28.14 -23.12
C PRO A 889 -28.63 28.68 -24.40
N ILE A 890 -28.94 27.81 -25.34
CA ILE A 890 -29.64 28.20 -26.56
C ILE A 890 -31.08 28.54 -26.21
N ALA A 891 -31.58 29.64 -26.78
CA ALA A 891 -32.95 30.06 -26.54
C ALA A 891 -33.93 29.14 -27.26
N SER A 892 -35.14 29.02 -26.72
CA SER A 892 -36.17 28.21 -27.35
C SER A 892 -36.58 28.83 -28.69
N PRO A 893 -36.78 28.00 -29.73
CA PRO A 893 -37.18 28.55 -31.03
C PRO A 893 -38.54 29.23 -30.98
N LYS A 894 -38.62 30.45 -31.50
CA LYS A 894 -39.86 31.22 -31.51
C LYS A 894 -40.52 31.15 -32.88
N MET A 895 -41.75 31.68 -32.95
CA MET A 895 -42.50 31.71 -34.20
C MET A 895 -43.72 32.61 -34.07
N LYS A 896 -43.64 33.81 -34.64
CA LYS A 896 -44.74 34.76 -34.56
C LYS A 896 -45.86 34.33 -35.51
N VAL A 897 -47.06 34.20 -34.96
CA VAL A 897 -48.22 33.70 -35.70
C VAL A 897 -49.41 34.62 -35.50
N ASN A 898 -49.94 35.14 -36.61
CA ASN A 898 -51.13 35.98 -36.62
C ASN A 898 -50.96 37.29 -35.84
N GLY A 899 -49.77 37.52 -35.28
CA GLY A 899 -49.52 38.74 -34.53
C GLY A 899 -48.36 38.61 -33.56
N LYS A 900 -48.64 37.96 -32.43
CA LYS A 900 -47.67 37.83 -31.35
C LYS A 900 -46.90 36.52 -31.41
N GLU A 901 -45.89 36.38 -30.56
CA GLU A 901 -45.01 35.21 -30.56
C GLU A 901 -45.57 33.99 -29.84
N ILE A 902 -45.28 32.81 -30.38
CA ILE A 902 -45.59 31.54 -29.73
C ILE A 902 -44.29 30.77 -29.53
N ASP A 903 -44.24 29.95 -28.49
CA ASP A 903 -43.06 29.15 -28.18
C ASP A 903 -43.24 27.71 -28.65
N LYS A 904 -42.50 27.32 -29.68
CA LYS A 904 -42.69 26.01 -30.30
C LYS A 904 -42.47 24.86 -29.32
N ILE A 905 -41.65 25.10 -28.30
CA ILE A 905 -41.34 24.07 -27.31
C ILE A 905 -42.30 24.09 -26.13
N TRP A 906 -42.55 25.28 -25.58
CA TRP A 906 -43.21 25.39 -24.29
C TRP A 906 -44.71 25.72 -24.37
N ASP A 907 -45.11 26.52 -25.33
CA ASP A 907 -46.53 26.86 -25.50
C ASP A 907 -47.30 25.65 -26.03
N ARG A 908 -48.60 25.62 -25.75
CA ARG A 908 -49.45 24.50 -26.12
C ARG A 908 -50.88 24.95 -26.44
N TYR A 909 -51.61 24.10 -27.15
CA TYR A 909 -53.05 24.30 -27.37
C TYR A 909 -53.85 23.49 -26.36
N ASN A 910 -54.79 24.14 -25.69
CA ASN A 910 -55.67 23.47 -24.73
C ASN A 910 -57.08 23.33 -25.28
N LEU A 911 -57.44 22.11 -25.69
CA LEU A 911 -58.73 21.84 -26.33
C LEU A 911 -59.54 20.79 -25.57
N PRO A 912 -60.88 20.76 -25.79
CA PRO A 912 -61.71 19.73 -25.17
C PRO A 912 -61.56 18.37 -25.84
N ASP A 913 -62.08 17.32 -25.20
CA ASP A 913 -62.09 15.99 -25.80
C ASP A 913 -63.09 15.93 -26.95
N CYS A 914 -62.83 16.72 -27.99
CA CYS A 914 -63.73 16.82 -29.13
C CYS A 914 -63.52 15.65 -30.10
N THR A 915 -64.17 15.73 -31.25
CA THR A 915 -64.01 14.71 -32.28
C THR A 915 -62.90 15.11 -33.24
N LEU A 916 -62.36 14.13 -33.96
CA LEU A 916 -61.28 14.38 -34.90
C LEU A 916 -61.69 15.40 -35.95
N GLN A 917 -62.93 15.28 -36.44
CA GLN A 917 -63.43 16.18 -37.47
C GLN A 917 -63.43 17.62 -36.98
N GLU A 918 -64.08 17.87 -35.85
CA GLU A 918 -64.25 19.23 -35.37
C GLU A 918 -62.97 19.76 -34.72
N LEU A 919 -61.97 18.88 -34.58
CA LEU A 919 -60.64 19.31 -34.15
C LEU A 919 -59.91 19.90 -35.36
N ILE A 920 -60.02 19.22 -36.49
CA ILE A 920 -59.46 19.72 -37.74
C ILE A 920 -60.18 21.02 -38.13
N ASP A 921 -61.48 21.08 -37.84
CA ASP A 921 -62.28 22.26 -38.13
C ASP A 921 -62.01 23.37 -37.11
N TYR A 922 -61.34 23.02 -36.02
CA TYR A 922 -60.96 24.03 -35.02
C TYR A 922 -59.76 24.82 -35.50
N PHE A 923 -58.79 24.12 -36.10
CA PHE A 923 -57.61 24.78 -36.66
C PHE A 923 -57.90 25.35 -38.05
N GLN A 924 -59.14 25.20 -38.49
CA GLN A 924 -59.54 25.66 -39.82
C GLN A 924 -59.51 27.19 -39.93
N LYS A 925 -60.09 27.87 -38.95
CA LYS A 925 -60.16 29.34 -38.95
C LYS A 925 -59.66 29.97 -37.66
N GLU A 926 -59.56 29.17 -36.59
CA GLU A 926 -59.01 29.67 -35.33
C GLU A 926 -57.51 29.88 -35.46
N GLU A 927 -56.91 29.21 -36.46
CA GLU A 927 -55.47 29.33 -36.71
C GLU A 927 -55.18 29.52 -38.19
N GLY A 928 -56.00 28.94 -39.05
CA GLY A 928 -55.81 29.03 -40.48
C GLY A 928 -54.77 28.03 -40.96
N LEU A 929 -54.91 26.79 -40.51
CA LEU A 929 -53.97 25.73 -40.87
C LEU A 929 -54.71 24.42 -41.08
N GLU A 930 -54.40 23.73 -42.17
CA GLU A 930 -54.99 22.42 -42.42
C GLU A 930 -54.16 21.33 -41.75
N VAL A 931 -54.79 20.56 -40.88
CA VAL A 931 -54.11 19.47 -40.20
C VAL A 931 -53.86 18.35 -41.20
N THR A 932 -52.62 18.27 -41.69
CA THR A 932 -52.26 17.26 -42.67
C THR A 932 -52.00 15.91 -42.03
N MET A 933 -51.70 15.92 -40.73
CA MET A 933 -51.37 14.69 -40.01
C MET A 933 -51.49 14.92 -38.51
N LEU A 934 -51.97 13.89 -37.80
CA LEU A 934 -52.18 13.95 -36.36
C LEU A 934 -51.68 12.68 -35.72
N SER A 935 -50.90 12.82 -34.64
CA SER A 935 -50.33 11.67 -33.94
C SER A 935 -50.39 11.84 -32.43
N SER A 936 -50.41 10.71 -31.73
CA SER A 936 -50.31 10.68 -30.28
C SER A 936 -49.19 9.75 -29.87
N GLY A 937 -48.11 10.32 -29.35
CA GLY A 937 -46.92 9.55 -29.07
C GLY A 937 -46.33 8.97 -30.35
N VAL A 938 -46.15 7.65 -30.36
CA VAL A 938 -45.60 6.98 -31.54
C VAL A 938 -46.72 6.51 -32.47
N SER A 939 -47.96 6.85 -32.14
CA SER A 939 -49.12 6.36 -32.88
C SER A 939 -49.68 7.40 -33.84
N LEU A 940 -49.94 6.96 -35.07
CA LEU A 940 -50.52 7.82 -36.10
C LEU A 940 -52.05 7.77 -36.04
N LEU A 941 -52.66 8.85 -35.54
CA LEU A 941 -54.12 8.91 -35.41
C LEU A 941 -54.79 9.20 -36.74
N TYR A 942 -54.25 10.18 -37.47
CA TYR A 942 -54.85 10.60 -38.72
C TYR A 942 -53.80 11.20 -39.65
N ALA A 943 -54.01 11.01 -40.96
CA ALA A 943 -53.18 11.63 -41.98
C ALA A 943 -54.03 11.83 -43.22
N ASN A 944 -53.81 12.95 -43.91
CA ASN A 944 -54.61 13.27 -45.08
C ASN A 944 -54.37 12.27 -46.22
N PHE A 945 -53.25 11.55 -46.16
CA PHE A 945 -52.91 10.59 -47.20
C PHE A 945 -53.49 9.21 -46.92
N GLN A 946 -54.08 9.03 -45.73
CA GLN A 946 -54.74 7.78 -45.40
C GLN A 946 -55.96 7.57 -46.29
N PRO A 947 -56.34 6.31 -46.53
CA PRO A 947 -57.45 6.01 -47.43
C PRO A 947 -58.79 6.52 -46.89
N PRO A 948 -59.67 7.03 -47.76
CA PRO A 948 -60.96 7.58 -47.32
C PRO A 948 -61.84 6.55 -46.62
N LYS A 949 -61.53 5.28 -46.82
CA LYS A 949 -62.34 4.19 -46.27
C LYS A 949 -62.34 4.18 -44.75
N LYS A 950 -61.20 4.50 -44.14
CA LYS A 950 -61.09 4.54 -42.68
C LYS A 950 -61.06 5.97 -42.17
N LEU A 951 -60.85 6.93 -43.06
CA LEU A 951 -60.98 8.34 -42.72
C LEU A 951 -62.41 8.62 -42.27
N ALA A 952 -63.37 8.23 -43.10
CA ALA A 952 -64.78 8.43 -42.80
C ALA A 952 -65.19 7.64 -41.57
N GLU A 953 -64.43 6.60 -41.25
CA GLU A 953 -64.72 5.76 -40.10
C GLU A 953 -64.21 6.41 -38.80
N ARG A 954 -63.03 7.01 -38.86
CA ARG A 954 -62.36 7.53 -37.68
C ARG A 954 -62.54 9.04 -37.47
N LEU A 955 -63.12 9.71 -38.45
CA LEU A 955 -63.34 11.16 -38.34
C LEU A 955 -64.34 11.56 -37.25
N PRO A 956 -65.46 10.83 -37.14
CA PRO A 956 -66.46 11.24 -36.14
C PRO A 956 -66.21 10.70 -34.73
N LEU A 957 -65.04 10.10 -34.51
CA LEU A 957 -64.69 9.56 -33.20
C LEU A 957 -64.04 10.63 -32.32
N LYS A 958 -64.33 10.59 -31.02
CA LYS A 958 -63.65 11.43 -30.06
C LYS A 958 -62.19 11.01 -29.95
N ILE A 959 -61.32 11.97 -29.65
CA ILE A 959 -59.89 11.71 -29.53
C ILE A 959 -59.66 10.59 -28.51
N SER A 960 -60.36 10.65 -27.39
CA SER A 960 -60.22 9.66 -26.34
C SER A 960 -60.57 8.26 -26.85
N GLU A 961 -61.62 8.17 -27.65
CA GLU A 961 -62.03 6.90 -28.24
C GLU A 961 -61.07 6.49 -29.35
N LEU A 962 -60.70 7.47 -30.17
CA LEU A 962 -59.81 7.24 -31.30
C LEU A 962 -58.46 6.68 -30.86
N VAL A 963 -57.94 7.22 -29.75
CA VAL A 963 -56.65 6.79 -29.22
C VAL A 963 -56.74 5.38 -28.64
N GLU A 964 -57.78 5.11 -27.86
CA GLU A 964 -57.97 3.80 -27.24
C GLU A 964 -58.11 2.71 -28.29
N GLN A 965 -58.66 3.07 -29.44
CA GLN A 965 -58.89 2.11 -30.51
C GLN A 965 -57.58 1.70 -31.19
N ILE A 966 -56.79 2.69 -31.58
CA ILE A 966 -55.56 2.43 -32.34
C ILE A 966 -54.49 1.79 -31.48
N THR A 967 -54.37 2.24 -30.23
CA THR A 967 -53.33 1.74 -29.33
C THR A 967 -53.66 0.38 -28.74
N LYS A 968 -54.89 -0.07 -28.93
CA LYS A 968 -55.36 -1.35 -28.37
C LYS A 968 -55.17 -1.37 -26.85
N LYS A 969 -55.24 -0.19 -26.24
CA LYS A 969 -55.14 -0.07 -24.79
C LYS A 969 -56.11 1.00 -24.28
N LYS A 970 -56.80 0.70 -23.18
CA LYS A 970 -57.77 1.62 -22.62
C LYS A 970 -57.05 2.66 -21.76
N LEU A 971 -57.46 3.93 -21.89
CA LEU A 971 -56.85 5.00 -21.13
C LEU A 971 -56.95 4.74 -19.64
N GLU A 972 -55.82 4.83 -18.95
CA GLU A 972 -55.76 4.60 -17.51
C GLU A 972 -56.54 5.70 -16.79
N PRO A 973 -57.09 5.38 -15.61
CA PRO A 973 -57.96 6.34 -14.90
C PRO A 973 -57.24 7.62 -14.48
N PHE A 974 -55.97 7.51 -14.10
CA PHE A 974 -55.22 8.67 -13.62
C PHE A 974 -54.91 9.66 -14.76
N ARG A 975 -55.17 9.24 -15.99
CA ARG A 975 -54.91 10.10 -17.14
C ARG A 975 -56.01 11.14 -17.29
N LYS A 976 -55.64 12.40 -17.13
CA LYS A 976 -56.58 13.51 -17.18
C LYS A 976 -56.29 14.41 -18.37
N HIS A 977 -55.20 14.12 -19.08
CA HIS A 977 -54.82 14.85 -20.27
C HIS A 977 -54.41 13.89 -21.38
N LEU A 978 -54.15 14.43 -22.57
CA LEU A 978 -53.75 13.63 -23.71
C LEU A 978 -53.03 14.52 -24.72
N VAL A 979 -51.78 14.20 -25.01
CA VAL A 979 -50.94 15.05 -25.84
C VAL A 979 -50.89 14.58 -27.29
N LEU A 980 -51.23 15.50 -28.19
CA LEU A 980 -51.24 15.26 -29.63
C LEU A 980 -50.23 16.18 -30.31
N GLU A 981 -49.72 15.74 -31.44
CA GLU A 981 -48.83 16.54 -32.28
C GLU A 981 -49.36 16.51 -33.70
N ILE A 982 -49.28 17.64 -34.39
CA ILE A 982 -49.82 17.75 -35.74
C ILE A 982 -48.85 18.43 -36.71
N CYS A 983 -48.83 17.93 -37.94
CA CYS A 983 -48.17 18.61 -39.04
C CYS A 983 -49.20 19.49 -39.73
N CYS A 984 -48.82 20.75 -39.97
CA CYS A 984 -49.77 21.73 -40.48
C CYS A 984 -49.20 22.52 -41.65
N ASP A 985 -50.00 22.63 -42.70
CA ASP A 985 -49.67 23.46 -43.86
C ASP A 985 -50.56 24.68 -43.90
N ASP A 986 -49.96 25.84 -44.13
CA ASP A 986 -50.74 27.06 -44.33
C ASP A 986 -51.28 27.06 -45.76
N ALA A 987 -52.33 27.84 -46.00
CA ALA A 987 -52.94 27.89 -47.33
C ALA A 987 -51.95 28.40 -48.37
N ASN A 988 -50.97 27.56 -48.69
CA ASN A 988 -49.91 27.93 -49.63
C ASN A 988 -49.26 26.69 -50.26
N GLY A 989 -49.14 25.62 -49.47
CA GLY A 989 -48.62 24.36 -49.97
C GLY A 989 -47.54 23.76 -49.08
N GLU A 990 -46.79 24.62 -48.39
CA GLU A 990 -45.67 24.17 -47.57
C GLU A 990 -46.04 24.02 -46.11
N ASP A 991 -45.28 23.21 -45.39
CA ASP A 991 -45.58 22.85 -44.01
C ASP A 991 -45.08 23.87 -42.99
N VAL A 992 -45.72 23.89 -41.82
CA VAL A 992 -45.35 24.77 -40.72
C VAL A 992 -45.50 24.03 -39.39
N GLU A 993 -44.39 23.77 -38.73
CA GLU A 993 -44.41 23.10 -37.42
C GLU A 993 -45.03 24.03 -36.37
N VAL A 994 -45.84 23.45 -35.50
CA VAL A 994 -46.68 24.21 -34.58
C VAL A 994 -46.65 23.59 -33.18
N PRO A 995 -46.81 24.41 -32.13
CA PRO A 995 -46.88 23.87 -30.76
C PRO A 995 -47.86 22.70 -30.62
N PHE A 996 -47.60 21.84 -29.64
CA PHE A 996 -48.39 20.62 -29.45
C PHE A 996 -49.74 20.93 -28.81
N ILE A 997 -50.58 19.91 -28.71
CA ILE A 997 -51.96 20.04 -28.24
C ILE A 997 -52.21 19.22 -26.98
N CYS A 998 -52.83 19.84 -25.98
CA CYS A 998 -53.22 19.15 -24.76
C CYS A 998 -54.74 18.99 -24.69
N ILE A 999 -55.19 17.74 -24.83
CA ILE A 999 -56.60 17.40 -24.76
C ILE A 999 -57.04 17.12 -23.33
N LYS A 1000 -58.06 17.85 -22.87
CA LYS A 1000 -58.60 17.65 -21.52
C LYS A 1000 -59.79 16.71 -21.55
N LEU A 1001 -59.73 15.66 -20.71
CA LEU A 1001 -60.78 14.65 -20.67
C LEU A 1001 -61.84 15.01 -19.63
N MET B 21 -6.90 33.53 -42.02
CA MET B 21 -6.48 33.44 -40.60
C MET B 21 -6.46 31.99 -40.12
N GLN B 22 -6.19 31.80 -38.84
CA GLN B 22 -6.05 30.47 -38.25
C GLN B 22 -6.73 30.39 -36.89
N ILE B 23 -7.53 29.34 -36.69
CA ILE B 23 -8.21 29.11 -35.42
C ILE B 23 -7.88 27.72 -34.90
N PHE B 24 -8.29 27.46 -33.66
CA PHE B 24 -8.08 26.16 -33.05
C PHE B 24 -9.41 25.60 -32.52
N VAL B 25 -9.58 24.29 -32.65
CA VAL B 25 -10.77 23.61 -32.13
C VAL B 25 -10.31 22.45 -31.24
N ARG B 26 -10.31 22.69 -29.94
CA ARG B 26 -9.87 21.67 -28.98
C ARG B 26 -11.05 20.85 -28.48
N THR B 27 -10.88 19.53 -28.47
CA THR B 27 -11.95 18.63 -28.03
C THR B 27 -11.87 18.34 -26.54
N LEU B 28 -12.94 17.80 -25.99
CA LEU B 28 -13.00 17.46 -24.58
C LEU B 28 -11.98 16.38 -24.24
N THR B 29 -11.52 15.64 -25.25
CA THR B 29 -10.54 14.58 -25.05
C THR B 29 -9.11 15.10 -25.04
N GLY B 30 -8.93 16.35 -25.47
CA GLY B 30 -7.62 16.99 -25.48
C GLY B 30 -7.07 17.22 -26.87
N ARG B 31 -7.65 16.53 -27.86
CA ARG B 31 -7.22 16.66 -29.25
C ARG B 31 -7.41 18.08 -29.74
N THR B 32 -6.39 18.61 -30.42
CA THR B 32 -6.43 19.96 -30.95
C THR B 32 -6.48 19.94 -32.48
N ILE B 33 -7.52 20.56 -33.03
CA ILE B 33 -7.67 20.70 -34.48
C ILE B 33 -7.40 22.14 -34.90
N THR B 34 -6.43 22.32 -35.79
CA THR B 34 -6.13 23.64 -36.36
C THR B 34 -6.85 23.79 -37.69
N LEU B 35 -7.33 24.98 -37.98
CA LEU B 35 -8.08 25.23 -39.21
C LEU B 35 -7.74 26.58 -39.84
N GLU B 36 -7.43 26.56 -41.13
CA GLU B 36 -7.32 27.79 -41.91
C GLU B 36 -8.71 28.21 -42.35
N VAL B 37 -9.22 29.28 -41.73
CA VAL B 37 -10.62 29.67 -41.91
C VAL B 37 -10.74 31.10 -42.41
N GLU B 38 -11.68 31.33 -43.31
CA GLU B 38 -12.02 32.66 -43.77
C GLU B 38 -12.93 33.33 -42.75
N SER B 39 -12.76 34.65 -42.56
CA SER B 39 -13.64 35.39 -41.67
C SER B 39 -15.07 35.38 -42.20
N SER B 40 -15.23 34.99 -43.46
CA SER B 40 -16.54 34.90 -44.09
C SER B 40 -17.19 33.52 -43.90
N ASP B 41 -16.37 32.52 -43.58
CA ASP B 41 -16.87 31.16 -43.40
C ASP B 41 -18.00 31.08 -42.39
N THR B 42 -19.00 30.28 -42.70
CA THR B 42 -20.16 30.08 -41.82
C THR B 42 -19.83 29.01 -40.78
N ILE B 43 -20.61 28.98 -39.70
CA ILE B 43 -20.44 27.96 -38.68
C ILE B 43 -20.75 26.59 -39.29
N ASP B 44 -21.71 26.57 -40.22
CA ASP B 44 -22.05 25.36 -40.95
C ASP B 44 -20.85 24.82 -41.71
N ASN B 45 -20.08 25.74 -42.33
CA ASN B 45 -18.88 25.38 -43.05
C ASN B 45 -17.87 24.70 -42.12
N VAL B 46 -17.71 25.28 -40.93
CA VAL B 46 -16.76 24.77 -39.95
C VAL B 46 -17.21 23.41 -39.42
N ARG B 47 -18.50 23.28 -39.12
CA ARG B 47 -19.05 22.01 -38.64
C ARG B 47 -18.83 20.88 -39.64
N ALA B 48 -18.94 21.22 -40.92
CA ALA B 48 -18.76 20.24 -41.98
C ALA B 48 -17.32 19.75 -42.04
N ARG B 49 -16.37 20.66 -41.84
CA ARG B 49 -14.95 20.29 -41.85
C ARG B 49 -14.57 19.41 -40.66
N ILE B 50 -15.17 19.68 -39.51
CA ILE B 50 -14.84 18.92 -38.31
C ILE B 50 -15.37 17.49 -38.44
N GLN B 51 -16.48 17.31 -39.15
CA GLN B 51 -17.00 15.97 -39.40
C GLN B 51 -16.05 15.19 -40.30
N ASP B 52 -15.39 15.90 -41.21
CA ASP B 52 -14.52 15.28 -42.20
C ASP B 52 -13.16 14.88 -41.64
N ARG B 53 -12.96 15.10 -40.33
CA ARG B 53 -11.68 14.76 -39.70
C ARG B 53 -11.86 14.40 -38.23
N GLU B 54 -13.03 13.87 -37.88
CA GLU B 54 -13.26 13.32 -36.55
C GLU B 54 -14.39 12.29 -36.59
N GLY B 55 -15.35 12.51 -37.48
CA GLY B 55 -16.38 11.54 -37.75
C GLY B 55 -17.62 11.65 -36.89
N ILE B 56 -17.99 12.88 -36.54
CA ILE B 56 -19.25 13.13 -35.83
C ILE B 56 -20.07 14.13 -36.64
N PRO B 57 -21.37 13.82 -36.86
CA PRO B 57 -22.22 14.74 -37.65
C PRO B 57 -22.34 16.12 -37.02
N PRO B 58 -22.66 17.15 -37.83
CA PRO B 58 -22.77 18.53 -37.34
C PRO B 58 -23.76 18.71 -36.19
N ASP B 59 -24.89 18.03 -36.25
CA ASP B 59 -25.95 18.21 -35.25
C ASP B 59 -25.56 17.63 -33.89
N GLN B 60 -24.44 16.94 -33.84
CA GLN B 60 -23.96 16.34 -32.60
C GLN B 60 -22.73 17.08 -32.08
N GLN B 61 -22.19 17.96 -32.91
CA GLN B 61 -21.10 18.84 -32.52
C GLN B 61 -21.64 20.01 -31.70
N ARG B 62 -20.92 20.35 -30.63
CA ARG B 62 -21.23 21.52 -29.83
C ARG B 62 -19.99 22.40 -29.74
N LEU B 63 -19.99 23.49 -30.49
CA LEU B 63 -18.85 24.41 -30.52
C LEU B 63 -19.13 25.59 -29.58
N ILE B 64 -18.10 25.99 -28.83
CA ILE B 64 -18.22 27.10 -27.89
C ILE B 64 -17.08 28.09 -28.10
N PHE B 65 -17.43 29.38 -28.08
CA PHE B 65 -16.43 30.43 -28.19
C PHE B 65 -16.78 31.65 -27.33
N ALA B 66 -15.90 31.97 -26.40
CA ALA B 66 -16.03 33.16 -25.56
C ALA B 66 -17.36 33.19 -24.80
N GLY B 67 -17.82 32.01 -24.40
CA GLY B 67 -18.98 31.90 -23.52
C GLY B 67 -20.33 31.84 -24.21
N ARG B 68 -20.34 31.55 -25.50
CA ARG B 68 -21.60 31.32 -26.21
C ARG B 68 -21.46 30.19 -27.22
N GLN B 69 -22.51 29.40 -27.32
CA GLN B 69 -22.54 28.24 -28.20
C GLN B 69 -22.84 28.68 -29.62
N LEU B 70 -21.95 28.35 -30.55
CA LEU B 70 -22.10 28.75 -31.94
C LEU B 70 -23.32 28.10 -32.58
N GLU B 71 -24.12 28.91 -33.26
CA GLU B 71 -25.33 28.43 -33.92
C GLU B 71 -25.17 28.54 -35.43
N ASP B 72 -25.94 27.72 -36.15
CA ASP B 72 -25.88 27.70 -37.61
C ASP B 72 -26.48 28.96 -38.22
N GLY B 73 -26.10 29.25 -39.46
CA GLY B 73 -26.60 30.41 -40.17
C GLY B 73 -25.72 31.62 -40.03
N ARG B 74 -24.96 31.68 -38.94
CA ARG B 74 -24.05 32.79 -38.68
C ARG B 74 -22.65 32.50 -39.22
N THR B 75 -21.74 33.45 -39.06
CA THR B 75 -20.35 33.29 -39.47
C THR B 75 -19.39 33.49 -38.31
N LEU B 76 -18.13 33.19 -38.54
CA LEU B 76 -17.08 33.41 -37.55
C LEU B 76 -17.01 34.89 -37.18
N ALA B 77 -17.20 35.75 -38.18
CA ALA B 77 -17.13 37.20 -37.98
C ALA B 77 -18.25 37.68 -37.05
N ASP B 78 -19.40 37.03 -37.11
CA ASP B 78 -20.54 37.40 -36.27
C ASP B 78 -20.22 37.19 -34.80
N TYR B 79 -19.24 36.33 -34.54
CA TYR B 79 -18.79 36.06 -33.17
C TYR B 79 -17.44 36.72 -32.90
N ASN B 80 -16.95 37.48 -33.88
CA ASN B 80 -15.62 38.10 -33.81
C ASN B 80 -14.55 37.06 -33.49
N ILE B 81 -14.50 36.02 -34.31
CA ILE B 81 -13.50 34.97 -34.16
C ILE B 81 -12.30 35.29 -35.03
N GLN B 82 -11.36 36.08 -34.48
CA GLN B 82 -10.17 36.46 -35.21
C GLN B 82 -9.12 35.35 -35.16
N ARG B 83 -7.93 35.65 -35.65
CA ARG B 83 -6.84 34.68 -35.67
C ARG B 83 -6.44 34.23 -34.26
N GLU B 84 -5.87 33.03 -34.17
CA GLU B 84 -5.40 32.46 -32.91
C GLU B 84 -6.54 32.27 -31.90
N SER B 85 -7.77 32.40 -32.36
CA SER B 85 -8.93 32.15 -31.52
C SER B 85 -9.07 30.65 -31.30
N THR B 86 -9.54 30.26 -30.12
CA THR B 86 -9.69 28.85 -29.77
C THR B 86 -11.16 28.52 -29.50
N LEU B 87 -11.68 27.58 -30.28
CA LEU B 87 -13.03 27.06 -30.07
C LEU B 87 -12.93 25.75 -29.29
N HIS B 88 -13.99 25.42 -28.56
CA HIS B 88 -14.05 24.18 -27.80
C HIS B 88 -15.15 23.28 -28.34
N LEU B 89 -14.76 22.11 -28.81
CA LEU B 89 -15.70 21.11 -29.28
C LEU B 89 -16.06 20.16 -28.15
N VAL B 90 -17.24 20.35 -27.57
CA VAL B 90 -17.67 19.58 -26.41
C VAL B 90 -18.82 18.65 -26.75
N LEU B 91 -19.21 17.84 -25.78
CA LEU B 91 -20.36 16.96 -25.91
C LEU B 91 -20.99 16.72 -24.55
N ARG B 92 -22.20 16.18 -24.54
CA ARG B 92 -22.85 15.80 -23.29
C ARG B 92 -22.52 14.35 -23.01
N LEU B 93 -22.52 13.99 -21.73
CA LEU B 93 -22.12 12.67 -21.30
C LEU B 93 -23.29 11.99 -20.61
N ARG B 94 -23.29 10.66 -20.59
CA ARG B 94 -24.47 9.91 -20.17
C ARG B 94 -24.31 9.27 -18.79
N GLY B 95 -23.08 9.20 -18.30
CA GLY B 95 -22.80 8.54 -17.04
C GLY B 95 -23.39 9.27 -15.85
N GLY B 96 -23.47 8.59 -14.71
CA GLY B 96 -23.98 9.18 -13.49
C GLY B 96 -23.51 8.44 -12.26
N MET C 1 -47.17 14.50 -22.19
CA MET C 1 -45.78 14.34 -22.68
C MET C 1 -45.68 14.64 -24.18
N PRO C 2 -44.88 15.65 -24.57
CA PRO C 2 -44.68 15.91 -26.00
C PRO C 2 -43.92 14.79 -26.70
N SER C 3 -43.66 14.95 -27.98
CA SER C 3 -43.00 13.92 -28.78
C SER C 3 -41.51 14.21 -28.91
N SER C 4 -40.71 13.15 -28.98
CA SER C 4 -39.27 13.28 -29.18
C SER C 4 -38.98 13.78 -30.58
N ALA C 5 -37.70 13.99 -30.88
CA ALA C 5 -37.28 14.38 -32.22
C ALA C 5 -37.44 13.20 -33.17
N SER C 6 -37.25 12.00 -32.64
CA SER C 6 -37.38 10.77 -33.42
C SER C 6 -38.78 10.65 -34.03
N GLU C 7 -39.79 10.81 -33.18
CA GLU C 7 -41.18 10.68 -33.61
C GLU C 7 -41.55 11.72 -34.67
N GLN C 8 -41.09 12.95 -34.48
CA GLN C 8 -41.40 14.04 -35.39
C GLN C 8 -40.78 13.78 -36.77
N LEU C 9 -39.54 13.30 -36.78
CA LEU C 9 -38.83 13.07 -38.01
C LEU C 9 -39.46 11.95 -38.83
N LEU C 10 -39.92 10.90 -38.14
CA LEU C 10 -40.54 9.78 -38.82
C LEU C 10 -41.86 10.17 -39.47
N ARG C 11 -42.60 11.06 -38.81
CA ARG C 11 -43.85 11.56 -39.37
C ARG C 11 -43.60 12.27 -40.69
N LYS C 12 -42.72 13.27 -40.65
CA LYS C 12 -42.41 14.06 -41.85
C LYS C 12 -41.87 13.19 -42.97
N GLN C 13 -41.07 12.19 -42.62
CA GLN C 13 -40.50 11.28 -43.61
C GLN C 13 -41.56 10.30 -44.13
N LEU C 14 -42.47 9.89 -43.25
CA LEU C 14 -43.59 9.02 -43.66
C LEU C 14 -44.52 9.78 -44.59
N LYS C 15 -44.72 11.06 -44.28
CA LYS C 15 -45.58 11.92 -45.08
C LYS C 15 -45.00 12.12 -46.47
N GLU C 16 -43.70 12.43 -46.54
CA GLU C 16 -43.03 12.70 -47.80
C GLU C 16 -42.95 11.48 -48.72
N ILE C 17 -42.64 10.32 -48.14
CA ILE C 17 -42.55 9.10 -48.94
C ILE C 17 -43.95 8.70 -49.40
N GLN C 18 -44.93 8.90 -48.52
CA GLN C 18 -46.32 8.59 -48.85
C GLN C 18 -47.01 9.82 -49.42
N LYS C 19 -46.25 10.60 -50.20
CA LYS C 19 -46.79 11.77 -50.90
C LYS C 19 -46.48 11.58 -52.38
N ASN C 20 -45.19 11.52 -52.69
CA ASN C 20 -44.72 11.23 -54.05
C ASN C 20 -43.91 9.94 -54.04
N PRO C 21 -44.58 8.79 -53.85
CA PRO C 21 -43.87 7.51 -53.67
C PRO C 21 -42.99 7.12 -54.86
N PRO C 22 -41.67 6.98 -54.64
CA PRO C 22 -40.79 6.53 -55.72
C PRO C 22 -41.11 5.10 -56.14
N GLN C 23 -41.28 4.89 -57.44
CA GLN C 23 -41.65 3.58 -57.97
C GLN C 23 -40.63 2.50 -57.66
N GLY C 24 -41.13 1.28 -57.45
CA GLY C 24 -40.32 0.13 -57.12
C GLY C 24 -40.69 -0.48 -55.78
N PHE C 25 -41.14 0.36 -54.86
CA PHE C 25 -41.57 -0.12 -53.54
C PHE C 25 -42.78 0.66 -53.03
N SER C 26 -43.53 0.04 -52.13
CA SER C 26 -44.59 0.69 -51.37
C SER C 26 -44.26 0.71 -49.89
N VAL C 27 -44.56 1.83 -49.24
CA VAL C 27 -44.24 2.01 -47.82
C VAL C 27 -45.50 2.31 -47.01
N GLY C 28 -45.64 1.62 -45.89
CA GLY C 28 -46.74 1.83 -44.97
C GLY C 28 -46.34 1.34 -43.60
N LEU C 29 -47.22 1.52 -42.63
CA LEU C 29 -46.95 1.04 -41.27
C LEU C 29 -47.52 -0.37 -41.09
N VAL C 30 -46.76 -1.22 -40.40
CA VAL C 30 -47.26 -2.53 -39.98
C VAL C 30 -48.57 -2.32 -39.22
N ASP C 31 -48.60 -1.27 -38.42
CA ASP C 31 -49.78 -0.87 -37.68
C ASP C 31 -49.65 0.61 -37.33
N ASP C 32 -50.76 1.34 -37.38
CA ASP C 32 -50.76 2.75 -36.99
C ASP C 32 -50.42 2.89 -35.51
N LYS C 33 -50.49 1.78 -34.79
CA LYS C 33 -50.03 1.69 -33.41
C LYS C 33 -48.64 2.29 -33.23
N SER C 34 -47.79 2.16 -34.25
CA SER C 34 -46.42 2.65 -34.17
C SER C 34 -45.87 3.09 -35.52
N ILE C 35 -45.29 4.28 -35.56
CA ILE C 35 -44.64 4.79 -36.76
C ILE C 35 -43.19 4.35 -36.82
N PHE C 36 -42.76 3.57 -35.83
CA PHE C 36 -41.39 3.08 -35.77
C PHE C 36 -41.26 1.71 -36.43
N GLU C 37 -42.38 1.17 -36.91
CA GLU C 37 -42.40 -0.12 -37.58
C GLU C 37 -43.08 0.00 -38.95
N TRP C 38 -42.25 0.18 -39.97
CA TRP C 38 -42.73 0.25 -41.34
C TRP C 38 -42.65 -1.13 -41.98
N GLU C 39 -43.61 -1.42 -42.86
CA GLU C 39 -43.53 -2.59 -43.73
C GLU C 39 -43.28 -2.08 -45.14
N VAL C 40 -42.46 -2.82 -45.89
CA VAL C 40 -42.10 -2.42 -47.25
C VAL C 40 -42.26 -3.57 -48.22
N MET C 41 -43.05 -3.33 -49.28
CA MET C 41 -43.19 -4.30 -50.36
C MET C 41 -42.39 -3.82 -51.56
N ILE C 42 -41.42 -4.63 -51.98
CA ILE C 42 -40.51 -4.27 -53.06
C ILE C 42 -40.75 -5.14 -54.30
N ILE C 43 -40.91 -4.49 -55.45
CA ILE C 43 -40.96 -5.19 -56.71
C ILE C 43 -39.54 -5.56 -57.11
N GLY C 44 -39.35 -6.83 -57.45
CA GLY C 44 -38.07 -7.30 -57.97
C GLY C 44 -37.63 -6.43 -59.14
N PRO C 45 -36.46 -5.77 -59.02
CA PRO C 45 -36.04 -4.82 -60.05
C PRO C 45 -36.01 -5.42 -61.45
N GLU C 46 -36.34 -4.60 -62.45
CA GLU C 46 -36.38 -5.04 -63.84
C GLU C 46 -35.01 -5.55 -64.29
N ASP C 47 -35.03 -6.57 -65.15
CA ASP C 47 -33.84 -7.15 -65.76
C ASP C 47 -32.97 -7.97 -64.79
N THR C 48 -33.06 -7.68 -63.50
CA THR C 48 -32.24 -8.38 -62.51
C THR C 48 -32.71 -9.82 -62.31
N LEU C 49 -31.99 -10.56 -61.48
CA LEU C 49 -32.33 -11.96 -61.20
C LEU C 49 -33.70 -12.08 -60.55
N TYR C 50 -34.14 -10.99 -59.92
CA TYR C 50 -35.33 -11.02 -59.08
C TYR C 50 -36.58 -10.43 -59.76
N GLU C 51 -36.44 -9.99 -61.01
CA GLU C 51 -37.54 -9.33 -61.71
C GLU C 51 -38.80 -10.18 -61.71
N GLY C 52 -39.95 -9.52 -61.61
CA GLY C 52 -41.23 -10.20 -61.55
C GLY C 52 -41.60 -10.59 -60.12
N GLY C 53 -40.60 -10.62 -59.25
CA GLY C 53 -40.81 -11.01 -57.87
C GLY C 53 -41.43 -9.91 -57.03
N PHE C 54 -41.99 -10.30 -55.89
CA PHE C 54 -42.64 -9.38 -54.98
C PHE C 54 -42.18 -9.68 -53.55
N PHE C 55 -41.32 -8.81 -53.01
CA PHE C 55 -40.68 -9.05 -51.73
C PHE C 55 -41.17 -8.11 -50.64
N HIS C 56 -41.56 -8.68 -49.52
CA HIS C 56 -42.04 -7.93 -48.37
C HIS C 56 -40.93 -7.85 -47.32
N ALA C 57 -40.74 -6.66 -46.77
CA ALA C 57 -39.72 -6.44 -45.76
C ALA C 57 -40.24 -5.54 -44.65
N THR C 58 -39.45 -5.42 -43.58
CA THR C 58 -39.81 -4.59 -42.44
C THR C 58 -38.67 -3.67 -42.04
N LEU C 59 -38.91 -2.36 -42.13
CA LEU C 59 -37.97 -1.37 -41.58
C LEU C 59 -38.30 -1.09 -40.13
N SER C 60 -37.46 -1.59 -39.23
CA SER C 60 -37.59 -1.32 -37.80
C SER C 60 -36.66 -0.19 -37.41
N PHE C 61 -37.25 0.95 -37.03
CA PHE C 61 -36.47 2.13 -36.65
C PHE C 61 -36.17 2.15 -35.16
N PRO C 62 -34.90 2.42 -34.79
CA PRO C 62 -34.54 2.46 -33.37
C PRO C 62 -35.10 3.68 -32.65
N GLN C 63 -35.27 3.56 -31.34
CA GLN C 63 -35.80 4.64 -30.50
C GLN C 63 -34.98 5.93 -30.61
N ASP C 64 -33.70 5.81 -30.93
CA ASP C 64 -32.81 6.98 -31.00
C ASP C 64 -32.50 7.38 -32.44
N TYR C 65 -33.32 6.91 -33.37
CA TYR C 65 -33.24 7.33 -34.76
C TYR C 65 -33.32 8.86 -34.82
N PRO C 66 -32.54 9.51 -35.69
CA PRO C 66 -31.64 8.98 -36.73
C PRO C 66 -30.17 8.82 -36.31
N LEU C 67 -29.87 8.84 -35.02
CA LEU C 67 -28.51 8.57 -34.57
C LEU C 67 -28.06 7.19 -35.02
N MET C 68 -29.00 6.25 -35.00
CA MET C 68 -28.77 4.88 -35.44
C MET C 68 -29.59 4.59 -36.69
N PRO C 69 -29.15 3.62 -37.51
CA PRO C 69 -29.92 3.29 -38.70
C PRO C 69 -31.09 2.36 -38.39
N PRO C 70 -32.04 2.23 -39.31
CA PRO C 70 -33.09 1.23 -39.14
C PRO C 70 -32.59 -0.16 -39.53
N LYS C 71 -33.27 -1.20 -39.08
CA LYS C 71 -32.93 -2.55 -39.50
C LYS C 71 -33.99 -3.07 -40.47
N MET C 72 -33.51 -3.57 -41.61
CA MET C 72 -34.39 -4.07 -42.66
C MET C 72 -34.33 -5.59 -42.71
N LYS C 73 -35.48 -6.23 -42.55
CA LYS C 73 -35.60 -7.68 -42.63
C LYS C 73 -36.57 -8.09 -43.72
N PHE C 74 -36.11 -8.92 -44.64
CA PHE C 74 -37.00 -9.54 -45.63
C PHE C 74 -37.81 -10.63 -44.95
N THR C 75 -39.13 -10.53 -45.06
CA THR C 75 -40.03 -11.56 -44.56
C THR C 75 -40.22 -12.61 -45.66
N THR C 76 -40.28 -12.13 -46.90
CA THR C 76 -40.32 -13.00 -48.07
C THR C 76 -39.02 -13.80 -48.16
N GLU C 77 -39.15 -15.08 -48.45
CA GLU C 77 -37.98 -15.94 -48.63
C GLU C 77 -37.16 -15.44 -49.79
N ILE C 78 -35.88 -15.20 -49.55
CA ILE C 78 -34.99 -14.67 -50.58
C ILE C 78 -33.61 -15.30 -50.46
N TRP C 79 -32.90 -15.34 -51.58
CA TRP C 79 -31.59 -15.97 -51.66
C TRP C 79 -30.59 -14.96 -52.21
N HIS C 80 -29.80 -14.37 -51.31
CA HIS C 80 -28.91 -13.28 -51.68
C HIS C 80 -27.69 -13.26 -50.76
N PRO C 81 -26.50 -12.95 -51.30
CA PRO C 81 -25.29 -12.96 -50.46
C PRO C 81 -25.34 -11.95 -49.32
N ASN C 82 -25.95 -10.79 -49.57
CA ASN C 82 -26.00 -9.72 -48.57
C ASN C 82 -27.23 -9.80 -47.67
N VAL C 83 -27.96 -10.90 -47.75
CA VAL C 83 -29.16 -11.09 -46.95
C VAL C 83 -29.05 -12.36 -46.14
N HIS C 84 -28.97 -12.19 -44.82
CA HIS C 84 -28.85 -13.31 -43.89
C HIS C 84 -30.08 -14.21 -44.02
N PRO C 85 -29.90 -15.54 -43.80
CA PRO C 85 -31.05 -16.45 -43.88
C PRO C 85 -32.25 -16.06 -43.03
N ASN C 86 -32.02 -15.36 -41.92
CA ASN C 86 -33.12 -14.91 -41.07
C ASN C 86 -33.86 -13.72 -41.68
N GLY C 87 -33.32 -13.18 -42.78
CA GLY C 87 -33.99 -12.14 -43.53
C GLY C 87 -33.30 -10.78 -43.46
N GLU C 88 -32.39 -10.62 -42.51
CA GLU C 88 -31.77 -9.32 -42.26
C GLU C 88 -30.85 -8.88 -43.39
N VAL C 89 -31.04 -7.65 -43.84
CA VAL C 89 -30.24 -7.06 -44.91
C VAL C 89 -28.95 -6.47 -44.34
N CYS C 90 -27.83 -6.77 -44.99
CA CYS C 90 -26.52 -6.29 -44.54
C CYS C 90 -25.81 -5.54 -45.68
N ILE C 91 -25.92 -4.21 -45.65
CA ILE C 91 -25.23 -3.35 -46.60
C ILE C 91 -24.60 -2.18 -45.87
N SER C 92 -23.69 -1.48 -46.54
CA SER C 92 -22.88 -0.43 -45.91
C SER C 92 -23.72 0.66 -45.27
N ILE C 93 -24.69 1.19 -46.01
CA ILE C 93 -25.47 2.33 -45.57
C ILE C 93 -26.23 2.05 -44.26
N LEU C 94 -26.44 0.77 -43.97
CA LEU C 94 -27.16 0.37 -42.77
C LEU C 94 -26.23 -0.05 -41.63
N HIS C 95 -24.92 0.06 -41.87
CA HIS C 95 -23.94 -0.27 -40.83
C HIS C 95 -23.86 0.89 -39.85
N PRO C 96 -23.80 0.59 -38.54
CA PRO C 96 -23.74 1.71 -37.58
C PRO C 96 -22.48 2.58 -37.75
N PRO C 97 -22.50 3.81 -37.19
CA PRO C 97 -21.36 4.72 -37.21
C PRO C 97 -20.18 4.21 -36.37
N GLY C 98 -18.93 4.41 -36.79
CA GLY C 98 -18.57 5.18 -37.98
C GLY C 98 -17.18 4.83 -38.47
N ASP C 99 -16.17 5.58 -38.04
CA ASP C 99 -14.80 5.32 -38.46
C ASP C 99 -14.25 4.08 -37.77
N ASP C 100 -12.93 4.03 -37.62
CA ASP C 100 -12.26 3.00 -36.83
C ASP C 100 -12.34 1.61 -37.50
N LYS C 101 -11.45 0.69 -37.15
CA LYS C 101 -10.36 0.92 -36.20
C LYS C 101 -9.06 1.23 -36.92
N TYR C 102 -8.72 0.38 -37.89
CA TYR C 102 -7.43 0.45 -38.55
C TYR C 102 -7.41 1.50 -39.66
N GLY C 103 -8.58 1.89 -40.14
CA GLY C 103 -8.71 2.94 -41.14
C GLY C 103 -9.06 2.40 -42.51
N TYR C 104 -9.93 1.39 -42.54
CA TYR C 104 -10.37 0.79 -43.80
C TYR C 104 -11.64 1.46 -44.32
N GLU C 105 -12.70 1.41 -43.52
CA GLU C 105 -13.99 1.98 -43.91
C GLU C 105 -14.23 3.31 -43.19
N ASP C 106 -14.55 4.34 -43.96
CA ASP C 106 -14.73 5.69 -43.42
C ASP C 106 -16.14 5.85 -42.85
N ALA C 107 -16.36 6.95 -42.13
CA ALA C 107 -17.65 7.19 -41.48
C ALA C 107 -18.71 7.66 -42.47
N GLY C 108 -18.27 8.26 -43.57
CA GLY C 108 -19.18 8.87 -44.52
C GLY C 108 -19.86 7.89 -45.46
N GLU C 109 -19.41 6.64 -45.45
CA GLU C 109 -19.96 5.62 -46.34
C GLU C 109 -20.99 4.73 -45.64
N ARG C 110 -20.99 4.77 -44.31
CA ARG C 110 -21.97 4.02 -43.53
C ARG C 110 -23.21 4.86 -43.25
N TRP C 111 -23.83 4.67 -42.10
CA TRP C 111 -25.04 5.42 -41.74
C TRP C 111 -24.74 6.86 -41.36
N LEU C 112 -25.58 7.76 -41.86
CA LEU C 112 -25.55 9.17 -41.48
C LEU C 112 -26.95 9.61 -41.11
N PRO C 113 -27.09 10.53 -40.14
CA PRO C 113 -28.42 10.94 -39.70
C PRO C 113 -29.27 11.58 -40.80
N VAL C 114 -28.65 11.91 -41.92
CA VAL C 114 -29.34 12.62 -43.00
C VAL C 114 -30.01 11.68 -43.99
N HIS C 115 -29.56 10.43 -44.05
CA HIS C 115 -30.09 9.46 -45.00
C HIS C 115 -31.56 9.16 -44.73
N SER C 116 -32.42 9.55 -45.66
CA SER C 116 -33.84 9.28 -45.54
C SER C 116 -34.14 7.81 -45.81
N PRO C 117 -35.27 7.29 -45.30
CA PRO C 117 -35.65 5.91 -45.58
C PRO C 117 -35.69 5.61 -47.07
N GLU C 118 -35.96 6.64 -47.87
CA GLU C 118 -35.96 6.48 -49.33
C GLU C 118 -34.57 6.17 -49.83
N THR C 119 -33.57 6.89 -49.30
CA THR C 119 -32.18 6.67 -49.67
C THR C 119 -31.75 5.23 -49.37
N ILE C 120 -32.19 4.73 -48.22
CA ILE C 120 -31.90 3.35 -47.82
C ILE C 120 -32.49 2.37 -48.83
N LEU C 121 -33.77 2.51 -49.10
CA LEU C 121 -34.48 1.54 -49.93
C LEU C 121 -33.89 1.49 -51.33
N ILE C 122 -33.54 2.66 -51.86
CA ILE C 122 -32.87 2.75 -53.15
C ILE C 122 -31.56 1.96 -53.13
N SER C 123 -30.86 2.02 -51.99
CA SER C 123 -29.59 1.31 -51.85
C SER C 123 -29.80 -0.20 -51.79
N VAL C 124 -30.93 -0.62 -51.25
CA VAL C 124 -31.25 -2.05 -51.17
C VAL C 124 -31.74 -2.58 -52.51
N ILE C 125 -32.28 -1.70 -53.35
CA ILE C 125 -32.68 -2.08 -54.69
C ILE C 125 -31.44 -2.43 -55.52
N SER C 126 -30.48 -1.51 -55.55
CA SER C 126 -29.24 -1.72 -56.28
C SER C 126 -28.49 -2.95 -55.75
N MET C 127 -28.68 -3.23 -54.47
CA MET C 127 -28.08 -4.41 -53.85
C MET C 127 -28.60 -5.69 -54.49
N LEU C 128 -29.88 -5.69 -54.86
CA LEU C 128 -30.49 -6.84 -55.51
C LEU C 128 -29.95 -6.99 -56.93
N SER C 129 -29.61 -5.86 -57.55
CA SER C 129 -29.11 -5.85 -58.92
C SER C 129 -27.67 -6.36 -59.00
N SER C 130 -26.83 -5.90 -58.08
CA SER C 130 -25.41 -6.24 -58.09
C SER C 130 -24.86 -6.53 -56.68
N PRO C 131 -24.86 -7.81 -56.28
CA PRO C 131 -24.37 -8.24 -54.95
C PRO C 131 -22.97 -7.72 -54.61
N ASN C 132 -22.79 -7.36 -53.34
CA ASN C 132 -21.49 -6.90 -52.84
C ASN C 132 -20.80 -8.06 -52.09
N ASP C 133 -19.67 -8.51 -52.62
CA ASP C 133 -19.00 -9.70 -52.10
C ASP C 133 -18.03 -9.39 -50.96
N GLU C 134 -18.02 -8.15 -50.48
CA GLU C 134 -17.14 -7.74 -49.40
C GLU C 134 -17.86 -7.82 -48.05
N SER C 135 -19.16 -8.05 -48.09
CA SER C 135 -19.95 -8.19 -46.87
C SER C 135 -21.00 -9.27 -47.00
N PRO C 136 -20.58 -10.54 -47.12
CA PRO C 136 -21.60 -11.57 -47.29
C PRO C 136 -22.23 -11.97 -45.96
N ALA C 137 -23.55 -12.05 -45.94
CA ALA C 137 -24.31 -12.45 -44.77
C ALA C 137 -24.74 -13.91 -44.88
N ASN C 138 -24.91 -14.37 -46.12
CA ASN C 138 -25.25 -15.75 -46.42
C ASN C 138 -24.09 -16.43 -47.13
N ILE C 139 -23.31 -17.21 -46.37
CA ILE C 139 -22.12 -17.87 -46.89
C ILE C 139 -22.45 -18.80 -48.05
N ASP C 140 -23.49 -19.61 -47.86
CA ASP C 140 -23.92 -20.56 -48.88
C ASP C 140 -24.31 -19.86 -50.17
N ALA C 141 -25.04 -18.75 -50.04
CA ALA C 141 -25.48 -17.99 -51.21
C ALA C 141 -24.28 -17.31 -51.87
N ALA C 142 -23.32 -16.90 -51.05
CA ALA C 142 -22.15 -16.19 -51.55
C ALA C 142 -21.28 -17.11 -52.39
N LYS C 143 -21.30 -18.40 -52.09
CA LYS C 143 -20.50 -19.37 -52.86
C LYS C 143 -21.19 -19.73 -54.16
N GLU C 144 -22.47 -20.08 -54.07
CA GLU C 144 -23.23 -20.52 -55.22
C GLU C 144 -23.23 -19.45 -56.29
N PHE C 145 -23.27 -18.19 -55.87
CA PHE C 145 -23.25 -17.06 -56.80
C PHE C 145 -21.90 -16.95 -57.52
N ARG C 146 -20.88 -17.60 -56.97
CA ARG C 146 -19.51 -17.49 -57.48
C ARG C 146 -19.08 -18.72 -58.26
N GLU C 147 -19.40 -19.90 -57.75
CA GLU C 147 -18.89 -21.15 -58.31
C GLU C 147 -19.86 -21.82 -59.29
N ASN C 148 -21.15 -21.51 -59.15
CA ASN C 148 -22.15 -22.02 -60.10
C ASN C 148 -23.34 -21.07 -60.17
N PRO C 149 -23.15 -19.90 -60.82
CA PRO C 149 -24.18 -18.86 -60.86
C PRO C 149 -25.42 -19.24 -61.66
N GLN C 150 -25.43 -20.43 -62.26
CA GLN C 150 -26.58 -20.91 -63.02
C GLN C 150 -27.52 -21.74 -62.16
N GLU C 151 -27.01 -22.24 -61.04
CA GLU C 151 -27.86 -22.91 -60.06
C GLU C 151 -28.36 -21.90 -59.03
N PHE C 152 -27.57 -20.84 -58.83
CA PHE C 152 -28.00 -19.70 -58.04
C PHE C 152 -29.14 -19.00 -58.75
N LYS C 153 -28.96 -18.78 -60.05
CA LYS C 153 -30.00 -18.20 -60.91
C LYS C 153 -31.28 -19.01 -60.80
N LYS C 154 -31.13 -20.33 -60.75
CA LYS C 154 -32.27 -21.23 -60.69
C LYS C 154 -33.02 -21.09 -59.38
N ARG C 155 -32.28 -21.06 -58.28
CA ARG C 155 -32.88 -21.00 -56.94
C ARG C 155 -33.58 -19.69 -56.67
N VAL C 156 -33.02 -18.60 -57.19
CA VAL C 156 -33.65 -17.28 -57.05
C VAL C 156 -34.99 -17.30 -57.77
N ARG C 157 -34.98 -17.77 -59.02
CA ARG C 157 -36.19 -17.78 -59.84
C ARG C 157 -37.28 -18.62 -59.19
N ARG C 158 -36.88 -19.68 -58.47
CA ARG C 158 -37.84 -20.51 -57.75
C ARG C 158 -38.49 -19.71 -56.63
N LEU C 159 -37.70 -18.90 -55.94
CA LEU C 159 -38.20 -18.07 -54.84
C LEU C 159 -39.02 -16.90 -55.36
N VAL C 160 -38.73 -16.47 -56.59
CA VAL C 160 -39.51 -15.43 -57.23
C VAL C 160 -40.93 -15.92 -57.49
N ARG C 161 -41.05 -17.20 -57.84
CA ARG C 161 -42.35 -17.80 -58.10
C ARG C 161 -43.14 -17.97 -56.81
N ARG C 162 -42.47 -18.44 -55.78
CA ARG C 162 -43.11 -18.71 -54.50
C ARG C 162 -43.65 -17.43 -53.86
N SER C 163 -43.08 -16.29 -54.24
CA SER C 163 -43.54 -15.01 -53.73
C SER C 163 -44.89 -14.61 -54.33
N ILE C 164 -45.09 -14.97 -55.60
CA ILE C 164 -46.34 -14.68 -56.29
C ILE C 164 -47.47 -15.52 -55.71
N GLU C 165 -47.18 -16.79 -55.42
CA GLU C 165 -48.18 -17.70 -54.89
C GLU C 165 -48.62 -17.27 -53.50
N MET C 166 -47.81 -16.43 -52.85
CA MET C 166 -48.15 -15.92 -51.52
C MET C 166 -49.02 -14.67 -51.61
N ILE C 167 -48.99 -13.99 -52.75
CA ILE C 167 -49.89 -12.87 -52.98
C ILE C 167 -51.32 -13.39 -53.04
N LEU C 168 -51.48 -14.60 -53.57
CA LEU C 168 -52.78 -15.25 -53.66
C LEU C 168 -53.36 -15.54 -52.26
N GLU C 169 -52.52 -15.45 -51.23
CA GLU C 169 -52.94 -15.72 -49.87
C GLU C 169 -54.11 -14.83 -49.46
N HIS C 170 -54.13 -13.61 -49.99
CA HIS C 170 -55.23 -12.69 -49.73
C HIS C 170 -56.53 -13.26 -50.28
N HIS C 171 -57.09 -14.24 -49.57
CA HIS C 171 -58.32 -14.92 -49.99
C HIS C 171 -59.20 -15.22 -48.78
N ASN D 2 11.89 2.91 -3.88
CA ASN D 2 10.64 2.81 -3.12
C ASN D 2 10.69 3.68 -1.87
N THR D 3 9.52 4.04 -1.36
CA THR D 3 9.41 4.87 -0.17
C THR D 3 8.71 4.13 0.97
N ILE D 4 9.44 3.23 1.62
CA ILE D 4 8.98 2.64 2.87
C ILE D 4 9.51 3.56 3.99
N ASP D 5 8.66 3.88 4.95
CA ASP D 5 9.05 4.80 6.00
C ASP D 5 10.14 4.17 6.87
N GLU D 6 11.39 4.43 6.50
CA GLU D 6 12.53 3.89 7.22
C GLU D 6 12.63 4.51 8.61
N GLY D 7 12.15 5.74 8.74
CA GLY D 7 12.12 6.42 10.02
C GLY D 7 11.30 5.66 11.03
N LEU D 8 10.28 4.96 10.55
CA LEU D 8 9.38 4.20 11.41
C LEU D 8 9.81 2.73 11.52
N TYR D 9 10.15 2.12 10.38
CA TYR D 9 10.36 0.68 10.30
C TYR D 9 11.82 0.24 10.41
N SER D 10 12.70 1.15 10.82
CA SER D 10 14.15 0.88 10.86
C SER D 10 14.53 -0.44 11.51
N ARG D 11 14.24 -0.58 12.80
CA ARG D 11 14.68 -1.74 13.56
C ARG D 11 14.02 -3.02 13.04
N GLN D 12 12.86 -2.88 12.43
CA GLN D 12 12.10 -4.01 11.92
C GLN D 12 12.62 -4.43 10.54
N LEU D 13 13.08 -3.46 9.77
CA LEU D 13 13.63 -3.73 8.44
C LEU D 13 14.85 -4.63 8.54
N TYR D 14 15.62 -4.47 9.61
CA TYR D 14 16.82 -5.26 9.81
C TYR D 14 16.50 -6.69 10.26
N VAL D 15 15.22 -7.00 10.40
CA VAL D 15 14.78 -8.35 10.73
C VAL D 15 14.16 -9.04 9.52
N LEU D 16 13.28 -8.31 8.83
CA LEU D 16 12.48 -8.88 7.76
C LEU D 16 13.08 -8.60 6.38
N GLY D 17 13.70 -7.44 6.24
CA GLY D 17 14.22 -6.99 4.96
C GLY D 17 13.17 -6.19 4.24
N HIS D 18 13.58 -5.43 3.23
CA HIS D 18 12.67 -4.53 2.51
C HIS D 18 11.68 -5.31 1.66
N GLU D 19 12.15 -6.34 0.96
CA GLU D 19 11.30 -7.12 0.07
C GLU D 19 10.19 -7.80 0.87
N ALA D 20 10.54 -8.35 2.03
CA ALA D 20 9.56 -8.96 2.91
C ALA D 20 8.45 -7.98 3.24
N MET D 21 8.82 -6.72 3.46
CA MET D 21 7.85 -5.71 3.86
C MET D 21 7.02 -5.21 2.69
N LYS D 22 7.58 -5.23 1.48
CA LYS D 22 6.80 -4.88 0.30
C LYS D 22 5.63 -5.85 0.18
N GLN D 23 5.94 -7.14 0.31
CA GLN D 23 4.93 -8.19 0.24
C GLN D 23 3.87 -7.99 1.32
N MET D 24 4.31 -7.61 2.52
CA MET D 24 3.41 -7.37 3.64
C MET D 24 2.45 -6.23 3.34
N SER D 25 2.99 -5.12 2.84
CA SER D 25 2.18 -3.96 2.51
C SER D 25 1.20 -4.22 1.36
N GLN D 26 1.32 -5.39 0.75
CA GLN D 26 0.41 -5.80 -0.33
C GLN D 26 -0.51 -6.94 0.10
N SER D 27 -0.46 -7.29 1.38
CA SER D 27 -1.26 -8.39 1.90
C SER D 27 -2.36 -7.88 2.81
N ASN D 28 -3.59 -8.31 2.52
CA ASN D 28 -4.72 -8.05 3.38
C ASN D 28 -4.84 -9.18 4.39
N VAL D 29 -5.27 -8.84 5.60
CA VAL D 29 -5.40 -9.82 6.67
C VAL D 29 -6.79 -9.73 7.31
N LEU D 30 -7.47 -10.87 7.36
CA LEU D 30 -8.75 -10.97 8.04
C LEU D 30 -8.52 -11.59 9.42
N ILE D 31 -9.00 -10.92 10.45
CA ILE D 31 -8.90 -11.43 11.81
C ILE D 31 -10.30 -11.67 12.35
N ILE D 32 -10.59 -12.92 12.65
CA ILE D 32 -11.90 -13.34 13.14
C ILE D 32 -11.84 -13.46 14.66
N GLY D 33 -12.66 -12.67 15.34
CA GLY D 33 -12.67 -12.64 16.79
C GLY D 33 -11.78 -11.51 17.28
N CYS D 34 -12.33 -10.65 18.14
CA CYS D 34 -11.59 -9.51 18.68
C CYS D 34 -11.63 -9.52 20.20
N LYS D 35 -11.39 -10.69 20.79
CA LYS D 35 -11.16 -10.79 22.22
C LYS D 35 -9.68 -10.58 22.47
N GLY D 36 -9.19 -11.02 23.63
CA GLY D 36 -7.80 -10.80 24.02
C GLY D 36 -6.78 -11.28 23.00
N LEU D 37 -6.98 -12.49 22.50
CA LEU D 37 -6.04 -13.09 21.57
C LEU D 37 -6.15 -12.40 20.21
N GLY D 38 -7.38 -12.14 19.78
CA GLY D 38 -7.61 -11.52 18.49
C GLY D 38 -7.01 -10.14 18.37
N VAL D 39 -7.18 -9.31 19.40
CA VAL D 39 -6.71 -7.94 19.36
C VAL D 39 -5.18 -7.89 19.41
N GLU D 40 -4.58 -8.82 20.16
CA GLU D 40 -3.13 -8.88 20.28
C GLU D 40 -2.52 -9.20 18.92
N ILE D 41 -3.10 -10.18 18.24
CA ILE D 41 -2.66 -10.54 16.89
C ILE D 41 -2.84 -9.33 15.97
N ALA D 42 -3.96 -8.64 16.13
CA ALA D 42 -4.26 -7.48 15.29
C ALA D 42 -3.28 -6.34 15.55
N LYS D 43 -2.96 -6.12 16.83
CA LYS D 43 -2.03 -5.04 17.20
C LYS D 43 -0.69 -5.23 16.51
N ASN D 44 -0.16 -6.44 16.59
CA ASN D 44 1.15 -6.75 16.02
C ASN D 44 1.16 -6.64 14.50
N VAL D 45 0.14 -7.18 13.85
CA VAL D 45 0.02 -7.11 12.40
C VAL D 45 -0.07 -5.65 11.95
N CYS D 46 -0.75 -4.83 12.76
CA CYS D 46 -0.91 -3.41 12.44
C CYS D 46 0.42 -2.68 12.54
N LEU D 47 1.22 -3.04 13.53
CA LEU D 47 2.50 -2.38 13.76
C LEU D 47 3.53 -2.84 12.74
N ALA D 48 3.40 -4.09 12.31
CA ALA D 48 4.32 -4.66 11.32
C ALA D 48 4.17 -3.93 10.00
N GLY D 49 2.92 -3.63 9.64
CA GLY D 49 2.64 -2.82 8.47
C GLY D 49 2.16 -3.63 7.28
N VAL D 50 0.93 -4.15 7.38
CA VAL D 50 0.32 -4.86 6.26
C VAL D 50 -0.55 -3.89 5.45
N LYS D 51 -1.15 -4.38 4.37
CA LYS D 51 -1.93 -3.52 3.49
C LYS D 51 -3.16 -3.01 4.19
N SER D 52 -3.84 -3.92 4.91
CA SER D 52 -5.02 -3.56 5.67
C SER D 52 -5.41 -4.71 6.59
N VAL D 53 -6.12 -4.37 7.67
CA VAL D 53 -6.62 -5.37 8.60
C VAL D 53 -8.14 -5.25 8.67
N THR D 54 -8.82 -6.37 8.46
CA THR D 54 -10.28 -6.43 8.54
C THR D 54 -10.70 -7.28 9.73
N LEU D 55 -11.58 -6.74 10.56
CA LEU D 55 -12.03 -7.41 11.77
C LEU D 55 -13.44 -7.94 11.63
N TYR D 56 -13.65 -9.16 12.12
CA TYR D 56 -15.00 -9.72 12.21
C TYR D 56 -15.27 -10.23 13.62
N ASP D 57 -16.09 -9.49 14.35
CA ASP D 57 -16.54 -9.91 15.66
C ASP D 57 -17.77 -9.11 16.03
N PRO D 58 -18.96 -9.57 15.59
CA PRO D 58 -20.21 -8.86 15.86
C PRO D 58 -20.77 -9.15 17.25
N GLN D 59 -20.20 -10.13 17.95
CA GLN D 59 -20.66 -10.47 19.28
C GLN D 59 -20.43 -9.29 20.23
N PRO D 60 -21.44 -8.94 21.05
CA PRO D 60 -21.30 -7.77 21.91
C PRO D 60 -20.28 -7.96 23.03
N THR D 61 -19.74 -6.85 23.52
CA THR D 61 -18.69 -6.87 24.53
C THR D 61 -19.24 -7.34 25.87
N ARG D 62 -18.64 -8.42 26.39
CA ARG D 62 -18.93 -8.88 27.73
C ARG D 62 -17.84 -8.35 28.67
N ILE D 63 -18.16 -8.24 29.95
CA ILE D 63 -17.22 -7.64 30.90
C ILE D 63 -15.95 -8.47 31.02
N GLU D 64 -16.08 -9.79 30.91
CA GLU D 64 -14.95 -10.70 31.08
C GLU D 64 -13.94 -10.56 29.94
N ASP D 65 -14.32 -9.85 28.88
CA ASP D 65 -13.42 -9.64 27.76
C ASP D 65 -12.27 -8.70 28.14
N LEU D 66 -12.51 -7.85 29.13
CA LEU D 66 -11.53 -6.84 29.53
C LEU D 66 -10.35 -7.44 30.29
N SER D 67 -10.39 -8.76 30.49
CA SER D 67 -9.29 -9.45 31.16
C SER D 67 -8.01 -9.44 30.32
N SER D 68 -8.15 -9.16 29.03
CA SER D 68 -7.00 -9.15 28.13
C SER D 68 -7.20 -8.28 26.89
N GLN D 69 -8.45 -7.91 26.59
CA GLN D 69 -8.73 -7.00 25.48
C GLN D 69 -8.52 -5.56 25.97
N TYR D 70 -7.29 -5.09 25.82
CA TYR D 70 -6.87 -3.82 26.40
C TYR D 70 -7.39 -2.58 25.65
N PHE D 71 -8.14 -2.80 24.58
CA PHE D 71 -8.74 -1.70 23.83
C PHE D 71 -10.25 -1.59 24.08
N LEU D 72 -10.78 -2.43 24.95
CA LEU D 72 -12.18 -2.35 25.34
C LEU D 72 -12.32 -1.75 26.74
N THR D 73 -13.22 -0.78 26.88
CA THR D 73 -13.51 -0.16 28.16
C THR D 73 -14.88 -0.59 28.65
N GLU D 74 -15.21 -0.26 29.89
CA GLU D 74 -16.48 -0.65 30.48
C GLU D 74 -17.66 0.14 29.90
N ASP D 75 -17.36 1.28 29.28
CA ASP D 75 -18.40 2.06 28.61
C ASP D 75 -18.78 1.40 27.29
N ASP D 76 -17.93 0.51 26.80
CA ASP D 76 -18.15 -0.14 25.51
C ASP D 76 -18.86 -1.49 25.66
N ILE D 77 -19.27 -1.80 26.88
CA ILE D 77 -20.00 -3.05 27.15
C ILE D 77 -21.28 -3.11 26.34
N GLY D 78 -21.57 -4.28 25.78
CA GLY D 78 -22.78 -4.49 25.01
C GLY D 78 -22.61 -4.14 23.55
N VAL D 79 -21.54 -3.44 23.23
CA VAL D 79 -21.24 -3.06 21.85
C VAL D 79 -20.44 -4.17 21.17
N PRO D 80 -20.74 -4.47 19.89
CA PRO D 80 -19.92 -5.43 19.15
C PRO D 80 -18.43 -5.11 19.21
N ARG D 81 -17.63 -6.09 19.61
CA ARG D 81 -16.21 -5.87 19.90
C ARG D 81 -15.45 -5.24 18.73
N ALA D 82 -15.62 -5.77 17.54
CA ALA D 82 -14.92 -5.26 16.36
C ALA D 82 -15.19 -3.77 16.15
N LYS D 83 -16.44 -3.36 16.34
CA LYS D 83 -16.81 -1.96 16.15
C LYS D 83 -16.14 -1.04 17.16
N VAL D 84 -15.92 -1.55 18.36
CA VAL D 84 -15.25 -0.78 19.41
C VAL D 84 -13.74 -0.74 19.17
N THR D 85 -13.18 -1.85 18.70
CA THR D 85 -11.74 -2.01 18.59
C THR D 85 -11.14 -1.23 17.42
N VAL D 86 -11.84 -1.20 16.28
CA VAL D 86 -11.28 -0.70 15.03
C VAL D 86 -10.62 0.68 15.15
N SER D 87 -11.26 1.60 15.85
CA SER D 87 -10.74 2.96 15.96
C SER D 87 -9.43 2.96 16.74
N LYS D 88 -9.33 2.08 17.73
CA LYS D 88 -8.13 1.98 18.54
C LYS D 88 -6.96 1.42 17.73
N LEU D 89 -7.21 0.35 16.98
CA LEU D 89 -6.16 -0.29 16.20
C LEU D 89 -5.65 0.60 15.08
N ALA D 90 -6.54 1.45 14.55
CA ALA D 90 -6.18 2.33 13.45
C ALA D 90 -5.11 3.32 13.87
N GLU D 91 -5.09 3.66 15.16
CA GLU D 91 -4.14 4.63 15.68
C GLU D 91 -2.75 4.03 15.87
N LEU D 92 -2.63 2.71 15.76
CA LEU D 92 -1.34 2.05 15.93
C LEU D 92 -0.37 2.40 14.81
N ASN D 93 -0.87 2.41 13.58
CA ASN D 93 -0.02 2.63 12.42
C ASN D 93 -0.75 3.45 11.37
N GLN D 94 -0.20 4.62 11.07
CA GLN D 94 -0.81 5.55 10.12
C GLN D 94 -0.77 5.00 8.69
N TYR D 95 -0.01 3.94 8.47
CA TYR D 95 0.10 3.33 7.14
C TYR D 95 -0.72 2.06 7.04
N VAL D 96 -1.54 1.78 8.05
CA VAL D 96 -2.38 0.59 8.06
C VAL D 96 -3.82 0.97 8.42
N PRO D 97 -4.74 0.85 7.44
CA PRO D 97 -6.15 1.12 7.72
C PRO D 97 -6.86 -0.10 8.29
N VAL D 98 -7.75 0.13 9.26
CA VAL D 98 -8.50 -0.96 9.88
C VAL D 98 -9.99 -0.77 9.59
N SER D 99 -10.68 -1.88 9.35
CA SER D 99 -12.10 -1.84 9.04
C SER D 99 -12.83 -3.03 9.67
N VAL D 100 -14.15 -3.01 9.60
CA VAL D 100 -14.98 -4.05 10.19
C VAL D 100 -15.98 -4.60 9.18
N VAL D 101 -16.29 -5.89 9.32
CA VAL D 101 -17.36 -6.52 8.54
C VAL D 101 -18.41 -7.08 9.48
N ASP D 102 -19.67 -6.94 9.09
CA ASP D 102 -20.79 -7.38 9.92
C ASP D 102 -21.19 -8.81 9.62
N GLU D 103 -20.91 -9.26 8.39
CA GLU D 103 -21.18 -10.64 7.99
C GLU D 103 -20.03 -11.21 7.17
N LEU D 104 -19.88 -12.53 7.21
CA LEU D 104 -18.87 -13.23 6.42
C LEU D 104 -19.49 -14.17 5.40
N SER D 105 -18.78 -14.32 4.28
CA SER D 105 -19.12 -15.31 3.27
C SER D 105 -17.83 -15.90 2.73
N THR D 106 -17.90 -17.12 2.21
CA THR D 106 -16.71 -17.81 1.73
C THR D 106 -16.02 -17.02 0.63
N GLU D 107 -16.81 -16.40 -0.24
CA GLU D 107 -16.26 -15.64 -1.36
C GLU D 107 -15.52 -14.39 -0.89
N TYR D 108 -15.83 -13.94 0.32
CA TYR D 108 -15.20 -12.73 0.87
C TYR D 108 -13.75 -13.01 1.30
N LEU D 109 -13.45 -14.26 1.62
CA LEU D 109 -12.12 -14.65 2.08
C LEU D 109 -11.05 -14.48 1.02
N LYS D 110 -11.45 -14.49 -0.25
CA LYS D 110 -10.49 -14.37 -1.35
C LYS D 110 -9.80 -13.00 -1.33
N ASN D 111 -10.37 -12.06 -0.60
CA ASN D 111 -9.80 -10.71 -0.49
C ASN D 111 -8.53 -10.65 0.36
N PHE D 112 -8.20 -11.75 1.03
CA PHE D 112 -7.14 -11.75 2.03
C PHE D 112 -6.00 -12.71 1.69
N LYS D 113 -4.80 -12.36 2.13
CA LYS D 113 -3.62 -13.19 1.94
C LYS D 113 -3.49 -14.20 3.08
N CYS D 114 -4.08 -13.84 4.22
CA CYS D 114 -4.04 -14.71 5.40
C CYS D 114 -5.29 -14.52 6.24
N VAL D 115 -5.82 -15.62 6.74
CA VAL D 115 -7.04 -15.62 7.54
C VAL D 115 -6.75 -16.15 8.94
N VAL D 116 -6.98 -15.30 9.94
CA VAL D 116 -6.78 -15.68 11.33
C VAL D 116 -8.13 -16.00 11.95
N VAL D 117 -8.19 -17.12 12.70
CA VAL D 117 -9.44 -17.59 13.26
C VAL D 117 -9.30 -17.86 14.77
N THR D 118 -9.92 -17.00 15.56
CA THR D 118 -9.97 -17.17 17.01
C THR D 118 -11.42 -17.25 17.50
N GLU D 119 -11.61 -17.87 18.65
CA GLU D 119 -12.92 -17.92 19.31
C GLU D 119 -13.99 -18.53 18.39
N THR D 120 -13.57 -19.47 17.54
CA THR D 120 -14.46 -20.10 16.58
C THR D 120 -14.49 -21.61 16.78
N SER D 121 -15.67 -22.20 16.60
CA SER D 121 -15.85 -23.64 16.76
C SER D 121 -15.13 -24.42 15.66
N LEU D 122 -14.90 -25.70 15.91
CA LEU D 122 -14.21 -26.55 14.96
C LEU D 122 -15.03 -26.73 13.67
N THR D 123 -16.34 -26.77 13.82
CA THR D 123 -17.22 -26.97 12.66
C THR D 123 -17.11 -25.81 11.70
N LYS D 124 -17.14 -24.60 12.23
CA LYS D 124 -17.01 -23.40 11.41
C LYS D 124 -15.58 -23.25 10.90
N GLN D 125 -14.62 -23.73 11.68
CA GLN D 125 -13.22 -23.73 11.26
C GLN D 125 -13.01 -24.63 10.05
N LEU D 126 -13.65 -25.78 10.06
CA LEU D 126 -13.52 -26.74 8.97
C LEU D 126 -14.10 -26.17 7.69
N GLU D 127 -15.22 -25.46 7.81
CA GLU D 127 -15.81 -24.78 6.65
C GLU D 127 -14.82 -23.78 6.08
N ILE D 128 -14.29 -22.92 6.94
CA ILE D 128 -13.36 -21.88 6.53
C ILE D 128 -12.12 -22.49 5.89
N ASN D 129 -11.54 -23.49 6.55
CA ASN D 129 -10.29 -24.06 6.10
C ASN D 129 -10.43 -24.85 4.80
N ASP D 130 -11.58 -25.48 4.61
CA ASP D 130 -11.84 -26.23 3.39
C ASP D 130 -11.78 -25.31 2.18
N PHE D 131 -12.30 -24.10 2.34
CA PHE D 131 -12.32 -23.14 1.25
C PHE D 131 -10.93 -22.54 1.03
N THR D 132 -10.28 -22.12 2.11
CA THR D 132 -8.98 -21.46 2.02
C THR D 132 -7.92 -22.43 1.52
N HIS D 133 -7.94 -23.66 2.03
CA HIS D 133 -6.98 -24.67 1.62
C HIS D 133 -7.14 -25.03 0.15
N LYS D 134 -8.37 -24.93 -0.34
CA LYS D 134 -8.67 -25.25 -1.73
C LYS D 134 -8.23 -24.11 -2.64
N ASN D 135 -8.31 -22.88 -2.13
CA ASN D 135 -7.93 -21.70 -2.91
C ASN D 135 -6.54 -21.17 -2.52
N HIS D 136 -5.79 -21.99 -1.78
CA HIS D 136 -4.42 -21.66 -1.40
C HIS D 136 -4.34 -20.32 -0.67
N ILE D 137 -5.21 -20.14 0.30
CA ILE D 137 -5.20 -18.97 1.17
C ILE D 137 -4.67 -19.39 2.54
N ALA D 138 -3.72 -18.62 3.07
CA ALA D 138 -3.11 -18.96 4.34
C ALA D 138 -4.15 -18.94 5.46
N TYR D 139 -4.06 -19.94 6.33
CA TYR D 139 -5.03 -20.12 7.40
C TYR D 139 -4.31 -20.35 8.72
N ILE D 140 -4.64 -19.54 9.71
CA ILE D 140 -4.06 -19.67 11.04
C ILE D 140 -5.16 -19.69 12.08
N ALA D 141 -5.26 -20.81 12.79
CA ALA D 141 -6.21 -20.94 13.89
C ALA D 141 -5.45 -20.87 15.19
N ALA D 142 -5.98 -20.10 16.13
CA ALA D 142 -5.36 -19.94 17.43
C ALA D 142 -6.41 -19.71 18.49
N ASP D 143 -6.21 -20.32 19.65
CA ASP D 143 -7.12 -20.15 20.78
C ASP D 143 -6.35 -20.17 22.08
N SER D 144 -6.72 -19.25 22.97
CA SER D 144 -6.15 -19.19 24.31
C SER D 144 -7.19 -19.69 25.30
N ARG D 145 -6.89 -20.79 25.96
CA ARG D 145 -7.81 -21.40 26.92
C ARG D 145 -7.11 -21.60 28.26
N GLY D 146 -7.17 -20.57 29.11
CA GLY D 146 -6.52 -20.61 30.39
C GLY D 146 -5.02 -20.64 30.24
N LEU D 147 -4.38 -21.64 30.84
CA LEU D 147 -2.94 -21.81 30.71
C LEU D 147 -2.59 -22.74 29.55
N PHE D 148 -3.56 -22.96 28.67
CA PHE D 148 -3.37 -23.82 27.51
C PHE D 148 -3.60 -23.03 26.24
N GLY D 149 -2.79 -23.34 25.24
CA GLY D 149 -2.84 -22.63 23.97
C GLY D 149 -2.60 -23.56 22.81
N SER D 150 -3.19 -23.22 21.67
CA SER D 150 -3.01 -24.02 20.46
C SER D 150 -2.89 -23.09 19.26
N ILE D 151 -1.99 -23.44 18.35
CA ILE D 151 -1.87 -22.74 17.08
C ILE D 151 -1.79 -23.77 15.97
N PHE D 152 -2.59 -23.56 14.94
CA PHE D 152 -2.58 -24.40 13.76
C PHE D 152 -2.34 -23.54 12.54
N CYS D 153 -1.44 -23.98 11.67
CA CYS D 153 -1.13 -23.26 10.44
C CYS D 153 -1.36 -24.14 9.22
N ASP D 154 -1.86 -23.51 8.16
CA ASP D 154 -2.06 -24.19 6.89
C ASP D 154 -1.90 -23.16 5.78
N PHE D 155 -0.77 -23.23 5.09
CA PHE D 155 -0.44 -22.25 4.05
C PHE D 155 -0.62 -22.85 2.66
N GLY D 156 -1.26 -24.02 2.61
CA GLY D 156 -1.58 -24.67 1.34
C GLY D 156 -0.65 -25.82 1.03
N GLU D 157 -1.04 -26.63 0.06
CA GLU D 157 -0.25 -27.80 -0.34
C GLU D 157 1.00 -27.37 -1.10
N ASN D 158 1.00 -26.13 -1.58
CA ASN D 158 2.08 -25.63 -2.42
C ASN D 158 2.70 -24.34 -1.90
N PHE D 159 2.92 -24.28 -0.59
CA PHE D 159 3.57 -23.12 0.02
C PHE D 159 5.08 -23.18 -0.13
N ILE D 160 5.66 -22.07 -0.59
CA ILE D 160 7.09 -21.98 -0.82
C ILE D 160 7.76 -21.07 0.19
N CYS D 161 8.85 -21.54 0.79
CA CYS D 161 9.61 -20.76 1.76
C CYS D 161 10.95 -20.33 1.17
N THR D 162 11.21 -19.03 1.17
CA THR D 162 12.39 -18.46 0.53
C THR D 162 13.58 -18.33 1.50
N ASP D 163 13.31 -18.41 2.79
CA ASP D 163 14.35 -18.23 3.81
C ASP D 163 13.93 -18.97 5.07
N THR D 164 14.61 -20.08 5.36
CA THR D 164 14.16 -21.00 6.40
C THR D 164 14.61 -20.63 7.80
N ASP D 165 15.48 -19.63 7.95
CA ASP D 165 16.00 -19.29 9.28
C ASP D 165 16.46 -17.83 9.45
N GLY D 166 16.49 -17.06 8.36
CA GLY D 166 16.84 -15.66 8.44
C GLY D 166 18.32 -15.37 8.62
N ASN D 167 19.13 -16.41 8.77
CA ASN D 167 20.57 -16.24 8.93
C ASN D 167 21.20 -15.68 7.67
N GLU D 168 22.25 -14.89 7.83
CA GLU D 168 22.98 -14.37 6.68
C GLU D 168 23.62 -15.53 5.92
N PRO D 169 23.71 -15.41 4.58
CA PRO D 169 24.38 -16.49 3.83
C PRO D 169 25.84 -16.67 4.25
N LEU D 170 26.22 -17.88 4.62
CA LEU D 170 27.60 -18.16 5.01
C LEU D 170 28.54 -18.01 3.82
N THR D 171 29.82 -17.83 4.11
CA THR D 171 30.82 -17.63 3.07
C THR D 171 32.21 -17.96 3.59
N GLY D 172 33.11 -18.32 2.68
CA GLY D 172 34.47 -18.66 3.05
C GLY D 172 35.38 -18.73 1.84
N MET D 173 36.68 -18.59 2.08
CA MET D 173 37.66 -18.59 1.00
C MET D 173 38.14 -19.99 0.68
N ILE D 174 38.15 -20.33 -0.61
CA ILE D 174 38.55 -21.66 -1.07
C ILE D 174 40.07 -21.73 -1.28
N ALA D 175 40.64 -22.90 -1.02
CA ALA D 175 42.05 -23.15 -1.29
C ALA D 175 42.20 -24.00 -2.55
N SER D 176 41.48 -25.11 -2.61
CA SER D 176 41.56 -26.03 -3.75
C SER D 176 40.29 -26.88 -3.86
N ILE D 177 40.03 -27.39 -5.07
CA ILE D 177 38.88 -28.26 -5.31
C ILE D 177 39.27 -29.42 -6.22
N THR D 178 39.30 -30.63 -5.67
CA THR D 178 39.59 -31.83 -6.45
C THR D 178 38.47 -32.11 -7.44
N ASP D 179 38.77 -32.87 -8.48
CA ASP D 179 37.76 -33.25 -9.47
C ASP D 179 36.74 -34.20 -8.88
N ASP D 180 37.08 -34.82 -7.75
CA ASP D 180 36.17 -35.73 -7.07
C ASP D 180 35.08 -34.96 -6.33
N GLY D 181 35.33 -33.69 -6.07
CA GLY D 181 34.34 -32.81 -5.47
C GLY D 181 34.73 -32.30 -4.09
N VAL D 182 35.90 -32.71 -3.60
CA VAL D 182 36.36 -32.33 -2.27
C VAL D 182 36.89 -30.90 -2.26
N VAL D 183 36.15 -30.01 -1.58
CA VAL D 183 36.55 -28.62 -1.44
C VAL D 183 37.32 -28.45 -0.13
N THR D 184 38.35 -27.59 -0.16
CA THR D 184 39.18 -27.34 1.01
C THR D 184 39.31 -25.85 1.26
N MET D 185 39.02 -25.43 2.49
CA MET D 185 39.12 -24.02 2.87
C MET D 185 40.60 -23.60 2.94
N LEU D 186 40.83 -22.31 3.07
CA LEU D 186 42.19 -21.81 3.28
C LEU D 186 42.73 -22.28 4.63
N GLU D 187 44.01 -22.04 4.86
CA GLU D 187 44.68 -22.47 6.09
C GLU D 187 43.92 -21.97 7.32
N GLU D 188 43.33 -22.91 8.06
CA GLU D 188 42.57 -22.60 9.27
C GLU D 188 41.41 -21.66 8.98
N THR D 189 40.47 -22.13 8.17
CA THR D 189 39.23 -21.41 7.89
C THR D 189 38.06 -22.38 7.91
N ARG D 190 37.05 -22.08 8.71
CA ARG D 190 35.88 -22.94 8.84
C ARG D 190 34.74 -22.49 7.92
N HIS D 191 34.07 -23.45 7.29
CA HIS D 191 32.98 -23.15 6.38
C HIS D 191 31.67 -22.97 7.14
N GLY D 192 31.52 -23.70 8.25
CA GLY D 192 30.33 -23.59 9.07
C GLY D 192 29.08 -24.15 8.41
N LEU D 193 29.25 -24.76 7.25
CA LEU D 193 28.14 -25.36 6.51
C LEU D 193 27.63 -26.62 7.19
N GLU D 194 26.51 -27.12 6.69
CA GLU D 194 25.90 -28.35 7.18
C GLU D 194 25.34 -29.17 6.02
N ASN D 195 25.17 -30.47 6.25
CA ASN D 195 24.66 -31.35 5.22
C ASN D 195 23.30 -30.88 4.71
N GLY D 196 23.15 -30.82 3.38
CA GLY D 196 21.92 -30.38 2.77
C GLY D 196 21.96 -28.93 2.32
N ASP D 197 22.90 -28.17 2.89
CA ASP D 197 23.07 -26.77 2.51
C ASP D 197 23.46 -26.66 1.03
N PHE D 198 23.06 -25.55 0.42
CA PHE D 198 23.39 -25.27 -0.97
C PHE D 198 24.37 -24.10 -1.05
N VAL D 199 25.42 -24.26 -1.84
CA VAL D 199 26.42 -23.22 -2.02
C VAL D 199 26.76 -23.00 -3.49
N LYS D 200 26.90 -21.73 -3.87
CA LYS D 200 27.44 -21.37 -5.18
C LYS D 200 28.87 -20.88 -4.99
N PHE D 201 29.54 -20.58 -6.10
CA PHE D 201 30.95 -20.19 -6.04
C PHE D 201 31.24 -18.94 -6.86
N THR D 202 32.43 -18.37 -6.64
CA THR D 202 32.88 -17.20 -7.36
C THR D 202 34.41 -17.12 -7.30
N GLU D 203 35.01 -16.56 -8.34
CA GLU D 203 36.46 -16.42 -8.44
C GLU D 203 37.18 -17.78 -8.39
N VAL D 204 36.45 -18.85 -8.66
CA VAL D 204 37.06 -20.17 -8.72
C VAL D 204 37.86 -20.31 -10.01
N LYS D 205 39.17 -20.52 -9.85
CA LYS D 205 40.06 -20.68 -10.99
C LYS D 205 40.31 -22.16 -11.22
N GLY D 206 40.02 -22.63 -12.43
CA GLY D 206 40.14 -24.04 -12.77
C GLY D 206 38.86 -24.59 -13.36
N MET D 207 37.73 -24.14 -12.82
CA MET D 207 36.42 -24.54 -13.31
C MET D 207 35.48 -23.34 -13.38
N PRO D 208 35.41 -22.67 -14.54
CA PRO D 208 34.48 -21.53 -14.66
C PRO D 208 33.01 -21.96 -14.59
N GLY D 209 32.76 -23.26 -14.52
CA GLY D 209 31.40 -23.78 -14.40
C GLY D 209 30.84 -23.59 -13.01
N LEU D 210 31.69 -23.66 -12.00
CA LEU D 210 31.26 -23.47 -10.62
C LEU D 210 30.89 -22.02 -10.36
N ASN D 211 31.49 -21.12 -11.13
CA ASN D 211 31.20 -19.69 -11.01
C ASN D 211 29.85 -19.30 -11.61
N ASP D 212 29.12 -20.29 -12.12
CA ASP D 212 27.80 -20.07 -12.71
C ASP D 212 26.86 -19.35 -11.74
N GLY D 213 26.55 -20.01 -10.63
CA GLY D 213 25.56 -19.54 -9.69
C GLY D 213 24.63 -20.66 -9.31
N THR D 214 24.65 -21.73 -10.11
CA THR D 214 23.87 -22.92 -9.83
C THR D 214 24.32 -23.51 -8.50
N PRO D 215 23.41 -23.61 -7.52
CA PRO D 215 23.81 -24.16 -6.21
C PRO D 215 24.09 -25.66 -6.27
N ARG D 216 24.99 -26.13 -5.40
CA ARG D 216 25.30 -27.56 -5.30
C ARG D 216 25.05 -28.05 -3.88
N LYS D 217 24.55 -29.27 -3.76
CA LYS D 217 24.33 -29.89 -2.46
C LYS D 217 25.67 -30.11 -1.74
N VAL D 218 25.73 -29.67 -0.49
CA VAL D 218 26.95 -29.78 0.31
C VAL D 218 26.96 -31.07 1.12
N GLU D 219 28.16 -31.65 1.25
CA GLU D 219 28.36 -32.86 2.06
C GLU D 219 29.54 -32.63 2.99
N VAL D 220 29.27 -32.22 4.22
CA VAL D 220 30.32 -31.89 5.18
C VAL D 220 31.17 -33.10 5.51
N LYS D 221 32.47 -32.96 5.32
CA LYS D 221 33.42 -34.03 5.62
C LYS D 221 34.20 -33.68 6.89
N GLY D 222 34.39 -32.39 7.12
CA GLY D 222 35.08 -31.90 8.29
C GLY D 222 34.87 -30.41 8.46
N PRO D 223 35.52 -29.81 9.48
CA PRO D 223 35.37 -28.37 9.72
C PRO D 223 36.05 -27.51 8.65
N TYR D 224 37.07 -28.06 7.98
CA TYR D 224 37.82 -27.32 6.97
C TYR D 224 37.57 -27.82 5.56
N THR D 225 36.77 -28.87 5.41
CA THR D 225 36.51 -29.46 4.10
C THR D 225 35.07 -29.94 3.96
N PHE D 226 34.60 -29.98 2.72
CA PHE D 226 33.27 -30.51 2.41
C PHE D 226 33.18 -30.88 0.94
N SER D 227 32.35 -31.86 0.62
CA SER D 227 32.17 -32.31 -0.76
C SER D 227 30.90 -31.72 -1.37
N ILE D 228 30.89 -31.61 -2.69
CA ILE D 228 29.73 -31.10 -3.41
C ILE D 228 29.28 -32.08 -4.50
N GLY D 229 30.19 -32.97 -4.90
CA GLY D 229 29.91 -33.94 -5.95
C GLY D 229 31.01 -33.94 -7.00
N SER D 230 31.12 -35.04 -7.73
CA SER D 230 32.15 -35.18 -8.75
C SER D 230 32.02 -34.11 -9.83
N VAL D 231 33.07 -33.32 -9.99
CA VAL D 231 33.11 -32.27 -11.00
C VAL D 231 34.18 -32.59 -12.05
N LYS D 232 34.32 -33.88 -12.36
CA LYS D 232 35.33 -34.32 -13.31
C LYS D 232 34.97 -33.90 -14.73
N ASP D 233 33.70 -33.54 -14.94
CA ASP D 233 33.22 -33.12 -16.25
C ASP D 233 33.99 -31.90 -16.76
N LEU D 234 34.13 -30.90 -15.91
CA LEU D 234 34.87 -29.68 -16.25
C LEU D 234 35.99 -29.45 -15.24
N GLY D 235 37.21 -29.31 -15.75
CA GLY D 235 38.35 -29.02 -14.91
C GLY D 235 38.83 -30.21 -14.09
N SER D 236 40.15 -30.37 -14.01
CA SER D 236 40.73 -31.45 -13.22
C SER D 236 40.94 -31.00 -11.77
N ALA D 237 41.01 -29.68 -11.57
CA ALA D 237 41.19 -29.13 -10.23
C ALA D 237 40.96 -27.63 -10.21
N GLY D 238 40.27 -27.15 -9.17
CA GLY D 238 40.03 -25.73 -8.98
C GLY D 238 40.73 -25.20 -7.75
N TYR D 239 40.74 -23.87 -7.58
CA TYR D 239 41.40 -23.25 -6.44
C TYR D 239 41.17 -21.73 -6.38
N ASN D 240 41.53 -21.15 -5.23
CA ASN D 240 41.47 -19.70 -5.01
C ASN D 240 40.11 -19.08 -5.33
N GLY D 241 39.05 -19.79 -4.94
CA GLY D 241 37.69 -19.30 -5.11
C GLY D 241 37.05 -18.90 -3.80
N VAL D 242 35.74 -18.66 -3.84
CA VAL D 242 34.97 -18.29 -2.65
C VAL D 242 33.56 -18.87 -2.76
N PHE D 243 33.13 -19.64 -1.77
CA PHE D 243 31.77 -20.17 -1.76
C PHE D 243 30.82 -19.23 -1.04
N THR D 244 29.53 -19.38 -1.34
CA THR D 244 28.49 -18.58 -0.72
C THR D 244 27.22 -19.41 -0.59
N GLN D 245 26.68 -19.50 0.62
CA GLN D 245 25.47 -20.26 0.86
C GLN D 245 24.32 -19.68 0.03
N VAL D 246 23.59 -20.56 -0.65
CA VAL D 246 22.42 -20.18 -1.42
C VAL D 246 21.13 -20.57 -0.72
N LYS D 247 20.39 -19.58 -0.24
CA LYS D 247 19.08 -19.82 0.35
C LYS D 247 18.15 -20.37 -0.74
N VAL D 248 17.84 -21.65 -0.65
CA VAL D 248 17.05 -22.32 -1.69
C VAL D 248 15.57 -22.26 -1.37
N PRO D 249 14.73 -22.00 -2.39
CA PRO D 249 13.29 -22.08 -2.15
C PRO D 249 12.87 -23.49 -1.76
N THR D 250 12.12 -23.62 -0.67
CA THR D 250 11.73 -24.92 -0.15
C THR D 250 10.23 -25.10 -0.21
N LYS D 251 9.79 -26.20 -0.81
CA LYS D 251 8.38 -26.55 -0.85
C LYS D 251 7.98 -27.09 0.51
N ILE D 252 6.99 -26.45 1.13
CA ILE D 252 6.45 -26.91 2.41
C ILE D 252 4.99 -27.27 2.23
N SER D 253 4.71 -28.58 2.30
CA SER D 253 3.37 -29.09 2.01
C SER D 253 2.53 -29.17 3.28
N PHE D 254 1.64 -28.19 3.44
CA PHE D 254 0.73 -28.17 4.57
C PHE D 254 -0.50 -29.00 4.28
N LYS D 255 -0.92 -29.79 5.27
CA LYS D 255 -2.19 -30.50 5.19
C LYS D 255 -3.31 -29.58 5.63
N SER D 256 -4.51 -29.81 5.10
CA SER D 256 -5.69 -29.07 5.53
C SER D 256 -6.02 -29.43 6.97
N LEU D 257 -6.95 -28.69 7.56
CA LEU D 257 -7.37 -28.98 8.93
C LEU D 257 -8.08 -30.32 8.98
N ARG D 258 -8.81 -30.64 7.92
CA ARG D 258 -9.60 -31.86 7.85
C ARG D 258 -8.74 -33.12 7.86
N GLU D 259 -7.82 -33.21 6.90
CA GLU D 259 -7.02 -34.41 6.74
C GLU D 259 -5.90 -34.51 7.79
N SER D 260 -5.64 -33.41 8.49
CA SER D 260 -4.57 -33.37 9.48
C SER D 260 -5.09 -33.61 10.89
N LEU D 261 -6.41 -33.66 11.04
CA LEU D 261 -7.01 -33.91 12.35
C LEU D 261 -6.77 -35.35 12.80
N LYS D 262 -6.63 -36.25 11.83
CA LYS D 262 -6.36 -37.66 12.14
C LYS D 262 -4.88 -37.91 12.44
N ASP D 263 -4.01 -37.37 11.59
CA ASP D 263 -2.56 -37.52 11.76
C ASP D 263 -1.88 -36.16 11.80
N PRO D 264 -1.92 -35.48 12.96
CA PRO D 264 -1.35 -34.14 13.09
C PRO D 264 0.17 -34.12 13.26
N GLU D 265 0.84 -33.24 12.54
CA GLU D 265 2.27 -33.05 12.70
C GLU D 265 2.52 -31.99 13.77
N TYR D 266 3.35 -32.33 14.75
CA TYR D 266 3.52 -31.47 15.93
C TYR D 266 4.79 -30.62 15.90
N VAL D 267 4.68 -29.44 16.49
CA VAL D 267 5.83 -28.62 16.86
C VAL D 267 5.90 -28.57 18.37
N TYR D 268 6.90 -29.24 18.95
CA TYR D 268 6.99 -29.37 20.40
C TYR D 268 7.70 -28.17 21.03
N PRO D 269 6.97 -27.37 21.82
CA PRO D 269 7.64 -26.25 22.49
C PRO D 269 8.44 -26.69 23.72
N ASP D 270 8.36 -27.96 24.07
CA ASP D 270 9.07 -28.50 25.22
C ASP D 270 9.22 -30.01 25.09
N PHE D 271 10.44 -30.47 24.86
CA PHE D 271 10.71 -31.90 24.68
C PHE D 271 10.50 -32.65 25.99
N GLY D 272 10.47 -31.92 27.10
CA GLY D 272 10.15 -32.51 28.38
C GLY D 272 8.69 -32.90 28.46
N LYS D 273 7.87 -32.28 27.61
CA LYS D 273 6.43 -32.54 27.56
C LYS D 273 6.03 -33.19 26.26
N MET D 274 6.89 -34.08 25.76
CA MET D 274 6.70 -34.73 24.47
C MET D 274 5.34 -35.44 24.35
N MET D 275 4.83 -35.92 25.48
CA MET D 275 3.62 -36.74 25.48
C MET D 275 2.33 -35.93 25.53
N ARG D 276 2.45 -34.60 25.65
CA ARG D 276 1.30 -33.76 25.94
C ARG D 276 0.48 -33.30 24.73
N PRO D 277 1.16 -32.92 23.62
CA PRO D 277 0.40 -32.39 22.47
C PRO D 277 -0.74 -33.29 21.98
N PRO D 278 -0.54 -34.61 21.93
CA PRO D 278 -1.64 -35.48 21.50
C PRO D 278 -2.85 -35.39 22.42
N GLN D 279 -2.60 -35.26 23.72
CA GLN D 279 -3.67 -35.07 24.70
C GLN D 279 -4.42 -33.78 24.39
N TYR D 280 -3.66 -32.73 24.10
CA TYR D 280 -4.23 -31.42 23.79
C TYR D 280 -4.98 -31.43 22.46
N HIS D 281 -4.49 -32.23 21.51
CA HIS D 281 -5.09 -32.31 20.18
C HIS D 281 -6.54 -32.77 20.28
N ILE D 282 -6.81 -33.67 21.21
CA ILE D 282 -8.17 -34.15 21.44
C ILE D 282 -8.96 -33.13 22.25
N ALA D 283 -8.34 -32.61 23.31
CA ALA D 283 -9.01 -31.74 24.26
C ALA D 283 -9.57 -30.47 23.63
N PHE D 284 -8.81 -29.88 22.71
CA PHE D 284 -9.24 -28.64 22.07
C PHE D 284 -10.42 -28.88 21.12
N GLN D 285 -10.53 -30.10 20.61
CA GLN D 285 -11.68 -30.49 19.82
C GLN D 285 -12.89 -30.72 20.73
N ALA D 286 -12.62 -31.31 21.89
CA ALA D 286 -13.65 -31.60 22.88
C ALA D 286 -14.29 -30.30 23.39
N LEU D 287 -13.48 -29.25 23.49
CA LEU D 287 -13.98 -27.94 23.88
C LEU D 287 -15.04 -27.46 22.89
N SER D 288 -14.83 -27.81 21.62
CA SER D 288 -15.76 -27.42 20.57
C SER D 288 -16.99 -28.32 20.58
N ALA D 289 -16.78 -29.61 20.84
CA ALA D 289 -17.88 -30.56 20.94
C ALA D 289 -18.75 -30.26 22.14
N PHE D 290 -18.10 -29.86 23.24
CA PHE D 290 -18.81 -29.50 24.46
C PHE D 290 -19.66 -28.26 24.22
N ALA D 291 -19.08 -27.25 23.57
CA ALA D 291 -19.76 -25.97 23.36
C ALA D 291 -21.01 -26.12 22.50
N ASP D 292 -20.94 -26.99 21.50
CA ASP D 292 -22.09 -27.23 20.62
C ASP D 292 -23.23 -27.88 21.39
N ALA D 293 -22.90 -28.62 22.44
CA ALA D 293 -23.89 -29.34 23.23
C ALA D 293 -24.39 -28.50 24.41
N HIS D 294 -23.96 -27.24 24.46
CA HIS D 294 -24.35 -26.34 25.55
C HIS D 294 -24.57 -24.92 25.02
N GLU D 295 -24.95 -24.82 23.76
CA GLU D 295 -25.33 -23.54 23.15
C GLU D 295 -24.20 -22.51 23.19
N GLY D 296 -23.00 -22.95 22.85
CA GLY D 296 -21.86 -22.05 22.72
C GLY D 296 -21.04 -21.87 23.98
N SER D 297 -21.63 -22.22 25.12
CA SER D 297 -20.96 -22.04 26.41
C SER D 297 -19.85 -23.07 26.62
N LEU D 298 -18.71 -22.61 27.13
CA LEU D 298 -17.61 -23.49 27.50
C LEU D 298 -17.83 -24.04 28.91
N PRO D 299 -17.11 -25.12 29.26
CA PRO D 299 -17.22 -25.66 30.62
C PRO D 299 -16.95 -24.59 31.67
N ARG D 300 -17.74 -24.58 32.74
CA ARG D 300 -17.58 -23.57 33.77
C ARG D 300 -16.29 -23.80 34.56
N PRO D 301 -15.76 -22.76 35.22
CA PRO D 301 -14.49 -22.85 35.94
C PRO D 301 -14.46 -23.92 37.01
N ARG D 302 -13.51 -24.85 36.89
CA ARG D 302 -13.29 -25.90 37.90
C ARG D 302 -14.55 -26.72 38.18
N ASN D 303 -15.44 -26.81 37.18
CA ASN D 303 -16.67 -27.57 37.33
C ASN D 303 -16.45 -29.05 37.06
N ASP D 304 -16.54 -29.86 38.11
CA ASP D 304 -16.29 -31.30 38.01
C ASP D 304 -17.32 -31.99 37.12
N ILE D 305 -18.55 -31.51 37.15
CA ILE D 305 -19.62 -32.11 36.36
C ILE D 305 -19.35 -31.91 34.88
N ASP D 306 -19.13 -30.66 34.48
CA ASP D 306 -18.82 -30.34 33.09
C ASP D 306 -17.50 -30.98 32.66
N ALA D 307 -16.59 -31.15 33.63
CA ALA D 307 -15.28 -31.74 33.37
C ALA D 307 -15.41 -33.21 32.97
N ALA D 308 -16.29 -33.94 33.67
CA ALA D 308 -16.52 -35.34 33.37
C ALA D 308 -17.21 -35.48 32.01
N GLU D 309 -18.13 -34.57 31.72
CA GLU D 309 -18.81 -34.55 30.43
C GLU D 309 -17.81 -34.23 29.32
N PHE D 310 -16.88 -33.32 29.62
CA PHE D 310 -15.82 -32.97 28.70
C PHE D 310 -14.91 -34.17 28.45
N PHE D 311 -14.64 -34.92 29.51
CA PHE D 311 -13.78 -36.09 29.44
C PHE D 311 -14.38 -37.16 28.54
N GLU D 312 -15.71 -37.22 28.48
CA GLU D 312 -16.40 -38.21 27.67
C GLU D 312 -16.35 -37.84 26.19
N PHE D 313 -16.42 -36.55 25.90
CA PHE D 313 -16.28 -36.08 24.52
C PHE D 313 -14.92 -36.47 23.96
N CYS D 314 -13.90 -36.38 24.80
CA CYS D 314 -12.55 -36.75 24.40
C CYS D 314 -12.48 -38.22 23.99
N LYS D 315 -13.20 -39.06 24.73
CA LYS D 315 -13.26 -40.48 24.41
C LYS D 315 -13.93 -40.72 23.06
N LYS D 316 -15.00 -39.97 22.81
CA LYS D 316 -15.71 -40.07 21.54
C LYS D 316 -14.85 -39.60 20.39
N ILE D 317 -14.22 -38.44 20.56
CA ILE D 317 -13.37 -37.88 19.52
C ILE D 317 -12.14 -38.75 19.31
N ALA D 318 -11.58 -39.29 20.39
CA ALA D 318 -10.43 -40.17 20.30
C ALA D 318 -10.80 -41.43 19.51
N SER D 319 -12.04 -41.87 19.67
CA SER D 319 -12.54 -43.05 18.96
C SER D 319 -12.92 -42.70 17.52
N THR D 320 -13.63 -41.60 17.36
CA THR D 320 -14.10 -41.17 16.04
C THR D 320 -12.91 -40.91 15.11
N LEU D 321 -11.90 -40.22 15.63
CA LEU D 321 -10.69 -39.96 14.85
C LEU D 321 -9.79 -41.18 14.84
N GLN D 322 -10.21 -42.24 15.53
CA GLN D 322 -9.41 -43.46 15.66
C GLN D 322 -8.04 -43.10 16.22
N PHE D 323 -8.03 -42.13 17.13
CA PHE D 323 -6.80 -41.64 17.75
C PHE D 323 -6.40 -42.58 18.87
N ASP D 324 -5.36 -43.38 18.61
CA ASP D 324 -4.90 -44.38 19.58
C ASP D 324 -3.90 -43.75 20.55
N VAL D 325 -4.43 -43.01 21.50
CA VAL D 325 -3.63 -42.41 22.57
C VAL D 325 -4.33 -42.67 23.90
N GLU D 326 -3.55 -43.02 24.92
CA GLU D 326 -4.11 -43.25 26.24
C GLU D 326 -4.35 -41.92 26.93
N LEU D 327 -5.61 -41.59 27.16
CA LEU D 327 -5.99 -40.27 27.66
C LEU D 327 -5.58 -40.07 29.11
N ASP D 328 -4.80 -39.01 29.34
CA ASP D 328 -4.45 -38.59 30.69
C ASP D 328 -5.61 -37.80 31.27
N GLU D 329 -6.38 -38.43 32.14
CA GLU D 329 -7.62 -37.84 32.64
C GLU D 329 -7.36 -36.58 33.47
N LYS D 330 -6.33 -36.61 34.30
CA LYS D 330 -5.98 -35.46 35.12
C LYS D 330 -5.67 -34.23 34.26
N LEU D 331 -4.89 -34.45 33.20
CA LEU D 331 -4.46 -33.36 32.34
C LEU D 331 -5.59 -32.85 31.45
N ILE D 332 -6.41 -33.77 30.95
CA ILE D 332 -7.52 -33.42 30.07
C ILE D 332 -8.55 -32.55 30.80
N LYS D 333 -8.85 -32.91 32.03
CA LYS D 333 -9.85 -32.20 32.80
C LYS D 333 -9.36 -30.81 33.22
N GLU D 334 -8.05 -30.62 33.26
CA GLU D 334 -7.47 -29.32 33.60
C GLU D 334 -7.81 -28.28 32.54
N ILE D 335 -7.97 -28.74 31.29
CA ILE D 335 -8.35 -27.86 30.19
C ILE D 335 -9.81 -27.42 30.35
N SER D 336 -10.65 -28.34 30.81
CA SER D 336 -12.05 -28.02 31.06
C SER D 336 -12.16 -26.99 32.18
N TYR D 337 -11.40 -27.23 33.26
CA TYR D 337 -11.39 -26.33 34.40
C TYR D 337 -10.99 -24.92 34.01
N GLN D 338 -10.07 -24.81 33.04
CA GLN D 338 -9.51 -23.53 32.63
C GLN D 338 -10.01 -23.10 31.27
N ALA D 339 -11.09 -23.72 30.80
CA ALA D 339 -11.62 -23.45 29.47
C ALA D 339 -12.01 -21.99 29.29
N ARG D 340 -12.65 -21.41 30.29
CA ARG D 340 -13.09 -20.02 30.23
C ARG D 340 -11.98 -19.06 30.66
N GLY D 341 -10.77 -19.59 30.85
CA GLY D 341 -9.64 -18.78 31.25
C GLY D 341 -9.14 -17.93 30.10
N ASP D 342 -8.95 -16.64 30.35
CA ASP D 342 -8.46 -15.71 29.35
C ASP D 342 -7.34 -14.85 29.94
N LEU D 343 -6.13 -15.38 29.88
CA LEU D 343 -4.96 -14.70 30.45
C LEU D 343 -4.28 -13.83 29.39
N VAL D 344 -3.95 -12.61 29.78
CA VAL D 344 -3.33 -11.66 28.86
C VAL D 344 -1.94 -12.17 28.46
N ALA D 345 -1.23 -12.79 29.40
CA ALA D 345 0.09 -13.33 29.14
C ALA D 345 0.02 -14.37 28.04
N MET D 346 -0.98 -15.23 28.12
CA MET D 346 -1.17 -16.30 27.14
C MET D 346 -1.48 -15.70 25.77
N SER D 347 -2.27 -14.63 25.77
CA SER D 347 -2.62 -13.95 24.53
C SER D 347 -1.40 -13.24 23.96
N ALA D 348 -0.59 -12.67 24.85
CA ALA D 348 0.63 -11.97 24.43
C ALA D 348 1.64 -12.94 23.84
N PHE D 349 1.68 -14.16 24.37
CA PHE D 349 2.62 -15.17 23.89
C PHE D 349 2.17 -15.74 22.56
N LEU D 350 0.93 -16.21 22.51
CA LEU D 350 0.36 -16.76 21.28
C LEU D 350 0.15 -15.68 20.24
N GLY D 351 -0.35 -14.52 20.68
CA GLY D 351 -0.61 -13.41 19.79
C GLY D 351 0.64 -12.94 19.08
N GLY D 352 1.73 -12.86 19.82
CA GLY D 352 3.02 -12.52 19.23
C GLY D 352 3.45 -13.57 18.24
N ALA D 353 3.39 -14.84 18.66
CA ALA D 353 3.80 -15.96 17.82
C ALA D 353 2.93 -16.03 16.56
N VAL D 354 1.62 -15.93 16.74
CA VAL D 354 0.69 -16.00 15.62
C VAL D 354 0.90 -14.84 14.65
N ALA D 355 1.15 -13.65 15.20
CA ALA D 355 1.35 -12.47 14.37
C ALA D 355 2.57 -12.67 13.48
N GLN D 356 3.59 -13.33 14.02
CA GLN D 356 4.77 -13.66 13.23
C GLN D 356 4.38 -14.61 12.11
N GLU D 357 3.54 -15.60 12.43
CA GLU D 357 3.12 -16.60 11.45
C GLU D 357 2.33 -15.94 10.32
N VAL D 358 1.57 -14.91 10.63
CA VAL D 358 0.86 -14.16 9.61
C VAL D 358 1.87 -13.54 8.65
N LEU D 359 2.93 -12.94 9.22
CA LEU D 359 3.98 -12.34 8.41
C LEU D 359 4.69 -13.39 7.56
N LYS D 360 4.85 -14.60 8.09
CA LYS D 360 5.47 -15.68 7.34
C LYS D 360 4.61 -16.05 6.14
N ALA D 361 3.31 -16.19 6.38
CA ALA D 361 2.37 -16.58 5.34
C ALA D 361 2.28 -15.55 4.23
N THR D 362 2.66 -14.31 4.55
CA THR D 362 2.52 -13.20 3.62
C THR D 362 3.83 -12.84 2.93
N THR D 363 4.94 -13.37 3.44
CA THR D 363 6.26 -13.03 2.93
C THR D 363 7.07 -14.23 2.43
N SER D 364 6.60 -15.43 2.75
CA SER D 364 7.32 -16.66 2.42
C SER D 364 8.71 -16.69 3.07
N LYS D 365 8.90 -15.87 4.09
CA LYS D 365 10.17 -15.79 4.81
C LYS D 365 10.01 -16.41 6.20
N PHE D 366 11.04 -17.12 6.64
CA PHE D 366 11.05 -17.85 7.91
C PHE D 366 10.21 -19.13 7.81
N TYR D 367 10.58 -20.14 8.59
CA TYR D 367 9.92 -21.44 8.54
C TYR D 367 8.66 -21.44 9.40
N PRO D 368 7.49 -21.75 8.80
CA PRO D 368 6.27 -21.71 9.60
C PRO D 368 6.12 -22.88 10.57
N LEU D 369 5.20 -22.77 11.50
CA LEU D 369 4.83 -23.88 12.36
C LEU D 369 4.14 -24.95 11.51
N LYS D 370 4.62 -26.18 11.62
CA LYS D 370 4.17 -27.26 10.76
C LYS D 370 3.84 -28.50 11.59
N GLN D 371 2.59 -28.65 12.06
CA GLN D 371 1.49 -27.71 11.80
C GLN D 371 0.73 -27.40 13.09
N TYR D 372 0.70 -28.37 14.00
CA TYR D 372 0.00 -28.22 15.27
C TYR D 372 0.97 -27.82 16.37
N PHE D 373 0.71 -26.67 17.00
CA PHE D 373 1.53 -26.18 18.08
C PHE D 373 0.70 -26.13 19.36
N TYR D 374 0.80 -27.18 20.17
CA TYR D 374 0.06 -27.26 21.42
C TYR D 374 0.98 -26.94 22.58
N PHE D 375 0.58 -25.92 23.33
CA PHE D 375 1.43 -25.33 24.35
C PHE D 375 0.70 -25.17 25.67
N ASP D 376 1.45 -25.35 26.76
CA ASP D 376 0.93 -25.11 28.09
C ASP D 376 1.99 -24.49 28.97
N SER D 377 1.55 -23.63 29.88
CA SER D 377 2.42 -23.04 30.89
C SER D 377 1.81 -23.43 32.23
N LEU D 378 1.50 -24.73 32.35
CA LEU D 378 0.70 -25.25 33.45
C LEU D 378 1.41 -25.09 34.79
N GLU D 379 2.73 -24.97 34.77
CA GLU D 379 3.49 -24.73 35.99
C GLU D 379 3.11 -23.36 36.58
N SER D 380 2.47 -22.52 35.78
CA SER D 380 2.07 -21.19 36.22
C SER D 380 0.84 -21.21 37.12
N LEU D 381 0.21 -22.39 37.24
CA LEU D 381 -1.00 -22.52 38.05
C LEU D 381 -0.65 -22.40 39.54
N PRO D 382 -1.34 -21.51 40.28
CA PRO D 382 -1.02 -21.37 41.70
C PRO D 382 -1.28 -22.62 42.52
N SER D 383 -0.58 -22.73 43.64
CA SER D 383 -0.77 -23.85 44.58
C SER D 383 -0.80 -23.35 46.01
N SER D 384 -0.43 -22.08 46.23
CA SER D 384 -0.42 -21.51 47.56
C SER D 384 -1.79 -20.95 47.94
N VAL D 385 -2.75 -21.08 47.04
CA VAL D 385 -4.12 -20.64 47.28
C VAL D 385 -5.10 -21.68 46.75
N THR D 386 -6.35 -21.57 47.20
CA THR D 386 -7.39 -22.51 46.78
C THR D 386 -7.78 -22.28 45.34
N ILE D 387 -7.81 -23.37 44.57
CA ILE D 387 -8.32 -23.36 43.20
C ILE D 387 -9.52 -24.29 43.11
N SER D 388 -10.71 -23.71 42.94
CA SER D 388 -11.95 -24.47 43.00
C SER D 388 -13.05 -23.76 42.22
N GLU D 389 -14.23 -24.38 42.19
CA GLU D 389 -15.37 -23.84 41.45
C GLU D 389 -15.90 -22.56 42.11
N GLU D 390 -15.69 -22.44 43.42
CA GLU D 390 -16.22 -21.30 44.17
C GLU D 390 -15.36 -20.06 43.97
N THR D 391 -14.05 -20.23 44.08
CA THR D 391 -13.12 -19.11 43.99
C THR D 391 -12.96 -18.62 42.54
N CYS D 392 -13.07 -19.54 41.60
CA CYS D 392 -12.96 -19.20 40.17
C CYS D 392 -14.29 -18.72 39.60
N LYS D 393 -15.28 -18.55 40.48
CA LYS D 393 -16.59 -18.06 40.07
C LYS D 393 -16.49 -16.64 39.51
N PRO D 394 -17.13 -16.37 38.36
CA PRO D 394 -17.13 -14.99 37.86
C PRO D 394 -17.74 -14.02 38.86
N ARG D 395 -17.35 -12.76 38.79
CA ARG D 395 -17.83 -11.73 39.71
C ARG D 395 -18.22 -10.42 39.03
N GLY D 396 -18.53 -10.51 37.74
CA GLY D 396 -18.98 -9.35 36.99
C GLY D 396 -17.95 -8.25 36.83
N CYS D 397 -16.73 -8.49 37.31
CA CYS D 397 -15.65 -7.52 37.21
C CYS D 397 -14.85 -7.82 35.95
N ARG D 398 -13.91 -6.94 35.62
CA ARG D 398 -13.16 -7.08 34.37
C ARG D 398 -12.14 -8.21 34.41
N TYR D 399 -11.77 -8.65 35.61
CA TYR D 399 -10.72 -9.66 35.76
C TYR D 399 -11.29 -11.08 35.79
N ASP D 400 -12.51 -11.24 35.28
CA ASP D 400 -13.19 -12.53 35.29
C ASP D 400 -12.39 -13.60 34.55
N GLY D 401 -11.87 -13.24 33.38
CA GLY D 401 -11.11 -14.18 32.56
C GLY D 401 -9.86 -14.68 33.25
N GLN D 402 -9.32 -13.89 34.17
CA GLN D 402 -8.14 -14.25 34.93
C GLN D 402 -8.50 -15.03 36.19
N ILE D 403 -9.55 -14.56 36.87
CA ILE D 403 -10.04 -15.23 38.08
C ILE D 403 -10.47 -16.66 37.77
N ALA D 404 -10.86 -16.88 36.52
CA ALA D 404 -11.34 -18.20 36.10
C ALA D 404 -10.25 -19.27 36.16
N VAL D 405 -9.01 -18.85 36.36
CA VAL D 405 -7.88 -19.77 36.42
C VAL D 405 -7.13 -19.69 37.75
N PHE D 406 -6.93 -18.45 38.23
CA PHE D 406 -6.10 -18.23 39.41
C PHE D 406 -6.93 -18.09 40.68
N GLY D 407 -8.21 -17.76 40.54
CA GLY D 407 -9.08 -17.61 41.68
C GLY D 407 -9.20 -16.17 42.14
N SER D 408 -10.08 -15.93 43.10
CA SER D 408 -10.37 -14.59 43.56
C SER D 408 -9.35 -14.09 44.59
N GLU D 409 -8.77 -15.03 45.34
CA GLU D 409 -7.80 -14.67 46.37
C GLU D 409 -6.40 -14.49 45.79
N PHE D 410 -6.14 -15.10 44.64
CA PHE D 410 -4.87 -14.89 43.95
C PHE D 410 -4.89 -13.51 43.30
N GLN D 411 -6.06 -13.10 42.84
CA GLN D 411 -6.27 -11.78 42.26
C GLN D 411 -5.84 -10.71 43.26
N GLU D 412 -6.07 -10.98 44.54
CA GLU D 412 -5.72 -10.05 45.61
C GLU D 412 -4.20 -9.92 45.73
N LYS D 413 -3.48 -11.03 45.57
CA LYS D 413 -2.02 -11.01 45.62
C LYS D 413 -1.47 -10.17 44.48
N ILE D 414 -2.03 -10.36 43.29
CA ILE D 414 -1.63 -9.59 42.12
C ILE D 414 -1.92 -8.11 42.31
N ALA D 415 -3.08 -7.83 42.90
CA ALA D 415 -3.53 -6.46 43.07
C ALA D 415 -2.62 -5.66 44.00
N SER D 416 -2.03 -6.36 44.97
CA SER D 416 -1.23 -5.71 46.00
C SER D 416 0.27 -5.72 45.69
N LEU D 417 0.61 -6.04 44.44
CA LEU D 417 2.03 -6.10 44.05
C LEU D 417 2.64 -4.71 43.92
N SER D 418 3.89 -4.59 44.36
CA SER D 418 4.67 -3.37 44.20
C SER D 418 5.86 -3.68 43.30
N THR D 419 5.79 -3.21 42.05
CA THR D 419 6.76 -3.60 41.03
C THR D 419 7.69 -2.46 40.64
N PHE D 420 8.86 -2.85 40.13
CA PHE D 420 9.83 -1.90 39.58
C PHE D 420 10.16 -2.32 38.16
N LEU D 421 9.70 -1.51 37.20
CA LEU D 421 9.96 -1.76 35.79
C LEU D 421 11.12 -0.89 35.34
N VAL D 422 12.23 -1.52 34.99
CA VAL D 422 13.41 -0.79 34.54
C VAL D 422 13.40 -0.72 33.02
N GLY D 423 12.86 0.37 32.49
CA GLY D 423 12.74 0.56 31.05
C GLY D 423 11.29 0.67 30.63
N ALA D 424 10.98 1.71 29.86
CA ALA D 424 9.64 1.90 29.31
C ALA D 424 9.69 1.83 27.80
N GLY D 425 10.60 1.00 27.29
CA GLY D 425 10.74 0.80 25.86
C GLY D 425 9.78 -0.24 25.34
N ALA D 426 10.23 -1.04 24.38
CA ALA D 426 9.39 -2.08 23.80
C ALA D 426 8.90 -3.07 24.85
N ILE D 427 9.83 -3.68 25.57
CA ILE D 427 9.46 -4.66 26.59
C ILE D 427 8.69 -3.98 27.71
N GLY D 428 9.07 -2.74 28.02
CA GLY D 428 8.40 -1.99 29.07
C GLY D 428 6.93 -1.77 28.77
N CYS D 429 6.63 -1.37 27.54
CA CYS D 429 5.25 -1.10 27.13
C CYS D 429 4.37 -2.35 27.21
N GLU D 430 4.87 -3.45 26.67
CA GLU D 430 4.12 -4.70 26.68
C GLU D 430 3.89 -5.18 28.10
N MET D 431 4.86 -4.93 28.97
CA MET D 431 4.78 -5.36 30.35
C MET D 431 3.73 -4.56 31.10
N LEU D 432 3.72 -3.25 30.91
CA LEU D 432 2.75 -2.38 31.57
C LEU D 432 1.35 -2.71 31.09
N LYS D 433 1.24 -3.07 29.81
CA LYS D 433 -0.03 -3.50 29.24
C LYS D 433 -0.49 -4.77 29.94
N ASN D 434 0.41 -5.76 30.02
CA ASN D 434 0.12 -7.01 30.70
C ASN D 434 -0.29 -6.76 32.14
N TRP D 435 0.46 -5.91 32.83
CA TRP D 435 0.19 -5.58 34.22
C TRP D 435 -1.18 -4.93 34.38
N ALA D 436 -1.50 -4.01 33.47
CA ALA D 436 -2.80 -3.33 33.50
C ALA D 436 -3.93 -4.33 33.37
N MET D 437 -3.79 -5.27 32.44
CA MET D 437 -4.82 -6.28 32.22
C MET D 437 -4.90 -7.26 33.38
N MET D 438 -3.74 -7.67 33.88
CA MET D 438 -3.68 -8.62 35.00
C MET D 438 -4.24 -7.96 36.26
N GLY D 439 -4.23 -6.64 36.30
CA GLY D 439 -4.69 -5.90 37.45
C GLY D 439 -3.62 -5.78 38.51
N VAL D 440 -2.36 -5.68 38.07
CA VAL D 440 -1.24 -5.48 38.97
C VAL D 440 -1.32 -4.11 39.60
N ALA D 441 -1.04 -4.05 40.90
CA ALA D 441 -0.93 -2.79 41.63
C ALA D 441 -2.22 -1.98 41.65
N THR D 442 -3.36 -2.65 41.41
CA THR D 442 -4.66 -1.98 41.47
C THR D 442 -5.14 -1.87 42.91
N GLY D 443 -4.62 -2.74 43.78
CA GLY D 443 -4.99 -2.74 45.18
C GLY D 443 -4.42 -1.55 45.93
N GLU D 444 -4.79 -1.42 47.20
CA GLU D 444 -4.37 -0.29 48.02
C GLU D 444 -2.86 -0.30 48.27
N SER D 445 -2.32 -1.47 48.56
CA SER D 445 -0.90 -1.61 48.90
C SER D 445 -0.05 -1.87 47.67
N GLY D 446 -0.67 -1.84 46.50
CA GLY D 446 0.02 -2.10 45.25
C GLY D 446 0.53 -0.84 44.61
N HIS D 447 1.58 -0.95 43.80
CA HIS D 447 2.14 0.20 43.12
C HIS D 447 3.02 -0.21 41.93
N ILE D 448 3.23 0.72 41.01
CA ILE D 448 4.11 0.50 39.87
C ILE D 448 5.10 1.64 39.76
N SER D 449 6.38 1.31 39.79
CA SER D 449 7.44 2.27 39.57
C SER D 449 8.14 1.96 38.26
N VAL D 450 8.07 2.90 37.33
CA VAL D 450 8.70 2.74 36.02
C VAL D 450 9.68 3.88 35.77
N THR D 451 10.86 3.53 35.26
CA THR D 451 11.91 4.51 35.01
C THR D 451 12.51 4.35 33.62
N ASP D 452 12.76 5.48 32.98
CA ASP D 452 13.36 5.50 31.66
C ASP D 452 13.79 6.93 31.32
N MET D 453 15.10 7.13 31.13
CA MET D 453 15.64 8.45 30.87
C MET D 453 15.48 8.84 29.39
N ASP D 454 15.08 7.88 28.57
CA ASP D 454 14.93 8.12 27.14
C ASP D 454 13.60 8.79 26.84
N SER D 455 13.57 9.51 25.71
CA SER D 455 12.35 10.13 25.22
C SER D 455 11.87 9.41 23.97
N ILE D 456 10.58 9.54 23.67
CA ILE D 456 9.99 8.83 22.54
C ILE D 456 10.54 9.35 21.22
N GLU D 457 10.90 8.43 20.34
CA GLU D 457 11.38 8.77 19.00
C GLU D 457 10.48 8.10 17.95
N LYS D 458 10.56 8.55 16.71
CA LYS D 458 9.74 8.01 15.64
C LYS D 458 10.03 6.52 15.43
N SER D 459 11.29 6.15 15.58
CA SER D 459 11.70 4.76 15.44
C SER D 459 11.01 3.84 16.44
N ASN D 460 10.67 4.39 17.61
CA ASN D 460 10.11 3.59 18.69
C ASN D 460 8.69 3.11 18.42
N LEU D 461 7.94 3.90 17.64
CA LEU D 461 6.51 3.68 17.46
C LEU D 461 6.17 2.36 16.78
N ASN D 462 7.16 1.70 16.19
CA ASN D 462 6.93 0.46 15.44
C ASN D 462 6.74 -0.76 16.34
N ARG D 463 7.23 -0.69 17.57
CA ARG D 463 7.13 -1.82 18.49
C ARG D 463 6.88 -1.38 19.93
N GLN D 464 6.61 -0.08 20.10
CA GLN D 464 6.26 0.49 21.39
C GLN D 464 4.89 1.13 21.27
N PHE D 465 3.85 0.31 21.43
CA PHE D 465 2.50 0.64 20.98
C PHE D 465 1.71 1.57 21.91
N LEU D 466 2.23 1.83 23.11
CA LEU D 466 1.59 2.77 24.02
C LEU D 466 1.89 4.21 23.64
N PHE D 467 2.83 4.40 22.72
CA PHE D 467 3.23 5.73 22.27
C PHE D 467 2.60 6.04 20.91
N ARG D 468 2.42 7.33 20.64
CA ARG D 468 1.82 7.78 19.40
C ARG D 468 2.72 8.83 18.73
N PRO D 469 2.49 9.09 17.43
CA PRO D 469 3.28 10.09 16.71
C PRO D 469 3.33 11.44 17.43
N ARG D 470 2.22 11.84 18.05
CA ARG D 470 2.17 13.12 18.74
C ARG D 470 2.91 13.06 20.08
N ASP D 471 3.14 11.86 20.58
CA ASP D 471 3.83 11.69 21.85
C ASP D 471 5.35 11.79 21.67
N VAL D 472 5.81 11.92 20.44
CA VAL D 472 7.23 12.04 20.16
C VAL D 472 7.80 13.29 20.82
N GLY D 473 8.93 13.11 21.52
CA GLY D 473 9.59 14.21 22.21
C GLY D 473 9.37 14.14 23.70
N LYS D 474 8.27 13.50 24.11
CA LYS D 474 7.94 13.36 25.52
C LYS D 474 8.69 12.17 26.13
N LEU D 475 8.60 12.03 27.44
CA LEU D 475 9.28 10.95 28.15
C LEU D 475 8.51 9.65 28.04
N LYS D 476 9.23 8.54 27.86
CA LYS D 476 8.61 7.24 27.72
C LYS D 476 7.88 6.82 28.99
N SER D 477 8.48 7.10 30.14
CA SER D 477 7.93 6.67 31.41
C SER D 477 6.58 7.32 31.71
N GLU D 478 6.46 8.61 31.40
CA GLU D 478 5.24 9.35 31.68
C GLU D 478 4.11 8.96 30.73
N CYS D 479 4.41 8.89 29.45
CA CYS D 479 3.40 8.54 28.45
C CYS D 479 2.94 7.10 28.62
N ALA D 480 3.87 6.22 28.96
CA ALA D 480 3.56 4.80 29.17
C ALA D 480 2.57 4.62 30.31
N SER D 481 2.70 5.44 31.35
CA SER D 481 1.83 5.35 32.52
C SER D 481 0.44 5.86 32.20
N THR D 482 0.36 7.01 31.55
CA THR D 482 -0.92 7.60 31.18
C THR D 482 -1.71 6.68 30.26
N ALA D 483 -1.01 5.94 29.41
CA ALA D 483 -1.65 5.09 28.42
C ALA D 483 -2.37 3.92 29.08
N VAL D 484 -1.71 3.28 30.04
CA VAL D 484 -2.29 2.11 30.70
C VAL D 484 -3.35 2.52 31.72
N SER D 485 -3.31 3.78 32.12
CA SER D 485 -4.35 4.32 33.00
C SER D 485 -5.69 4.36 32.26
N ILE D 486 -5.61 4.58 30.95
CA ILE D 486 -6.80 4.58 30.11
C ILE D 486 -7.26 3.14 29.89
N MET D 487 -6.29 2.22 29.81
CA MET D 487 -6.60 0.81 29.64
C MET D 487 -7.22 0.24 30.91
N ASN D 488 -6.79 0.76 32.04
CA ASN D 488 -7.32 0.35 33.34
C ASN D 488 -7.29 1.52 34.31
N PRO D 489 -8.42 2.25 34.44
CA PRO D 489 -8.50 3.43 35.31
C PRO D 489 -8.15 3.14 36.78
N SER D 490 -8.17 1.87 37.18
CA SER D 490 -7.80 1.50 38.54
C SER D 490 -6.36 1.89 38.83
N LEU D 491 -5.56 2.06 37.79
CA LEU D 491 -4.15 2.41 37.94
C LEU D 491 -3.94 3.92 38.08
N THR D 492 -5.02 4.69 38.00
CA THR D 492 -4.93 6.13 38.16
C THR D 492 -4.39 6.48 39.54
N GLY D 493 -3.20 7.07 39.58
CA GLY D 493 -2.56 7.41 40.84
C GLY D 493 -1.83 6.23 41.45
N LYS D 494 -1.72 5.15 40.70
CA LYS D 494 -1.05 3.93 41.17
C LYS D 494 0.28 3.70 40.46
N ILE D 495 0.64 4.62 39.56
CA ILE D 495 1.89 4.50 38.82
C ILE D 495 2.71 5.78 38.96
N THR D 496 3.95 5.61 39.43
CA THR D 496 4.91 6.71 39.54
C THR D 496 6.00 6.55 38.48
N SER D 497 6.20 7.60 37.69
CA SER D 497 7.19 7.57 36.62
C SER D 497 8.46 8.33 37.00
N TYR D 498 9.60 7.70 36.76
CA TYR D 498 10.90 8.35 36.93
C TYR D 498 11.57 8.48 35.57
N GLN D 499 12.49 9.43 35.43
CA GLN D 499 13.28 9.58 34.21
C GLN D 499 14.76 9.43 34.53
N GLU D 500 15.09 8.43 35.33
CA GLU D 500 16.45 8.21 35.79
C GLU D 500 17.09 6.98 35.15
N ARG D 501 18.36 7.13 34.78
CA ARG D 501 19.16 5.99 34.36
C ARG D 501 19.50 5.16 35.59
N VAL D 502 19.12 3.88 35.58
CA VAL D 502 19.42 3.00 36.69
C VAL D 502 20.91 2.70 36.71
N GLY D 503 21.54 2.96 37.85
CA GLY D 503 22.97 2.77 37.99
C GLY D 503 23.47 3.39 39.29
N PRO D 504 24.79 3.40 39.48
CA PRO D 504 25.40 3.95 40.70
C PRO D 504 24.98 5.40 40.97
N GLU D 505 24.77 6.16 39.90
CA GLU D 505 24.42 7.58 40.02
C GLU D 505 23.05 7.79 40.64
N SER D 506 22.14 6.85 40.43
CA SER D 506 20.74 7.01 40.83
C SER D 506 20.41 6.21 42.08
N GLU D 507 21.43 5.83 42.84
CA GLU D 507 21.21 5.07 44.06
C GLU D 507 20.53 5.93 45.12
N GLY D 508 20.53 7.24 44.90
CA GLY D 508 19.88 8.17 45.81
C GLY D 508 18.36 8.11 45.70
N ILE D 509 17.87 7.84 44.50
CA ILE D 509 16.44 7.79 44.24
C ILE D 509 15.94 6.35 44.37
N PHE D 510 16.69 5.42 43.81
CA PHE D 510 16.38 4.00 43.91
C PHE D 510 17.26 3.35 44.97
N GLY D 511 17.16 3.88 46.19
CA GLY D 511 18.01 3.46 47.29
C GLY D 511 17.39 2.41 48.18
N ASP D 512 17.84 2.35 49.42
CA ASP D 512 17.43 1.32 50.37
C ASP D 512 15.93 1.33 50.63
N GLU D 513 15.37 2.52 50.82
CA GLU D 513 13.95 2.64 51.14
C GLU D 513 13.09 2.29 49.93
N PHE D 514 13.57 2.65 48.74
CA PHE D 514 12.84 2.37 47.51
C PHE D 514 12.74 0.87 47.25
N PHE D 515 13.86 0.17 47.42
CA PHE D 515 13.92 -1.25 47.09
C PHE D 515 13.17 -2.13 48.08
N GLU D 516 13.23 -1.78 49.36
CA GLU D 516 12.66 -2.62 50.42
C GLU D 516 11.17 -2.88 50.25
N LYS D 517 10.47 -1.92 49.63
CA LYS D 517 9.02 -2.01 49.48
C LYS D 517 8.61 -2.65 48.16
N LEU D 518 9.59 -3.11 47.38
CA LEU D 518 9.30 -3.75 46.10
C LEU D 518 9.04 -5.24 46.28
N SER D 519 8.06 -5.76 45.55
CA SER D 519 7.75 -7.19 45.55
C SER D 519 8.69 -7.92 44.60
N LEU D 520 9.00 -7.27 43.49
CA LEU D 520 9.88 -7.85 42.48
C LEU D 520 10.32 -6.77 41.50
N VAL D 521 11.39 -7.05 40.77
CA VAL D 521 11.87 -6.15 39.73
C VAL D 521 11.74 -6.84 38.38
N THR D 522 11.45 -6.04 37.36
CA THR D 522 11.32 -6.55 36.00
C THR D 522 12.15 -5.68 35.07
N ASN D 523 13.09 -6.32 34.36
CA ASN D 523 13.94 -5.61 33.43
C ASN D 523 13.27 -5.42 32.07
N ALA D 524 13.52 -4.26 31.48
CA ALA D 524 13.12 -3.96 30.12
C ALA D 524 14.26 -3.17 29.49
N LEU D 525 15.47 -3.69 29.66
CA LEU D 525 16.69 -2.97 29.33
C LEU D 525 17.22 -3.35 27.95
N ASP D 526 18.10 -2.50 27.42
CA ASP D 526 18.62 -2.70 26.07
C ASP D 526 20.13 -2.87 26.05
N ASN D 527 20.74 -2.98 27.22
CA ASN D 527 22.18 -3.23 27.33
C ASN D 527 22.50 -4.15 28.50
N VAL D 528 23.67 -4.77 28.45
CA VAL D 528 24.06 -5.76 29.45
C VAL D 528 24.54 -5.09 30.73
N GLU D 529 25.19 -3.94 30.59
CA GLU D 529 25.75 -3.23 31.74
C GLU D 529 24.68 -2.95 32.78
N ALA D 530 23.51 -2.53 32.33
CA ALA D 530 22.40 -2.25 33.23
C ALA D 530 21.87 -3.53 33.86
N ARG D 531 21.74 -4.58 33.06
CA ARG D 531 21.25 -5.88 33.54
C ARG D 531 22.11 -6.39 34.68
N MET D 532 23.42 -6.36 34.50
CA MET D 532 24.36 -6.80 35.53
C MET D 532 24.14 -6.01 36.82
N TYR D 533 24.03 -4.69 36.68
CA TYR D 533 23.85 -3.81 37.82
C TYR D 533 22.58 -4.11 38.59
N VAL D 534 21.45 -4.14 37.89
CA VAL D 534 20.17 -4.43 38.51
C VAL D 534 20.21 -5.79 39.17
N ASP D 535 20.85 -6.74 38.51
CA ASP D 535 20.95 -8.10 39.03
C ASP D 535 21.62 -8.10 40.40
N ARG D 536 22.74 -7.39 40.50
CA ARG D 536 23.50 -7.34 41.75
C ARG D 536 22.75 -6.60 42.85
N ARG D 537 22.03 -5.54 42.48
CA ARG D 537 21.19 -4.83 43.44
C ARG D 537 20.11 -5.76 43.98
N CYS D 538 19.57 -6.58 43.08
CA CYS D 538 18.54 -7.55 43.46
C CYS D 538 19.13 -8.67 44.30
N VAL D 539 20.40 -8.97 44.10
CA VAL D 539 21.09 -9.96 44.92
C VAL D 539 21.27 -9.38 46.31
N PHE D 540 21.52 -8.08 46.38
CA PHE D 540 21.73 -7.42 47.67
C PHE D 540 20.42 -7.33 48.44
N PHE D 541 19.39 -6.76 47.81
CA PHE D 541 18.10 -6.60 48.47
C PHE D 541 17.27 -7.88 48.45
N GLU D 542 17.85 -8.96 47.94
CA GLU D 542 17.20 -10.26 47.91
C GLU D 542 15.81 -10.20 47.26
N LYS D 543 15.70 -9.46 46.17
CA LYS D 543 14.43 -9.34 45.45
C LYS D 543 14.46 -10.21 44.21
N PRO D 544 13.29 -10.76 43.81
CA PRO D 544 13.29 -11.53 42.56
C PRO D 544 13.47 -10.63 41.35
N LEU D 545 14.08 -11.16 40.31
CA LEU D 545 14.30 -10.39 39.08
C LEU D 545 13.78 -11.15 37.87
N LEU D 546 12.89 -10.50 37.14
CA LEU D 546 12.43 -11.01 35.86
C LEU D 546 13.24 -10.35 34.76
N GLU D 547 14.01 -11.17 34.06
CA GLU D 547 14.90 -10.68 33.01
C GLU D 547 14.40 -11.18 31.66
N SER D 548 14.48 -10.32 30.66
CA SER D 548 14.07 -10.66 29.31
C SER D 548 14.93 -9.91 28.32
N GLY D 549 15.04 -10.48 27.12
CA GLY D 549 15.81 -9.86 26.06
C GLY D 549 15.29 -10.28 24.70
N THR D 550 15.59 -9.47 23.69
CA THR D 550 15.16 -9.76 22.34
C THR D 550 16.25 -9.41 21.36
N LEU D 551 16.15 -9.99 20.16
CA LEU D 551 17.04 -9.69 19.06
C LEU D 551 16.38 -10.23 17.82
N GLY D 552 15.77 -9.35 17.04
CA GLY D 552 14.98 -9.76 15.90
C GLY D 552 13.86 -10.69 16.36
N THR D 553 13.84 -11.89 15.78
CA THR D 553 12.82 -12.88 16.11
C THR D 553 13.25 -13.77 17.27
N LYS D 554 14.42 -13.49 17.83
CA LYS D 554 14.92 -14.27 18.96
C LYS D 554 14.63 -13.53 20.26
N GLY D 555 14.42 -14.30 21.32
CA GLY D 555 14.15 -13.73 22.62
C GLY D 555 14.41 -14.75 23.70
N ASN D 556 14.59 -14.28 24.93
CA ASN D 556 14.83 -15.16 26.05
C ASN D 556 14.30 -14.55 27.33
N THR D 557 14.00 -15.43 28.29
CA THR D 557 13.55 -14.99 29.61
C THR D 557 14.30 -15.77 30.67
N GLN D 558 14.79 -15.04 31.67
CA GLN D 558 15.45 -15.65 32.80
C GLN D 558 14.80 -15.12 34.06
N VAL D 559 14.60 -16.02 35.02
CA VAL D 559 14.01 -15.66 36.30
C VAL D 559 15.05 -15.89 37.38
N VAL D 560 15.18 -14.90 38.27
CA VAL D 560 16.11 -14.98 39.37
C VAL D 560 15.34 -15.03 40.69
N VAL D 561 15.41 -16.18 41.36
CA VAL D 561 14.68 -16.40 42.60
C VAL D 561 15.65 -16.43 43.78
N PRO D 562 15.51 -15.49 44.73
CA PRO D 562 16.38 -15.45 45.92
C PRO D 562 16.53 -16.79 46.63
N HIS D 563 17.77 -17.10 47.01
CA HIS D 563 18.10 -18.30 47.78
C HIS D 563 17.65 -19.57 47.08
N LEU D 564 17.60 -19.54 45.75
CA LEU D 564 17.19 -20.70 44.96
C LEU D 564 18.01 -20.84 43.69
N THR D 565 17.88 -19.85 42.81
CA THR D 565 18.53 -19.89 41.50
C THR D 565 19.79 -19.06 41.47
N GLU D 566 20.63 -19.28 40.47
CA GLU D 566 21.76 -18.41 40.22
C GLU D 566 21.24 -17.08 39.70
N SER D 567 22.07 -16.06 39.72
CA SER D 567 21.66 -14.74 39.27
C SER D 567 22.01 -14.55 37.80
N TYR D 568 21.59 -13.43 37.22
CA TYR D 568 21.85 -13.16 35.81
C TYR D 568 23.35 -13.08 35.54
N GLY D 569 24.11 -12.61 36.52
CA GLY D 569 25.54 -12.44 36.36
C GLY D 569 26.36 -13.69 36.65
N SER D 570 25.70 -14.73 37.15
CA SER D 570 26.38 -15.99 37.47
C SER D 570 26.84 -16.71 36.21
N SER D 571 26.29 -16.26 35.07
CA SER D 571 26.68 -16.79 33.77
C SER D 571 26.98 -15.61 32.86
N GLN D 572 27.68 -15.86 31.77
CA GLN D 572 28.07 -14.79 30.85
C GLN D 572 27.73 -15.15 29.41
N ASP D 573 27.65 -14.12 28.56
CA ASP D 573 27.35 -14.29 27.16
C ASP D 573 28.50 -13.73 26.33
N PRO D 574 28.61 -14.16 25.06
CA PRO D 574 29.69 -13.66 24.20
C PRO D 574 29.67 -12.13 24.13
N PRO D 575 30.85 -11.49 24.22
CA PRO D 575 30.91 -10.03 24.28
C PRO D 575 30.75 -9.38 22.91
N GLU D 576 30.47 -8.07 22.89
CA GLU D 576 30.36 -7.36 21.63
C GLU D 576 31.71 -7.39 20.92
N LYS D 577 31.68 -7.72 19.63
CA LYS D 577 32.90 -7.83 18.85
C LYS D 577 33.53 -6.46 18.64
N SER D 578 34.86 -6.41 18.76
CA SER D 578 35.61 -5.18 18.57
C SER D 578 36.89 -5.48 17.82
N PHE D 579 37.63 -4.44 17.47
CA PHE D 579 38.85 -4.60 16.68
C PHE D 579 40.00 -3.81 17.29
N PRO D 580 41.23 -4.34 17.19
CA PRO D 580 42.40 -3.63 17.72
C PRO D 580 42.79 -2.44 16.87
N ILE D 581 43.46 -1.46 17.47
CA ILE D 581 43.82 -0.23 16.79
C ILE D 581 44.82 -0.45 15.65
N CYS D 582 45.73 -1.40 15.83
CA CYS D 582 46.73 -1.70 14.82
C CYS D 582 46.09 -2.12 13.49
N THR D 583 45.08 -3.00 13.60
CA THR D 583 44.36 -3.49 12.43
C THR D 583 43.58 -2.39 11.71
N LEU D 584 42.91 -1.53 12.47
CA LEU D 584 42.04 -0.52 11.89
C LEU D 584 42.82 0.61 11.24
N LYS D 585 43.98 0.94 11.80
CA LYS D 585 44.74 2.09 11.36
C LYS D 585 45.40 1.89 10.00
N ASN D 586 45.77 0.64 9.68
CA ASN D 586 46.52 0.36 8.46
C ASN D 586 46.18 -0.93 7.72
N PHE D 587 45.55 -1.90 8.39
CA PHE D 587 45.38 -3.23 7.81
C PHE D 587 43.95 -3.78 7.93
N PRO D 588 42.97 -3.09 7.33
CA PRO D 588 41.60 -3.60 7.25
C PRO D 588 41.44 -4.69 6.19
N ASN D 589 40.57 -5.66 6.45
CA ASN D 589 40.23 -6.68 5.47
C ASN D 589 38.74 -7.00 5.49
N ARG D 590 37.98 -6.26 6.28
CA ARG D 590 36.52 -6.38 6.33
C ARG D 590 35.88 -5.01 6.20
N ILE D 591 34.57 -4.98 5.93
CA ILE D 591 33.83 -3.73 5.86
C ILE D 591 33.62 -3.17 7.26
N GLU D 592 33.56 -4.05 8.25
CA GLU D 592 33.39 -3.62 9.64
C GLU D 592 34.59 -2.82 10.10
N HIS D 593 35.76 -3.11 9.52
CA HIS D 593 36.98 -2.40 9.85
C HIS D 593 36.96 -0.96 9.34
N THR D 594 36.51 -0.78 8.10
CA THR D 594 36.49 0.54 7.47
C THR D 594 35.40 1.42 8.06
N ILE D 595 34.31 0.81 8.50
CA ILE D 595 33.22 1.56 9.13
C ILE D 595 33.70 2.13 10.46
N ALA D 596 34.38 1.31 11.25
CA ALA D 596 34.96 1.76 12.52
C ALA D 596 35.96 2.87 12.26
N TRP D 597 36.82 2.66 11.29
CA TRP D 597 37.80 3.66 10.87
C TRP D 597 37.11 4.97 10.49
N ALA D 598 36.05 4.85 9.70
CA ALA D 598 35.31 6.02 9.23
C ALA D 598 34.67 6.77 10.41
N ARG D 599 34.34 6.04 11.47
CA ARG D 599 33.75 6.67 12.65
C ARG D 599 34.78 7.47 13.42
N ASP D 600 35.97 6.90 13.61
CA ASP D 600 37.05 7.61 14.28
C ASP D 600 37.42 8.87 13.49
N LEU D 601 37.29 8.78 12.17
CA LEU D 601 37.58 9.90 11.30
C LEU D 601 36.52 11.00 11.49
N PHE D 602 35.27 10.59 11.64
CA PHE D 602 34.19 11.54 11.88
C PHE D 602 34.42 12.30 13.19
N GLU D 603 34.72 11.56 14.25
CA GLU D 603 34.98 12.16 15.56
C GLU D 603 36.26 13.00 15.53
N GLY D 604 37.26 12.50 14.82
CA GLY D 604 38.56 13.15 14.78
C GLY D 604 38.54 14.48 14.04
N LEU D 605 37.62 14.63 13.10
CA LEU D 605 37.55 15.84 12.28
C LEU D 605 36.54 16.87 12.77
N PHE D 606 35.38 16.41 13.26
CA PHE D 606 34.25 17.30 13.52
C PHE D 606 33.79 17.34 14.98
N LYS D 607 34.55 16.72 15.88
CA LYS D 607 34.12 16.63 17.28
C LYS D 607 35.26 16.85 18.26
N GLN D 608 36.30 16.01 18.16
CA GLN D 608 37.39 16.05 19.13
C GLN D 608 38.18 17.37 19.09
N PRO D 609 38.54 17.84 17.88
CA PRO D 609 39.25 19.12 17.84
C PRO D 609 38.36 20.27 18.28
N ILE D 610 37.07 20.16 17.98
CA ILE D 610 36.11 21.21 18.31
C ILE D 610 36.01 21.37 19.82
N ASP D 611 36.04 20.24 20.54
CA ASP D 611 35.94 20.27 22.00
C ASP D 611 37.20 20.88 22.60
N ASN D 612 38.35 20.63 21.98
CA ASN D 612 39.59 21.23 22.46
C ASN D 612 39.55 22.74 22.34
N VAL D 613 39.03 23.22 21.22
CA VAL D 613 38.88 24.66 20.99
C VAL D 613 37.95 25.28 22.04
N ASN D 614 36.78 24.68 22.21
CA ASN D 614 35.77 25.23 23.12
C ASN D 614 36.19 25.19 24.58
N MET D 615 37.05 24.23 24.94
CA MET D 615 37.55 24.15 26.30
C MET D 615 38.70 25.14 26.48
N TYR D 616 39.46 25.34 25.42
CA TYR D 616 40.55 26.31 25.43
C TYR D 616 40.02 27.72 25.66
N LEU D 617 38.84 28.00 25.12
CA LEU D 617 38.24 29.32 25.21
C LEU D 617 37.42 29.50 26.49
N SER D 618 37.01 28.40 27.10
CA SER D 618 36.08 28.46 28.25
C SER D 618 36.78 28.15 29.57
N SER D 619 37.80 27.31 29.53
CA SER D 619 38.54 26.96 30.74
C SER D 619 39.79 27.83 30.84
N PRO D 620 40.12 28.30 32.05
CA PRO D 620 41.21 29.28 32.21
C PRO D 620 42.60 28.66 32.13
N ASN D 621 42.75 27.46 32.66
CA ASN D 621 44.06 26.80 32.76
C ASN D 621 44.16 25.58 31.85
N PHE D 622 43.36 25.57 30.79
CA PHE D 622 43.27 24.40 29.90
C PHE D 622 44.62 23.98 29.31
N LEU D 623 45.39 24.95 28.84
CA LEU D 623 46.67 24.66 28.20
C LEU D 623 47.63 23.96 29.14
N GLU D 624 47.89 24.59 30.28
CA GLU D 624 48.86 24.07 31.23
C GLU D 624 48.35 22.80 31.89
N THR D 625 47.05 22.59 31.85
CA THR D 625 46.45 21.36 32.35
C THR D 625 46.60 20.23 31.33
N SER D 626 46.55 20.59 30.05
CA SER D 626 46.65 19.61 28.98
C SER D 626 48.11 19.22 28.69
N LEU D 627 49.02 20.15 28.88
CA LEU D 627 50.45 19.85 28.73
C LEU D 627 50.87 18.82 29.78
N LYS D 628 50.17 18.84 30.91
CA LYS D 628 50.46 17.96 32.02
C LYS D 628 49.68 16.65 31.94
N THR D 629 48.36 16.76 31.74
CA THR D 629 47.46 15.61 31.86
C THR D 629 46.75 15.27 30.56
N SER D 630 47.50 15.12 29.47
CA SER D 630 46.94 14.67 28.20
C SER D 630 47.78 13.56 27.57
N SER D 631 47.11 12.65 26.88
CA SER D 631 47.78 11.56 26.19
C SER D 631 48.73 12.08 25.12
N ASN D 632 48.34 13.17 24.47
CA ASN D 632 49.10 13.74 23.37
C ASN D 632 48.92 15.25 23.31
N PRO D 633 49.67 15.99 24.15
CA PRO D 633 49.55 17.46 24.22
C PRO D 633 49.78 18.14 22.89
N ARG D 634 50.62 17.54 22.05
CA ARG D 634 50.95 18.11 20.75
C ARG D 634 49.69 18.25 19.88
N GLU D 635 48.95 17.15 19.75
CA GLU D 635 47.78 17.12 18.88
C GLU D 635 46.68 18.04 19.39
N VAL D 636 46.63 18.26 20.71
CA VAL D 636 45.66 19.18 21.28
C VAL D 636 45.95 20.59 20.79
N LEU D 637 47.21 20.99 20.88
CA LEU D 637 47.61 22.33 20.45
C LEU D 637 47.43 22.51 18.95
N GLU D 638 47.82 21.50 18.18
CA GLU D 638 47.65 21.54 16.73
C GLU D 638 46.18 21.64 16.34
N ASN D 639 45.30 21.11 17.19
CA ASN D 639 43.86 21.21 16.94
C ASN D 639 43.38 22.65 17.13
N ILE D 640 43.85 23.30 18.19
CA ILE D 640 43.47 24.69 18.47
C ILE D 640 43.91 25.58 17.32
N ARG D 641 45.18 25.46 16.94
CA ARG D 641 45.76 26.25 15.86
C ARG D 641 44.98 26.06 14.57
N ASP D 642 44.83 24.81 14.16
CA ASP D 642 44.23 24.50 12.88
C ASP D 642 42.80 25.01 12.75
N TYR D 643 42.03 24.91 13.84
CA TYR D 643 40.60 25.20 13.79
C TYR D 643 40.23 26.65 14.15
N LEU D 644 41.17 27.41 14.69
CA LEU D 644 40.90 28.81 15.05
C LEU D 644 41.51 29.83 14.09
N VAL D 645 42.62 29.48 13.45
CA VAL D 645 43.33 30.42 12.58
C VAL D 645 43.76 29.85 11.24
N THR D 646 44.44 28.71 11.25
CA THR D 646 45.05 28.18 10.04
C THR D 646 44.01 27.68 9.04
N GLU D 647 43.29 26.62 9.41
CA GLU D 647 42.33 25.99 8.51
C GLU D 647 40.92 26.53 8.71
N LYS D 648 40.78 27.58 9.52
CA LYS D 648 39.47 28.18 9.76
C LYS D 648 38.86 28.69 8.46
N PRO D 649 37.63 28.26 8.15
CA PRO D 649 36.96 28.71 6.92
C PRO D 649 36.28 30.07 7.06
N LEU D 650 36.11 30.76 5.94
CA LEU D 650 35.43 32.05 5.92
C LEU D 650 34.19 31.96 5.03
N SER D 651 34.21 31.02 4.10
CA SER D 651 33.07 30.75 3.23
C SER D 651 32.81 29.25 3.18
N PHE D 652 31.64 28.86 2.70
CA PHE D 652 31.33 27.45 2.53
C PHE D 652 32.20 26.86 1.42
N GLU D 653 32.66 27.73 0.53
CA GLU D 653 33.51 27.30 -0.58
C GLU D 653 34.88 26.88 -0.06
N GLU D 654 35.30 27.49 1.05
CA GLU D 654 36.55 27.11 1.70
C GLU D 654 36.39 25.77 2.40
N CYS D 655 35.17 25.44 2.80
CA CYS D 655 34.90 24.14 3.41
C CYS D 655 35.00 23.05 2.34
N ILE D 656 34.62 23.37 1.11
CA ILE D 656 34.77 22.46 0.00
C ILE D 656 36.25 22.25 -0.30
N MET D 657 37.01 23.35 -0.27
CA MET D 657 38.46 23.27 -0.45
C MET D 657 39.06 22.39 0.63
N TRP D 658 38.61 22.59 1.86
CA TRP D 658 39.08 21.83 3.00
C TRP D 658 38.77 20.35 2.84
N ALA D 659 37.52 20.03 2.50
CA ALA D 659 37.08 18.65 2.38
C ALA D 659 37.83 17.92 1.26
N ARG D 660 38.15 18.65 0.21
CA ARG D 660 38.91 18.10 -0.91
C ARG D 660 40.32 17.74 -0.48
N LEU D 661 40.85 18.51 0.48
CA LEU D 661 42.17 18.26 1.02
C LEU D 661 42.15 17.00 1.88
N GLN D 662 41.06 16.81 2.61
CA GLN D 662 40.91 15.65 3.48
C GLN D 662 40.90 14.35 2.68
N PHE D 663 40.37 14.40 1.45
CA PHE D 663 40.31 13.21 0.61
C PHE D 663 41.70 12.65 0.35
N ASP D 664 42.60 13.50 -0.13
CA ASP D 664 43.96 13.08 -0.43
C ASP D 664 44.67 12.68 0.85
N LYS D 665 44.33 13.35 1.94
CA LYS D 665 45.01 13.15 3.22
C LYS D 665 44.75 11.77 3.81
N PHE D 666 43.57 11.21 3.53
CA PHE D 666 43.12 9.98 4.19
C PHE D 666 42.89 8.80 3.25
N PHE D 667 42.87 9.04 1.94
CA PHE D 667 42.62 7.97 0.97
C PHE D 667 43.69 7.91 -0.13
N ASN D 668 44.67 8.81 -0.07
CA ASN D 668 45.70 8.88 -1.10
C ASN D 668 47.11 8.92 -0.51
N ASN D 669 47.49 10.09 0.01
CA ASN D 669 48.84 10.31 0.53
C ASN D 669 49.20 9.30 1.62
N ASN D 670 48.28 9.09 2.55
CA ASN D 670 48.52 8.17 3.65
C ASN D 670 48.76 6.74 3.17
N ILE D 671 48.16 6.38 2.04
CA ILE D 671 48.34 5.05 1.47
C ILE D 671 49.71 4.95 0.81
N GLN D 672 50.14 6.01 0.15
CA GLN D 672 51.48 6.07 -0.42
C GLN D 672 52.52 5.91 0.67
N GLN D 673 52.34 6.64 1.77
CA GLN D 673 53.26 6.59 2.90
C GLN D 673 53.37 5.18 3.46
N LEU D 674 52.22 4.51 3.60
CA LEU D 674 52.19 3.14 4.10
C LEU D 674 52.88 2.20 3.10
N LEU D 675 52.66 2.45 1.82
CA LEU D 675 53.28 1.64 0.78
C LEU D 675 54.77 1.92 0.70
N PHE D 676 55.17 3.15 0.98
CA PHE D 676 56.58 3.49 1.00
C PHE D 676 57.27 2.78 2.14
N ASN D 677 56.55 2.59 3.24
CA ASN D 677 57.07 1.86 4.39
C ASN D 677 57.00 0.34 4.17
N PHE D 678 55.96 -0.08 3.47
CA PHE D 678 55.76 -1.50 3.16
C PHE D 678 55.27 -1.69 1.72
N PRO D 679 56.21 -1.66 0.75
CA PRO D 679 55.91 -1.86 -0.67
C PRO D 679 55.05 -3.11 -0.95
N LYS D 680 54.42 -3.13 -2.12
CA LYS D 680 53.44 -4.15 -2.45
C LYS D 680 54.03 -5.56 -2.51
N ASP D 681 55.31 -5.66 -2.81
CA ASP D 681 55.99 -6.95 -2.91
C ASP D 681 56.98 -7.16 -1.77
N SER D 682 56.75 -6.48 -0.65
CA SER D 682 57.62 -6.59 0.51
C SER D 682 57.63 -7.99 1.08
N VAL D 683 58.67 -8.30 1.85
CA VAL D 683 58.82 -9.61 2.46
C VAL D 683 59.38 -9.47 3.87
N THR D 684 58.71 -10.09 4.83
CA THR D 684 59.16 -10.09 6.21
C THR D 684 60.19 -11.20 6.44
N SER D 685 60.91 -11.13 7.56
CA SER D 685 62.02 -12.03 7.82
C SER D 685 61.56 -13.45 8.17
N THR D 686 60.67 -14.00 7.36
CA THR D 686 60.28 -15.41 7.47
C THR D 686 59.96 -15.98 6.10
N GLY D 687 60.31 -15.24 5.05
CA GLY D 687 60.11 -15.69 3.68
C GLY D 687 58.76 -15.27 3.12
N GLN D 688 57.77 -15.15 3.99
CA GLN D 688 56.41 -14.82 3.57
C GLN D 688 56.31 -13.37 3.14
N PRO D 689 55.56 -13.10 2.06
CA PRO D 689 55.32 -11.69 1.69
C PRO D 689 54.52 -10.98 2.78
N PHE D 690 54.84 -9.71 3.03
CA PHE D 690 54.18 -8.96 4.09
C PHE D 690 52.67 -8.92 3.88
N TRP D 691 52.25 -8.44 2.72
CA TRP D 691 50.83 -8.31 2.40
C TRP D 691 50.22 -9.66 2.00
N SER D 692 50.10 -10.55 2.98
CA SER D 692 49.49 -11.86 2.76
C SER D 692 48.53 -12.18 3.89
N GLY D 693 47.53 -13.02 3.61
CA GLY D 693 46.57 -13.45 4.60
C GLY D 693 45.68 -12.31 5.08
N PRO D 694 45.70 -12.00 6.38
CA PRO D 694 44.82 -10.95 6.90
C PRO D 694 45.14 -9.56 6.36
N LYS D 695 46.33 -9.39 5.79
CA LYS D 695 46.73 -8.11 5.22
C LYS D 695 46.40 -8.03 3.73
N ARG D 696 45.96 -6.85 3.29
CA ARG D 696 45.61 -6.62 1.89
C ARG D 696 46.32 -5.37 1.39
N ALA D 697 47.14 -5.53 0.37
CA ALA D 697 47.95 -4.44 -0.17
C ALA D 697 47.05 -3.31 -0.70
N PRO D 698 47.13 -2.13 -0.07
CA PRO D 698 46.23 -1.03 -0.47
C PRO D 698 46.66 -0.33 -1.76
N THR D 699 45.82 0.58 -2.23
CA THR D 699 46.07 1.33 -3.44
C THR D 699 45.59 2.78 -3.29
N PRO D 700 46.46 3.76 -3.55
CA PRO D 700 46.04 5.16 -3.41
C PRO D 700 44.86 5.52 -4.32
N LEU D 701 44.12 6.56 -3.95
CA LEU D 701 42.97 7.01 -4.70
C LEU D 701 43.18 8.41 -5.28
N SER D 702 43.02 8.52 -6.59
CA SER D 702 43.07 9.83 -7.26
C SER D 702 41.66 10.40 -7.34
N PHE D 703 41.47 11.58 -6.75
CA PHE D 703 40.14 12.17 -6.66
C PHE D 703 39.51 12.37 -8.03
N ASP D 704 38.21 12.10 -8.10
CA ASP D 704 37.46 12.22 -9.34
C ASP D 704 36.03 12.65 -9.01
N ILE D 705 35.72 13.92 -9.28
CA ILE D 705 34.45 14.52 -8.89
C ILE D 705 33.25 13.78 -9.50
N HIS D 706 33.46 13.14 -10.65
CA HIS D 706 32.38 12.44 -11.33
C HIS D 706 32.13 11.06 -10.72
N ASN D 707 32.96 10.70 -9.74
CA ASN D 707 32.77 9.45 -9.01
C ASN D 707 31.72 9.61 -7.91
N ARG D 708 30.82 8.64 -7.82
CA ARG D 708 29.72 8.69 -6.84
C ARG D 708 30.24 8.84 -5.42
N GLU D 709 31.13 7.94 -5.02
CA GLU D 709 31.59 7.88 -3.64
C GLU D 709 32.51 9.05 -3.28
N HIS D 710 33.28 9.51 -4.26
CA HIS D 710 34.20 10.63 -4.04
C HIS D 710 33.42 11.91 -3.73
N PHE D 711 32.36 12.17 -4.49
CA PHE D 711 31.58 13.39 -4.33
C PHE D 711 30.73 13.36 -3.06
N ASP D 712 30.20 12.18 -2.73
CA ASP D 712 29.41 12.02 -1.51
C ASP D 712 30.26 12.39 -0.29
N PHE D 713 31.54 12.08 -0.34
CA PHE D 713 32.47 12.43 0.73
C PHE D 713 32.67 13.94 0.83
N ILE D 714 32.94 14.57 -0.31
CA ILE D 714 33.16 16.02 -0.36
C ILE D 714 31.99 16.79 0.25
N VAL D 715 30.78 16.44 -0.17
CA VAL D 715 29.58 17.10 0.31
C VAL D 715 29.37 16.90 1.80
N ALA D 716 29.46 15.65 2.24
CA ALA D 716 29.24 15.31 3.64
C ALA D 716 30.27 16.00 4.54
N ALA D 717 31.55 15.83 4.19
CA ALA D 717 32.64 16.42 4.95
C ALA D 717 32.54 17.95 5.02
N ALA D 718 32.34 18.58 3.87
CA ALA D 718 32.27 20.04 3.79
C ALA D 718 31.05 20.55 4.56
N SER D 719 29.92 19.88 4.39
CA SER D 719 28.69 20.27 5.06
C SER D 719 28.86 20.15 6.58
N LEU D 720 29.62 19.13 6.99
CA LEU D 720 29.91 18.91 8.40
C LEU D 720 30.90 19.93 8.93
N TYR D 721 31.91 20.25 8.11
CA TYR D 721 32.90 21.24 8.49
C TYR D 721 32.25 22.60 8.65
N ALA D 722 31.34 22.92 7.74
CA ALA D 722 30.58 24.16 7.80
C ALA D 722 29.71 24.20 9.04
N PHE D 723 29.21 23.03 9.44
CA PHE D 723 28.34 22.93 10.60
C PHE D 723 29.09 23.29 11.88
N ASN D 724 30.40 23.09 11.88
CA ASN D 724 31.22 23.42 13.05
C ASN D 724 31.36 24.93 13.24
N TYR D 725 31.44 25.66 12.13
CA TYR D 725 31.67 27.10 12.16
C TYR D 725 30.40 27.91 11.92
N GLY D 726 29.27 27.22 11.77
CA GLY D 726 27.99 27.89 11.62
C GLY D 726 27.78 28.51 10.25
N LEU D 727 28.48 28.01 9.24
CA LEU D 727 28.30 28.48 7.88
C LEU D 727 27.16 27.71 7.22
N LYS D 728 26.42 28.39 6.35
CA LYS D 728 25.28 27.76 5.67
C LYS D 728 25.77 26.80 4.59
N SER D 729 25.19 25.61 4.57
CA SER D 729 25.56 24.58 3.59
C SER D 729 24.95 24.86 2.23
N GLU D 730 25.40 24.12 1.22
CA GLU D 730 24.86 24.23 -0.13
C GLU D 730 24.74 22.84 -0.76
N THR D 731 23.63 22.61 -1.46
CA THR D 731 23.36 21.33 -2.09
C THR D 731 23.67 21.36 -3.58
N ASP D 732 23.54 22.55 -4.18
CA ASP D 732 23.78 22.74 -5.62
C ASP D 732 25.15 22.21 -6.04
N PRO D 733 25.19 21.09 -6.78
CA PRO D 733 26.48 20.51 -7.18
C PRO D 733 27.32 21.44 -8.06
N ALA D 734 26.69 22.42 -8.68
CA ALA D 734 27.39 23.37 -9.56
C ALA D 734 28.50 24.09 -8.82
N ILE D 735 28.25 24.44 -7.56
CA ILE D 735 29.22 25.18 -6.75
C ILE D 735 30.47 24.32 -6.52
N TYR D 736 30.26 23.05 -6.23
CA TYR D 736 31.36 22.13 -5.95
C TYR D 736 32.28 21.99 -7.16
N GLU D 737 31.70 21.83 -8.34
CA GLU D 737 32.47 21.66 -9.57
C GLU D 737 33.44 22.82 -9.77
N ARG D 738 32.98 24.03 -9.45
CA ARG D 738 33.76 25.24 -9.63
C ARG D 738 34.97 25.26 -8.70
N VAL D 739 34.71 25.20 -7.40
CA VAL D 739 35.76 25.29 -6.39
C VAL D 739 36.77 24.15 -6.54
N LEU D 740 36.26 22.96 -6.79
CA LEU D 740 37.11 21.78 -6.90
C LEU D 740 37.97 21.82 -8.16
N ALA D 741 37.45 22.43 -9.22
CA ALA D 741 38.20 22.59 -10.47
C ALA D 741 39.42 23.47 -10.25
N GLY D 742 39.26 24.49 -9.42
CA GLY D 742 40.33 25.44 -9.14
C GLY D 742 41.18 25.01 -7.95
N TYR D 743 41.21 23.71 -7.68
CA TYR D 743 42.02 23.16 -6.61
C TYR D 743 43.33 22.60 -7.14
N ASN D 744 44.44 23.14 -6.64
CA ASN D 744 45.77 22.64 -6.99
C ASN D 744 46.32 21.76 -5.87
N PRO D 745 46.35 20.44 -6.08
CA PRO D 745 46.88 19.55 -5.04
C PRO D 745 48.32 19.88 -4.65
N PRO D 746 48.57 20.21 -3.37
CA PRO D 746 49.95 20.41 -2.93
C PRO D 746 50.81 19.17 -3.19
N PRO D 747 52.03 19.35 -3.71
CA PRO D 747 52.85 18.17 -4.04
C PRO D 747 53.23 17.35 -2.81
N PHE D 748 52.93 16.06 -2.84
CA PHE D 748 53.24 15.15 -1.74
C PHE D 748 54.22 14.07 -2.16
N ALA D 749 55.19 13.80 -1.28
CA ALA D 749 56.14 12.72 -1.50
C ALA D 749 56.34 11.97 -0.17
N PRO D 750 56.25 10.63 -0.20
CA PRO D 750 56.50 9.92 1.06
C PRO D 750 57.89 10.17 1.62
N LYS D 751 57.96 10.87 2.75
CA LYS D 751 59.22 11.14 3.44
C LYS D 751 59.60 9.98 4.34
N SER D 752 60.86 9.92 4.74
CA SER D 752 61.36 8.87 5.61
C SER D 752 61.35 9.32 7.07
N LEU D 776 60.10 24.58 21.50
CA LEU D 776 59.26 23.40 21.42
C LEU D 776 57.81 23.80 21.15
N LYS D 777 57.16 24.35 22.17
CA LYS D 777 55.79 24.84 22.07
C LYS D 777 55.74 26.34 21.80
N SER D 778 56.40 26.77 20.74
CA SER D 778 56.19 28.12 20.24
C SER D 778 54.95 28.15 19.34
N ILE D 779 54.18 27.08 19.41
CA ILE D 779 52.89 27.00 18.72
C ILE D 779 51.76 27.43 19.65
N ALA D 780 51.98 27.28 20.95
CA ALA D 780 51.04 27.76 21.96
C ALA D 780 50.95 29.29 21.99
N ASP D 781 52.01 29.94 21.54
CA ASP D 781 52.04 31.40 21.48
C ASP D 781 51.30 31.93 20.26
N SER D 782 51.24 31.12 19.20
CA SER D 782 50.57 31.52 17.97
C SER D 782 49.05 31.47 18.09
N LEU D 783 48.55 31.04 19.25
CA LEU D 783 47.12 30.95 19.47
C LEU D 783 46.59 32.26 20.05
N PRO D 784 45.44 32.75 19.54
CA PRO D 784 44.84 33.93 20.16
C PRO D 784 44.30 33.62 21.56
N PRO D 785 44.33 34.60 22.47
CA PRO D 785 43.89 34.34 23.84
C PRO D 785 42.38 34.17 23.95
N PRO D 786 41.90 33.45 24.99
CA PRO D 786 40.45 33.35 25.21
C PRO D 786 39.78 34.72 25.40
N SER D 787 40.55 35.69 25.86
CA SER D 787 40.05 37.04 26.08
C SER D 787 39.77 37.76 24.78
N SER D 788 40.41 37.31 23.70
CA SER D 788 40.22 37.92 22.39
C SER D 788 38.98 37.39 21.69
N LEU D 789 38.48 36.25 22.16
CA LEU D 789 37.33 35.58 21.55
C LEU D 789 36.31 35.19 22.61
N VAL D 790 35.97 36.13 23.49
CA VAL D 790 34.99 35.90 24.53
C VAL D 790 33.59 35.71 23.93
N GLY D 791 32.94 34.63 24.33
CA GLY D 791 31.58 34.36 23.88
C GLY D 791 31.52 33.67 22.53
N PHE D 792 32.67 33.19 22.05
CA PHE D 792 32.74 32.47 20.79
C PHE D 792 32.92 30.97 21.01
N ARG D 793 32.05 30.18 20.40
CA ARG D 793 32.13 28.73 20.49
C ARG D 793 31.87 28.08 19.13
N LEU D 794 32.57 26.98 18.87
CA LEU D 794 32.32 26.16 17.69
C LEU D 794 31.31 25.09 18.04
N THR D 795 30.59 24.58 17.05
CA THR D 795 29.53 23.61 17.27
C THR D 795 30.02 22.18 16.97
N PRO D 796 30.30 21.38 18.02
CA PRO D 796 30.76 20.02 17.78
C PRO D 796 29.66 19.11 17.23
N ALA D 797 30.03 18.19 16.35
CA ALA D 797 29.08 17.27 15.74
C ALA D 797 28.85 16.04 16.63
N GLU D 798 27.64 15.93 17.16
CA GLU D 798 27.28 14.79 17.98
C GLU D 798 26.61 13.71 17.12
N PHE D 799 27.34 12.62 16.88
CA PHE D 799 26.88 11.55 15.99
C PHE D 799 25.46 11.07 16.31
N GLU D 800 24.59 11.15 15.31
CA GLU D 800 23.20 10.70 15.43
C GLU D 800 22.77 9.94 14.18
N LYS D 801 22.68 8.62 14.33
CA LYS D 801 22.31 7.72 13.26
C LYS D 801 20.91 7.98 12.67
N ASP D 802 19.94 8.26 13.53
CA ASP D 802 18.53 8.22 13.14
C ASP D 802 18.04 9.51 12.49
N ASP D 803 18.93 10.46 12.25
CA ASP D 803 18.61 11.66 11.49
C ASP D 803 19.34 11.60 10.15
N ASP D 804 18.59 11.35 9.08
CA ASP D 804 19.18 11.10 7.78
C ASP D 804 19.50 12.38 7.00
N SER D 805 19.41 13.53 7.68
CA SER D 805 19.63 14.83 7.03
C SER D 805 20.81 15.59 7.62
N ASN D 806 21.57 14.94 8.51
CA ASN D 806 22.68 15.61 9.20
C ASN D 806 24.06 15.29 8.63
N HIS D 807 24.08 14.51 7.54
CA HIS D 807 25.32 14.16 6.83
C HIS D 807 26.22 13.21 7.63
N HIS D 808 25.73 12.74 8.78
CA HIS D 808 26.54 11.86 9.64
C HIS D 808 26.74 10.50 9.01
N ILE D 809 25.65 9.78 8.77
CA ILE D 809 25.74 8.46 8.15
C ILE D 809 26.26 8.58 6.73
N ASP D 810 25.95 9.69 6.07
CA ASP D 810 26.47 9.96 4.73
C ASP D 810 27.99 9.94 4.76
N PHE D 811 28.56 10.61 5.77
CA PHE D 811 30.02 10.70 5.90
C PHE D 811 30.63 9.33 6.19
N ILE D 812 30.08 8.63 7.17
CA ILE D 812 30.57 7.30 7.54
C ILE D 812 30.56 6.38 6.33
N THR D 813 29.45 6.41 5.59
CA THR D 813 29.26 5.52 4.45
C THR D 813 30.25 5.84 3.33
N ALA D 814 30.41 7.12 3.04
CA ALA D 814 31.31 7.55 1.98
C ALA D 814 32.76 7.22 2.32
N ALA D 815 33.20 7.65 3.50
CA ALA D 815 34.57 7.42 3.94
C ALA D 815 34.88 5.92 4.04
N SER D 816 33.95 5.17 4.61
CA SER D 816 34.13 3.73 4.78
C SER D 816 34.38 3.03 3.46
N ASN D 817 33.57 3.38 2.46
CA ASN D 817 33.66 2.73 1.16
C ASN D 817 34.88 3.18 0.38
N LEU D 818 35.31 4.43 0.59
CA LEU D 818 36.54 4.90 -0.01
C LEU D 818 37.73 4.09 0.48
N ARG D 819 37.80 3.86 1.78
CA ARG D 819 38.85 3.04 2.36
C ARG D 819 38.66 1.58 1.98
N ALA D 820 37.43 1.20 1.67
CA ALA D 820 37.16 -0.15 1.19
C ALA D 820 37.70 -0.30 -0.22
N MET D 821 37.57 0.76 -1.02
CA MET D 821 38.11 0.77 -2.37
C MET D 821 39.63 0.74 -2.34
N ASN D 822 40.21 1.42 -1.35
CA ASN D 822 41.65 1.40 -1.14
C ASN D 822 42.17 -0.02 -0.97
N TYR D 823 41.58 -0.75 -0.04
CA TYR D 823 42.05 -2.08 0.36
C TYR D 823 41.29 -3.21 -0.33
N ASP D 824 40.59 -2.89 -1.42
CA ASP D 824 39.86 -3.89 -2.20
C ASP D 824 38.88 -4.67 -1.32
N ILE D 825 37.98 -3.95 -0.66
CA ILE D 825 36.96 -4.54 0.18
C ILE D 825 35.59 -4.18 -0.38
N THR D 826 34.66 -5.13 -0.32
CA THR D 826 33.31 -4.92 -0.83
C THR D 826 32.59 -3.86 0.01
N PRO D 827 32.17 -2.76 -0.62
CA PRO D 827 31.51 -1.68 0.15
C PRO D 827 30.10 -2.03 0.61
N ALA D 828 29.50 -1.14 1.39
CA ALA D 828 28.15 -1.35 1.92
C ALA D 828 27.32 -0.07 1.82
N ASP D 829 26.03 -0.22 1.53
CA ASP D 829 25.13 0.92 1.42
C ASP D 829 24.88 1.57 2.78
N ARG D 830 24.21 2.72 2.77
CA ARG D 830 23.94 3.45 4.01
C ARG D 830 23.10 2.61 4.97
N PHE D 831 22.30 1.72 4.42
CA PHE D 831 21.41 0.90 5.23
C PHE D 831 22.21 -0.06 6.12
N LYS D 832 23.17 -0.77 5.53
CA LYS D 832 24.03 -1.66 6.30
C LYS D 832 25.01 -0.88 7.17
N THR D 833 25.52 0.23 6.64
CA THR D 833 26.48 1.06 7.36
C THR D 833 25.82 1.65 8.61
N LYS D 834 24.60 2.12 8.45
CA LYS D 834 23.83 2.68 9.56
C LYS D 834 23.62 1.64 10.65
N PHE D 835 23.50 0.39 10.23
CA PHE D 835 23.29 -0.72 11.16
C PHE D 835 24.56 -1.01 11.96
N VAL D 836 25.69 -0.97 11.27
CA VAL D 836 26.98 -1.23 11.91
C VAL D 836 27.45 -0.02 12.71
N ALA D 837 27.61 1.12 12.02
CA ALA D 837 28.11 2.34 12.66
C ALA D 837 27.19 2.77 13.80
N GLY D 838 25.89 2.58 13.61
CA GLY D 838 24.90 2.96 14.60
C GLY D 838 24.72 1.91 15.69
N LYS D 839 25.29 0.73 15.48
CA LYS D 839 25.11 -0.39 16.41
C LYS D 839 23.64 -0.65 16.68
N ILE D 840 22.86 -0.71 15.61
CA ILE D 840 21.41 -0.87 15.72
C ILE D 840 21.04 -2.32 16.03
N VAL D 841 20.13 -2.50 16.97
CA VAL D 841 19.61 -3.81 17.33
C VAL D 841 18.34 -4.11 16.57
N PRO D 842 18.33 -5.18 15.75
CA PRO D 842 17.07 -5.56 15.08
C PRO D 842 15.99 -5.91 16.11
N ALA D 843 14.76 -5.49 15.85
CA ALA D 843 13.69 -5.67 16.82
C ALA D 843 12.32 -5.42 16.20
N MET D 844 11.34 -6.24 16.59
CA MET D 844 9.96 -6.03 16.16
C MET D 844 8.98 -6.52 17.24
N CYS D 845 7.76 -6.02 17.16
CA CYS D 845 6.75 -6.22 18.19
C CYS D 845 6.46 -7.68 18.52
N THR D 846 6.61 -8.56 17.54
CA THR D 846 6.26 -9.97 17.70
C THR D 846 7.07 -10.62 18.82
N SER D 847 8.40 -10.58 18.71
CA SER D 847 9.27 -11.18 19.71
C SER D 847 9.10 -10.49 21.06
N THR D 848 8.78 -9.20 21.04
CA THR D 848 8.59 -8.43 22.25
C THR D 848 7.32 -8.86 22.99
N ALA D 849 6.28 -9.15 22.23
CA ALA D 849 5.02 -9.62 22.80
C ALA D 849 5.21 -10.99 23.42
N VAL D 850 5.97 -11.84 22.74
CA VAL D 850 6.20 -13.20 23.19
C VAL D 850 6.98 -13.25 24.51
N VAL D 851 8.02 -12.44 24.63
CA VAL D 851 8.80 -12.42 25.87
C VAL D 851 7.98 -11.87 27.01
N SER D 852 7.20 -10.82 26.74
CA SER D 852 6.35 -10.22 27.76
C SER D 852 5.35 -11.26 28.26
N GLY D 853 4.91 -12.12 27.35
CA GLY D 853 4.00 -13.20 27.70
C GLY D 853 4.68 -14.19 28.64
N LEU D 854 5.88 -14.62 28.29
CA LEU D 854 6.61 -15.60 29.08
C LEU D 854 7.03 -15.02 30.44
N VAL D 855 7.37 -13.74 30.47
CA VAL D 855 7.76 -13.08 31.71
C VAL D 855 6.61 -13.08 32.71
N CYS D 856 5.41 -12.77 32.22
CA CYS D 856 4.24 -12.71 33.09
C CYS D 856 3.76 -14.10 33.48
N LEU D 857 4.00 -15.08 32.62
CA LEU D 857 3.69 -16.46 32.95
C LEU D 857 4.62 -16.96 34.05
N GLU D 858 5.76 -16.27 34.21
CA GLU D 858 6.72 -16.58 35.25
C GLU D 858 6.48 -15.72 36.48
N LEU D 859 5.96 -14.51 36.25
CA LEU D 859 5.66 -13.60 37.34
C LEU D 859 4.67 -14.21 38.32
N VAL D 860 3.63 -14.84 37.79
CA VAL D 860 2.58 -15.43 38.61
C VAL D 860 3.14 -16.56 39.49
N LYS D 861 4.28 -17.12 39.09
CA LYS D 861 4.95 -18.12 39.91
C LYS D 861 5.64 -17.46 41.08
N LEU D 862 6.15 -16.25 40.87
CA LEU D 862 6.79 -15.49 41.93
C LEU D 862 5.74 -15.01 42.93
N VAL D 863 4.57 -14.66 42.43
CA VAL D 863 3.46 -14.25 43.29
C VAL D 863 3.02 -15.44 44.14
N ASP D 864 2.97 -16.61 43.53
CA ASP D 864 2.58 -17.83 44.22
C ASP D 864 3.67 -18.27 45.19
N GLY D 865 4.84 -17.65 45.08
CA GLY D 865 5.95 -17.93 45.98
C GLY D 865 6.44 -19.36 45.88
N LYS D 866 6.54 -19.86 44.66
CA LYS D 866 6.98 -21.23 44.43
C LYS D 866 8.44 -21.41 44.82
N LYS D 867 8.70 -22.39 45.66
CA LYS D 867 10.04 -22.64 46.18
C LYS D 867 10.73 -23.79 45.45
N LYS D 868 9.97 -24.50 44.64
CA LYS D 868 10.50 -25.59 43.83
C LYS D 868 11.16 -25.00 42.58
N ILE D 869 12.43 -25.33 42.36
CA ILE D 869 13.17 -24.73 41.24
C ILE D 869 12.68 -25.27 39.89
N GLU D 870 12.26 -26.52 39.89
CA GLU D 870 11.81 -27.17 38.65
C GLU D 870 10.49 -26.58 38.15
N GLU D 871 9.81 -25.83 39.01
CA GLU D 871 8.57 -25.18 38.62
C GLU D 871 8.83 -23.95 37.74
N TYR D 872 9.99 -23.32 37.93
CA TYR D 872 10.35 -22.15 37.14
C TYR D 872 10.94 -22.58 35.81
N LYS D 873 10.91 -21.67 34.84
CA LYS D 873 11.34 -21.97 33.48
C LYS D 873 12.02 -20.78 32.82
N ASN D 874 13.26 -20.97 32.40
CA ASN D 874 13.94 -19.98 31.56
C ASN D 874 13.62 -20.26 30.11
N GLY D 875 13.17 -19.23 29.40
CA GLY D 875 12.70 -19.41 28.04
C GLY D 875 13.73 -18.98 27.02
N PHE D 876 13.72 -19.66 25.89
CA PHE D 876 14.54 -19.31 24.74
C PHE D 876 13.75 -19.63 23.49
N PHE D 877 13.66 -18.70 22.56
CA PHE D 877 12.91 -18.94 21.34
C PHE D 877 13.47 -18.20 20.14
N ASN D 878 13.16 -18.73 18.96
CA ASN D 878 13.40 -18.05 17.70
C ASN D 878 12.18 -18.24 16.83
N LEU D 879 11.37 -17.18 16.71
CA LEU D 879 10.12 -17.26 15.97
C LEU D 879 10.37 -17.51 14.49
N ALA D 880 11.60 -17.27 14.03
CA ALA D 880 11.93 -17.44 12.62
C ALA D 880 11.94 -18.91 12.20
N ILE D 881 12.08 -19.81 13.17
CA ILE D 881 12.15 -21.24 12.88
C ILE D 881 11.19 -22.05 13.76
N GLY D 882 10.25 -21.35 14.38
CA GLY D 882 9.26 -21.98 15.23
C GLY D 882 9.90 -22.78 16.34
N LEU D 883 11.02 -22.27 16.85
CA LEU D 883 11.77 -22.95 17.89
C LEU D 883 11.48 -22.33 19.26
N PHE D 884 10.93 -23.15 20.15
CA PHE D 884 10.73 -22.77 21.53
C PHE D 884 11.36 -23.85 22.39
N THR D 885 12.08 -23.42 23.43
CA THR D 885 12.71 -24.37 24.34
C THR D 885 12.82 -23.73 25.71
N PHE D 886 12.65 -24.55 26.74
CA PHE D 886 12.64 -24.07 28.11
C PHE D 886 13.53 -24.96 28.96
N SER D 887 13.93 -24.46 30.13
CA SER D 887 14.81 -25.21 31.01
C SER D 887 14.69 -24.71 32.44
N ASP D 888 14.86 -25.62 33.39
CA ASP D 888 14.85 -25.26 34.79
C ASP D 888 16.06 -24.36 35.05
N PRO D 889 15.86 -23.28 35.82
CA PRO D 889 17.01 -22.45 36.19
C PRO D 889 18.08 -23.24 36.93
N ILE D 890 19.34 -22.85 36.76
CA ILE D 890 20.42 -23.47 37.51
C ILE D 890 20.32 -23.02 38.97
N ALA D 891 20.48 -23.96 39.88
CA ALA D 891 20.43 -23.64 41.31
C ALA D 891 21.68 -22.87 41.70
N SER D 892 21.55 -22.03 42.71
CA SER D 892 22.70 -21.28 43.21
C SER D 892 23.72 -22.25 43.79
N PRO D 893 25.02 -21.99 43.54
CA PRO D 893 26.05 -22.89 44.09
C PRO D 893 26.05 -22.87 45.62
N LYS D 894 26.05 -24.06 46.22
CA LYS D 894 26.01 -24.19 47.67
C LYS D 894 27.41 -24.43 48.22
N MET D 895 27.52 -24.40 49.54
CA MET D 895 28.79 -24.62 50.22
C MET D 895 28.58 -24.84 51.70
N LYS D 896 28.66 -26.09 52.15
CA LYS D 896 28.46 -26.41 53.55
C LYS D 896 29.68 -26.02 54.39
N VAL D 897 29.45 -25.18 55.39
CA VAL D 897 30.51 -24.62 56.22
C VAL D 897 30.16 -24.67 57.70
N ASN D 898 31.00 -25.34 58.49
CA ASN D 898 30.87 -25.38 59.94
C ASN D 898 29.57 -26.00 60.47
N GLY D 899 28.71 -26.47 59.58
CA GLY D 899 27.45 -27.08 59.99
C GLY D 899 26.41 -27.10 58.89
N LYS D 900 25.77 -25.96 58.66
CA LYS D 900 24.70 -25.86 57.68
C LYS D 900 25.23 -25.37 56.34
N GLU D 901 24.39 -25.42 55.32
CA GLU D 901 24.78 -24.99 53.98
C GLU D 901 24.66 -23.47 53.86
N ILE D 902 25.57 -22.88 53.10
CA ILE D 902 25.51 -21.45 52.82
C ILE D 902 25.38 -21.24 51.31
N ASP D 903 24.72 -20.16 50.93
CA ASP D 903 24.47 -19.84 49.54
C ASP D 903 25.48 -18.79 49.07
N LYS D 904 26.41 -19.21 48.22
CA LYS D 904 27.51 -18.35 47.81
C LYS D 904 27.04 -17.06 47.12
N ILE D 905 25.86 -17.12 46.51
CA ILE D 905 25.32 -15.97 45.79
C ILE D 905 24.46 -15.07 46.68
N TRP D 906 23.56 -15.67 47.44
CA TRP D 906 22.51 -14.91 48.13
C TRP D 906 22.80 -14.64 49.60
N ASP D 907 23.44 -15.58 50.29
CA ASP D 907 23.78 -15.38 51.69
C ASP D 907 24.89 -14.35 51.82
N ARG D 908 24.94 -13.69 52.98
CA ARG D 908 25.90 -12.63 53.22
C ARG D 908 26.31 -12.57 54.69
N TYR D 909 27.43 -11.90 54.95
CA TYR D 909 27.84 -11.58 56.32
C TYR D 909 27.39 -10.17 56.66
N ASN D 910 26.69 -10.02 57.78
CA ASN D 910 26.29 -8.70 58.26
C ASN D 910 27.11 -8.32 59.49
N LEU D 911 28.06 -7.41 59.30
CA LEU D 911 28.99 -7.02 60.35
C LEU D 911 28.93 -5.52 60.59
N PRO D 912 29.38 -5.07 61.79
CA PRO D 912 29.41 -3.63 62.09
C PRO D 912 30.52 -2.87 61.37
N ASP D 913 30.46 -1.54 61.41
CA ASP D 913 31.51 -0.71 60.85
C ASP D 913 32.76 -0.79 61.74
N CYS D 914 33.31 -2.00 61.82
CA CYS D 914 34.47 -2.27 62.66
C CYS D 914 35.74 -1.83 61.93
N THR D 915 36.90 -2.17 62.51
CA THR D 915 38.18 -1.84 61.88
C THR D 915 38.66 -2.99 61.01
N LEU D 916 39.57 -2.68 60.10
CA LEU D 916 40.13 -3.67 59.19
C LEU D 916 40.78 -4.82 59.96
N GLN D 917 41.51 -4.47 61.02
CA GLN D 917 42.21 -5.47 61.82
C GLN D 917 41.22 -6.44 62.46
N GLU D 918 40.24 -5.90 63.19
CA GLU D 918 39.30 -6.73 63.94
C GLU D 918 38.25 -7.35 63.01
N LEU D 919 38.26 -6.97 61.74
CA LEU D 919 37.43 -7.64 60.75
C LEU D 919 38.11 -8.94 60.33
N ILE D 920 39.42 -8.86 60.12
CA ILE D 920 40.21 -10.05 59.82
C ILE D 920 40.20 -10.99 61.02
N ASP D 921 40.21 -10.41 62.21
CA ASP D 921 40.18 -11.18 63.45
C ASP D 921 38.78 -11.73 63.75
N TYR D 922 37.79 -11.26 63.00
CA TYR D 922 36.43 -11.80 63.14
C TYR D 922 36.36 -13.15 62.44
N PHE D 923 37.03 -13.24 61.30
CA PHE D 923 37.09 -14.49 60.53
C PHE D 923 38.13 -15.45 61.12
N GLN D 924 38.72 -15.06 62.24
CA GLN D 924 39.74 -15.87 62.91
C GLN D 924 39.17 -17.17 63.47
N LYS D 925 38.07 -17.09 64.19
CA LYS D 925 37.44 -18.27 64.79
C LYS D 925 35.95 -18.39 64.48
N GLU D 926 35.34 -17.30 64.03
CA GLU D 926 33.94 -17.35 63.65
C GLU D 926 33.79 -18.15 62.36
N GLU D 927 34.88 -18.24 61.60
CA GLU D 927 34.90 -19.02 60.36
C GLU D 927 36.16 -19.87 60.25
N GLY D 928 37.26 -19.39 60.81
CA GLY D 928 38.52 -20.10 60.75
C GLY D 928 39.21 -19.87 59.42
N LEU D 929 39.29 -18.61 59.00
CA LEU D 929 39.88 -18.25 57.72
C LEU D 929 40.68 -16.95 57.83
N GLU D 930 41.90 -16.97 57.30
CA GLU D 930 42.72 -15.76 57.27
C GLU D 930 42.42 -14.96 56.02
N VAL D 931 42.03 -13.70 56.21
CA VAL D 931 41.73 -12.80 55.11
C VAL D 931 43.01 -12.39 54.40
N THR D 932 43.26 -13.00 53.25
CA THR D 932 44.45 -12.70 52.47
C THR D 932 44.24 -11.42 51.67
N MET D 933 42.98 -11.06 51.43
CA MET D 933 42.66 -9.90 50.62
C MET D 933 41.23 -9.42 50.83
N LEU D 934 41.05 -8.10 50.83
CA LEU D 934 39.75 -7.46 51.06
C LEU D 934 39.55 -6.32 50.08
N SER D 935 38.39 -6.27 49.46
CA SER D 935 38.07 -5.24 48.47
C SER D 935 36.65 -4.71 48.66
N SER D 936 36.43 -3.47 48.22
CA SER D 936 35.09 -2.88 48.20
C SER D 936 34.82 -2.37 46.79
N GLY D 937 33.90 -3.03 46.11
CA GLY D 937 33.65 -2.75 44.70
C GLY D 937 34.89 -3.08 43.91
N VAL D 938 35.37 -2.12 43.13
CA VAL D 938 36.56 -2.31 42.32
C VAL D 938 37.82 -1.88 43.07
N SER D 939 37.66 -1.49 44.33
CA SER D 939 38.77 -0.93 45.10
C SER D 939 39.39 -1.95 46.05
N LEU D 940 40.72 -2.03 46.04
CA LEU D 940 41.44 -2.95 46.92
C LEU D 940 41.75 -2.29 48.26
N LEU D 941 41.04 -2.72 49.30
CA LEU D 941 41.20 -2.14 50.63
C LEU D 941 42.45 -2.70 51.32
N TYR D 942 42.63 -4.02 51.24
CA TYR D 942 43.72 -4.69 51.94
C TYR D 942 44.18 -5.95 51.23
N ALA D 943 45.46 -6.25 51.35
CA ALA D 943 46.04 -7.49 50.83
C ALA D 943 47.23 -7.88 51.70
N ASN D 944 47.40 -9.18 51.92
CA ASN D 944 48.48 -9.67 52.77
C ASN D 944 49.85 -9.41 52.17
N PHE D 945 49.90 -9.19 50.86
CA PHE D 945 51.16 -8.95 50.16
C PHE D 945 51.54 -7.46 50.08
N GLN D 946 50.63 -6.58 50.51
CA GLN D 946 50.93 -5.15 50.53
C GLN D 946 52.05 -4.88 51.53
N PRO D 947 52.81 -3.80 51.31
CA PRO D 947 53.96 -3.50 52.17
C PRO D 947 53.55 -3.15 53.60
N PRO D 948 54.34 -3.59 54.59
CA PRO D 948 53.98 -3.36 56.01
C PRO D 948 53.91 -1.89 56.38
N LYS D 949 54.49 -1.03 55.55
CA LYS D 949 54.56 0.39 55.84
C LYS D 949 53.17 1.04 55.86
N LYS D 950 52.30 0.60 54.96
CA LYS D 950 50.94 1.14 54.88
C LYS D 950 49.90 0.16 55.43
N LEU D 951 50.31 -1.09 55.66
CA LEU D 951 49.46 -2.06 56.34
C LEU D 951 49.13 -1.54 57.74
N ALA D 952 50.18 -1.20 58.49
CA ALA D 952 50.03 -0.70 59.84
C ALA D 952 49.27 0.62 59.87
N GLU D 953 49.24 1.30 58.72
CA GLU D 953 48.56 2.59 58.60
C GLU D 953 47.06 2.40 58.44
N ARG D 954 46.67 1.41 57.62
CA ARG D 954 45.27 1.21 57.26
C ARG D 954 44.58 0.10 58.05
N LEU D 955 45.34 -0.63 58.86
CA LEU D 955 44.78 -1.72 59.64
C LEU D 955 43.83 -1.25 60.77
N PRO D 956 44.19 -0.18 61.49
CA PRO D 956 43.33 0.25 62.60
C PRO D 956 42.20 1.19 62.21
N LEU D 957 41.97 1.38 60.91
CA LEU D 957 40.89 2.26 60.45
C LEU D 957 39.56 1.53 60.33
N LYS D 958 38.48 2.25 60.64
CA LYS D 958 37.13 1.73 60.40
C LYS D 958 36.91 1.60 58.89
N ILE D 959 36.10 0.63 58.50
CA ILE D 959 35.82 0.39 57.09
C ILE D 959 35.33 1.66 56.39
N SER D 960 34.42 2.37 57.05
CA SER D 960 33.85 3.59 56.48
C SER D 960 34.94 4.62 56.20
N GLU D 961 35.90 4.74 57.11
CA GLU D 961 37.01 5.67 56.93
C GLU D 961 38.00 5.14 55.90
N LEU D 962 38.28 3.84 55.98
CA LEU D 962 39.21 3.19 55.06
C LEU D 962 38.73 3.34 53.62
N VAL D 963 37.43 3.19 53.40
CA VAL D 963 36.85 3.31 52.08
C VAL D 963 36.92 4.75 51.59
N GLU D 964 36.55 5.70 52.45
CA GLU D 964 36.56 7.10 52.09
C GLU D 964 37.97 7.58 51.74
N GLN D 965 38.97 6.97 52.39
CA GLN D 965 40.35 7.35 52.19
C GLN D 965 40.86 6.87 50.83
N ILE D 966 40.67 5.58 50.55
CA ILE D 966 41.20 4.97 49.33
C ILE D 966 40.44 5.46 48.10
N THR D 967 39.12 5.59 48.22
CA THR D 967 38.29 6.00 47.09
C THR D 967 38.39 7.51 46.85
N LYS D 968 38.99 8.23 47.79
CA LYS D 968 39.12 9.68 47.72
C LYS D 968 37.76 10.37 47.53
N LYS D 969 36.71 9.74 48.05
CA LYS D 969 35.37 10.30 48.01
C LYS D 969 34.64 10.00 49.31
N LYS D 970 33.93 10.99 49.82
CA LYS D 970 33.23 10.87 51.09
C LYS D 970 31.89 10.15 50.91
N LEU D 971 31.60 9.22 51.81
CA LEU D 971 30.36 8.45 51.76
C LEU D 971 29.15 9.37 51.79
N GLU D 972 28.24 9.15 50.85
CA GLU D 972 27.02 9.95 50.76
C GLU D 972 26.14 9.67 51.97
N PRO D 973 25.33 10.66 52.39
CA PRO D 973 24.53 10.51 53.61
C PRO D 973 23.49 9.38 53.53
N PHE D 974 22.91 9.18 52.36
CA PHE D 974 21.86 8.17 52.20
C PHE D 974 22.42 6.75 52.27
N ARG D 975 23.74 6.61 52.23
CA ARG D 975 24.37 5.30 52.32
C ARG D 975 24.44 4.82 53.76
N LYS D 976 23.74 3.72 54.03
CA LYS D 976 23.66 3.16 55.38
C LYS D 976 24.30 1.77 55.42
N HIS D 977 24.76 1.29 54.27
CA HIS D 977 25.42 0.00 54.18
C HIS D 977 26.70 0.11 53.35
N LEU D 978 27.47 -0.98 53.31
CA LEU D 978 28.72 -1.00 52.57
C LEU D 978 29.12 -2.43 52.27
N VAL D 979 29.26 -2.77 51.00
CA VAL D 979 29.50 -4.15 50.59
C VAL D 979 30.98 -4.45 50.32
N LEU D 980 31.49 -5.46 51.02
CA LEU D 980 32.87 -5.90 50.90
C LEU D 980 32.95 -7.33 50.36
N GLU D 981 34.06 -7.64 49.70
CA GLU D 981 34.36 -8.99 49.23
C GLU D 981 35.76 -9.37 49.66
N ILE D 982 35.96 -10.63 50.05
CA ILE D 982 37.27 -11.09 50.53
C ILE D 982 37.69 -12.42 49.93
N CYS D 983 39.00 -12.53 49.69
CA CYS D 983 39.63 -13.81 49.37
C CYS D 983 40.13 -14.41 50.68
N CYS D 984 39.84 -15.69 50.90
CA CYS D 984 40.13 -16.32 52.18
C CYS D 984 40.83 -17.67 52.04
N ASP D 985 41.91 -17.82 52.79
CA ASP D 985 42.63 -19.09 52.87
C ASP D 985 42.39 -19.71 54.24
N ASP D 986 42.11 -21.00 54.25
CA ASP D 986 42.00 -21.74 55.51
C ASP D 986 43.41 -22.06 56.01
N ALA D 987 43.55 -22.33 57.30
CA ALA D 987 44.85 -22.65 57.88
C ALA D 987 45.38 -23.95 57.28
N ASN D 988 45.71 -23.89 55.99
CA ASN D 988 46.15 -25.07 55.25
C ASN D 988 46.99 -24.69 54.04
N GLY D 989 46.65 -23.55 53.42
CA GLY D 989 47.41 -23.03 52.29
C GLY D 989 46.56 -22.62 51.10
N GLU D 990 45.43 -23.28 50.92
CA GLU D 990 44.59 -23.05 49.74
C GLU D 990 43.45 -22.05 50.01
N ASP D 991 42.99 -21.42 48.93
CA ASP D 991 41.98 -20.37 49.01
C ASP D 991 40.56 -20.95 49.05
N VAL D 992 39.63 -20.16 49.60
CA VAL D 992 38.23 -20.55 49.68
C VAL D 992 37.35 -19.34 49.43
N GLU D 993 36.63 -19.35 48.30
CA GLU D 993 35.70 -18.27 47.97
C GLU D 993 34.52 -18.32 48.93
N VAL D 994 34.09 -17.14 49.38
CA VAL D 994 33.13 -17.03 50.48
C VAL D 994 32.10 -15.94 50.17
N PRO D 995 30.85 -16.09 50.68
CA PRO D 995 29.84 -15.03 50.53
C PRO D 995 30.35 -13.64 50.90
N PHE D 996 29.75 -12.60 50.32
CA PHE D 996 30.21 -11.24 50.51
C PHE D 996 29.81 -10.69 51.88
N ILE D 997 30.31 -9.51 52.19
CA ILE D 997 30.11 -8.90 53.50
C ILE D 997 29.39 -7.56 53.37
N CYS D 998 28.36 -7.37 54.19
CA CYS D 998 27.65 -6.09 54.24
C CYS D 998 27.93 -5.37 55.55
N ILE D 999 28.69 -4.27 55.47
CA ILE D 999 28.97 -3.44 56.63
C ILE D 999 27.85 -2.43 56.78
N LYS D 1000 27.19 -2.43 57.93
CA LYS D 1000 26.10 -1.49 58.19
C LYS D 1000 26.65 -0.27 58.93
N LEU D 1001 26.40 0.91 58.37
CA LEU D 1001 26.91 2.15 58.95
C LEU D 1001 25.89 2.77 59.91
N MET E 21 27.23 -43.86 19.28
CA MET E 21 25.88 -43.39 18.88
C MET E 21 25.93 -42.00 18.29
N GLN E 22 24.77 -41.42 18.00
CA GLN E 22 24.67 -40.13 17.34
C GLN E 22 23.61 -39.23 17.98
N ILE E 23 24.00 -37.98 18.25
CA ILE E 23 23.08 -36.99 18.80
C ILE E 23 23.12 -35.71 17.95
N PHE E 24 22.20 -34.78 18.24
CA PHE E 24 22.12 -33.53 17.52
C PHE E 24 22.18 -32.34 18.48
N VAL E 25 22.85 -31.27 18.06
CA VAL E 25 22.94 -30.04 18.82
C VAL E 25 22.48 -28.84 17.98
N ARG E 26 21.23 -28.43 18.17
CA ARG E 26 20.65 -27.33 17.41
C ARG E 26 20.82 -26.00 18.12
N THR E 27 21.27 -24.98 17.40
CA THR E 27 21.46 -23.65 17.96
C THR E 27 20.20 -22.80 17.79
N LEU E 28 20.13 -21.68 18.52
CA LEU E 28 18.98 -20.80 18.43
C LEU E 28 18.83 -20.18 17.04
N THR E 29 19.92 -20.17 16.28
CA THR E 29 19.90 -19.61 14.92
C THR E 29 19.42 -20.62 13.89
N GLY E 30 19.32 -21.89 14.29
CA GLY E 30 18.83 -22.94 13.42
C GLY E 30 19.91 -23.93 13.03
N ARG E 31 21.17 -23.54 13.21
CA ARG E 31 22.29 -24.43 12.89
C ARG E 31 22.25 -25.70 13.70
N THR E 32 22.39 -26.84 13.04
CA THR E 32 22.37 -28.14 13.68
C THR E 32 23.75 -28.80 13.62
N ILE E 33 24.28 -29.14 14.79
CA ILE E 33 25.57 -29.83 14.89
C ILE E 33 25.34 -31.30 15.29
N THR E 34 25.82 -32.21 14.46
CA THR E 34 25.76 -33.64 14.77
C THR E 34 27.09 -34.10 15.36
N LEU E 35 27.03 -35.01 16.32
CA LEU E 35 28.22 -35.50 17.01
C LEU E 35 28.14 -36.99 17.28
N GLU E 36 29.22 -37.69 16.94
CA GLU E 36 29.38 -39.09 17.33
C GLU E 36 29.90 -39.12 18.77
N VAL E 37 29.04 -39.49 19.71
CA VAL E 37 29.35 -39.38 21.12
C VAL E 37 29.22 -40.71 21.86
N GLU E 38 30.14 -40.92 22.81
CA GLU E 38 30.07 -42.06 23.71
C GLU E 38 29.11 -41.72 24.85
N SER E 39 28.35 -42.71 25.31
CA SER E 39 27.46 -42.51 26.45
C SER E 39 28.27 -42.20 27.72
N SER E 40 29.57 -42.45 27.66
CA SER E 40 30.47 -42.18 28.79
C SER E 40 31.03 -40.77 28.75
N ASP E 41 31.01 -40.14 27.58
CA ASP E 41 31.55 -38.79 27.41
C ASP E 41 30.91 -37.82 28.40
N THR E 42 31.73 -36.94 28.97
CA THR E 42 31.25 -35.94 29.91
C THR E 42 30.73 -34.72 29.17
N ILE E 43 29.92 -33.92 29.85
CA ILE E 43 29.43 -32.67 29.28
C ILE E 43 30.61 -31.73 29.03
N ASP E 44 31.60 -31.81 29.91
CA ASP E 44 32.83 -31.03 29.76
C ASP E 44 33.50 -31.33 28.43
N ASN E 45 33.55 -32.61 28.07
CA ASN E 45 34.10 -33.05 26.80
C ASN E 45 33.32 -32.47 25.62
N VAL E 46 32.00 -32.49 25.71
CA VAL E 46 31.16 -32.03 24.61
C VAL E 46 31.31 -30.53 24.39
N ARG E 47 31.38 -29.76 25.47
CA ARG E 47 31.58 -28.32 25.36
C ARG E 47 32.87 -28.02 24.63
N ALA E 48 33.89 -28.83 24.90
CA ALA E 48 35.19 -28.69 24.24
C ALA E 48 35.06 -29.05 22.77
N ARG E 49 34.26 -30.07 22.48
CA ARG E 49 34.05 -30.52 21.10
C ARG E 49 33.31 -29.45 20.31
N ILE E 50 32.35 -28.79 20.95
CA ILE E 50 31.55 -27.76 20.30
C ILE E 50 32.38 -26.49 20.07
N GLN E 51 33.30 -26.21 20.97
CA GLN E 51 34.18 -25.05 20.82
C GLN E 51 35.08 -25.24 19.60
N ASP E 52 35.44 -26.49 19.34
CA ASP E 52 36.34 -26.82 18.25
C ASP E 52 35.63 -26.78 16.90
N ARG E 53 34.35 -26.40 16.90
CA ARG E 53 33.57 -26.33 15.67
C ARG E 53 32.46 -25.28 15.75
N GLU E 54 32.69 -24.22 16.51
CA GLU E 54 31.80 -23.06 16.51
C GLU E 54 32.53 -21.79 16.96
N GLY E 55 33.48 -21.94 17.88
CA GLY E 55 34.35 -20.85 18.26
C GLY E 55 33.83 -19.98 19.40
N ILE E 56 33.11 -20.61 20.32
CA ILE E 56 32.68 -19.93 21.55
C ILE E 56 33.17 -20.74 22.75
N PRO E 57 33.76 -20.05 23.75
CA PRO E 57 34.29 -20.79 24.90
C PRO E 57 33.25 -21.64 25.63
N PRO E 58 33.69 -22.68 26.35
CA PRO E 58 32.77 -23.57 27.06
C PRO E 58 31.84 -22.85 28.04
N ASP E 59 32.37 -21.85 28.73
CA ASP E 59 31.62 -21.16 29.77
C ASP E 59 30.48 -20.28 29.23
N GLN E 60 30.43 -20.12 27.91
CA GLN E 60 29.41 -19.30 27.27
C GLN E 60 28.36 -20.13 26.53
N GLN E 61 28.62 -21.43 26.39
CA GLN E 61 27.65 -22.34 25.82
C GLN E 61 26.56 -22.69 26.83
N ARG E 62 25.31 -22.72 26.35
CA ARG E 62 24.18 -23.15 27.17
C ARG E 62 23.44 -24.28 26.47
N LEU E 63 23.66 -25.50 26.95
CA LEU E 63 23.02 -26.68 26.37
C LEU E 63 21.78 -27.09 27.15
N ILE E 64 20.73 -27.44 26.44
CA ILE E 64 19.47 -27.87 27.05
C ILE E 64 19.02 -29.19 26.44
N PHE E 65 18.54 -30.10 27.29
CA PHE E 65 18.00 -31.37 26.83
C PHE E 65 16.79 -31.79 27.66
N ALA E 66 15.65 -31.93 27.00
CA ALA E 66 14.43 -32.40 27.64
C ALA E 66 14.05 -31.51 28.83
N GLY E 67 14.32 -30.22 28.70
CA GLY E 67 13.84 -29.24 29.66
C GLY E 67 14.76 -29.00 30.84
N ARG E 68 16.03 -29.37 30.71
CA ARG E 68 17.01 -29.08 31.76
C ARG E 68 18.36 -28.70 31.15
N GLN E 69 19.00 -27.71 31.77
CA GLN E 69 20.28 -27.20 31.27
C GLN E 69 21.42 -28.10 31.70
N LEU E 70 22.17 -28.62 30.73
CA LEU E 70 23.27 -29.53 31.02
C LEU E 70 24.37 -28.81 31.78
N GLU E 71 24.84 -29.45 32.85
CA GLU E 71 25.87 -28.88 33.70
C GLU E 71 27.16 -29.70 33.62
N ASP E 72 28.29 -29.07 33.95
CA ASP E 72 29.58 -29.74 33.92
C ASP E 72 29.68 -30.77 35.04
N GLY E 73 30.57 -31.74 34.85
CA GLY E 73 30.79 -32.77 35.85
C GLY E 73 29.97 -34.02 35.59
N ARG E 74 28.83 -33.86 34.92
CA ARG E 74 27.97 -34.98 34.59
C ARG E 74 28.33 -35.55 33.22
N THR E 75 27.60 -36.59 32.81
CA THR E 75 27.79 -37.21 31.50
C THR E 75 26.47 -37.21 30.73
N LEU E 76 26.53 -37.59 29.46
CA LEU E 76 25.34 -37.70 28.63
C LEU E 76 24.36 -38.71 29.23
N ALA E 77 24.92 -39.77 29.80
CA ALA E 77 24.11 -40.83 30.40
C ALA E 77 23.33 -40.31 31.61
N ASP E 78 23.90 -39.36 32.33
CA ASP E 78 23.25 -38.79 33.51
C ASP E 78 21.97 -38.06 33.12
N TYR E 79 21.88 -37.64 31.86
CA TYR E 79 20.70 -36.96 31.34
C TYR E 79 19.88 -37.88 30.42
N ASN E 80 20.31 -39.14 30.34
CA ASN E 80 19.69 -40.11 29.44
C ASN E 80 19.63 -39.59 28.01
N ILE E 81 20.79 -39.18 27.50
CA ILE E 81 20.89 -38.70 26.12
C ILE E 81 21.30 -39.88 25.24
N GLN E 82 20.30 -40.63 24.78
CA GLN E 82 20.54 -41.78 23.91
C GLN E 82 20.71 -41.31 22.46
N ARG E 83 20.75 -42.27 21.54
CA ARG E 83 20.90 -41.96 20.12
C ARG E 83 19.73 -41.11 19.62
N GLU E 84 19.99 -40.35 18.56
CA GLU E 84 18.97 -39.51 17.94
C GLU E 84 18.41 -38.44 18.87
N SER E 85 19.04 -38.24 20.02
CA SER E 85 18.64 -37.19 20.95
C SER E 85 19.03 -35.83 20.41
N THR E 86 18.22 -34.82 20.71
CA THR E 86 18.45 -33.46 20.23
C THR E 86 18.70 -32.49 21.38
N LEU E 87 19.88 -31.87 21.36
CA LEU E 87 20.23 -30.83 22.32
C LEU E 87 20.00 -29.45 21.71
N HIS E 88 19.74 -28.46 22.57
CA HIS E 88 19.57 -27.08 22.12
C HIS E 88 20.65 -26.16 22.68
N LEU E 89 21.41 -25.54 21.78
CA LEU E 89 22.43 -24.58 22.17
C LEU E 89 21.86 -23.16 22.12
N VAL E 90 21.57 -22.59 23.28
CA VAL E 90 20.92 -21.30 23.35
C VAL E 90 21.87 -20.23 23.91
N LEU E 91 21.40 -18.98 23.92
CA LEU E 91 22.13 -17.87 24.51
C LEU E 91 21.16 -16.82 25.01
N ARG E 92 21.64 -15.88 25.81
CA ARG E 92 20.82 -14.75 26.25
C ARG E 92 21.00 -13.57 25.32
N LEU E 93 19.96 -12.74 25.24
CA LEU E 93 19.94 -11.62 24.30
C LEU E 93 19.82 -10.31 25.06
N ARG E 94 20.29 -9.22 24.46
CA ARG E 94 20.48 -7.96 25.18
C ARG E 94 19.46 -6.87 24.82
N GLY E 95 18.73 -7.06 23.73
CA GLY E 95 17.79 -6.03 23.28
C GLY E 95 16.62 -5.89 24.22
N GLY E 96 15.91 -4.77 24.09
CA GLY E 96 14.73 -4.49 24.91
C GLY E 96 13.83 -3.45 24.30
N MET F 1 25.69 -3.50 47.01
CA MET F 1 25.88 -4.24 45.73
C MET F 1 27.13 -5.12 45.77
N PRO F 2 26.96 -6.45 45.61
CA PRO F 2 28.13 -7.35 45.55
C PRO F 2 28.98 -7.14 44.30
N SER F 3 30.02 -7.94 44.16
CA SER F 3 30.98 -7.78 43.06
C SER F 3 30.70 -8.75 41.91
N SER F 4 31.01 -8.30 40.70
CA SER F 4 30.88 -9.12 39.51
C SER F 4 31.97 -10.19 39.49
N ALA F 5 31.92 -11.05 38.48
CA ALA F 5 32.95 -12.07 38.29
C ALA F 5 34.26 -11.41 37.88
N SER F 6 34.13 -10.29 37.17
CA SER F 6 35.29 -9.53 36.70
C SER F 6 36.16 -9.12 37.88
N GLU F 7 35.55 -8.50 38.88
CA GLU F 7 36.27 -8.02 40.05
C GLU F 7 36.94 -9.17 40.80
N GLN F 8 36.23 -10.28 40.94
CA GLN F 8 36.74 -11.45 41.66
C GLN F 8 37.95 -12.07 40.98
N LEU F 9 37.91 -12.17 39.65
CA LEU F 9 38.99 -12.80 38.90
C LEU F 9 40.28 -11.98 38.97
N LEU F 10 40.13 -10.66 38.93
CA LEU F 10 41.30 -9.78 38.96
C LEU F 10 42.01 -9.86 40.29
N ARG F 11 41.23 -10.01 41.36
CA ARG F 11 41.78 -10.17 42.69
C ARG F 11 42.66 -11.41 42.78
N LYS F 12 42.08 -12.56 42.48
CA LYS F 12 42.79 -13.83 42.57
C LYS F 12 44.04 -13.85 41.69
N GLN F 13 43.96 -13.22 40.53
CA GLN F 13 45.08 -13.17 39.61
C GLN F 13 46.17 -12.24 40.12
N LEU F 14 45.77 -11.14 40.76
CA LEU F 14 46.72 -10.22 41.37
C LEU F 14 47.42 -10.89 42.54
N LYS F 15 46.66 -11.71 43.26
CA LYS F 15 47.17 -12.44 44.42
C LYS F 15 48.25 -13.45 43.99
N GLU F 16 47.95 -14.20 42.93
CA GLU F 16 48.87 -15.23 42.46
C GLU F 16 50.16 -14.62 41.90
N ILE F 17 50.02 -13.54 41.13
CA ILE F 17 51.19 -12.88 40.55
C ILE F 17 52.01 -12.19 41.63
N GLN F 18 51.34 -11.63 42.63
CA GLN F 18 52.03 -10.95 43.71
C GLN F 18 52.33 -11.94 44.85
N LYS F 19 52.60 -13.18 44.47
CA LYS F 19 53.05 -14.22 45.40
C LYS F 19 54.36 -14.81 44.91
N ASN F 20 54.33 -15.37 43.71
CA ASN F 20 55.53 -15.90 43.06
C ASN F 20 55.80 -15.12 41.79
N PRO F 21 56.24 -13.86 41.95
CA PRO F 21 56.41 -12.95 40.81
C PRO F 21 57.38 -13.47 39.76
N PRO F 22 56.92 -13.66 38.52
CA PRO F 22 57.86 -14.11 37.48
C PRO F 22 58.94 -13.07 37.25
N GLN F 23 60.21 -13.49 37.24
CA GLN F 23 61.30 -12.56 37.08
C GLN F 23 61.13 -11.84 35.75
N GLY F 24 61.45 -10.55 35.74
CA GLY F 24 61.26 -9.74 34.55
C GLY F 24 60.27 -8.62 34.79
N PHE F 25 59.36 -8.81 35.75
CA PHE F 25 58.30 -7.83 36.01
C PHE F 25 58.04 -7.50 37.47
N SER F 26 57.51 -6.30 37.65
CA SER F 26 56.89 -5.89 38.89
C SER F 26 55.44 -5.57 38.54
N VAL F 27 54.51 -6.02 39.37
CA VAL F 27 53.08 -5.81 39.12
C VAL F 27 52.45 -5.12 40.32
N GLY F 28 51.67 -4.08 40.03
CA GLY F 28 50.95 -3.36 41.05
C GLY F 28 49.77 -2.62 40.47
N LEU F 29 49.01 -1.97 41.34
CA LEU F 29 47.88 -1.15 40.90
C LEU F 29 48.32 0.29 40.71
N VAL F 30 47.82 0.93 39.66
CA VAL F 30 48.01 2.36 39.46
C VAL F 30 47.56 3.08 40.73
N ASP F 31 46.48 2.58 41.30
CA ASP F 31 45.96 3.05 42.57
C ASP F 31 45.11 1.94 43.17
N ASP F 32 45.16 1.78 44.48
CA ASP F 32 44.32 0.79 45.15
C ASP F 32 42.85 1.18 44.99
N LYS F 33 42.63 2.43 44.58
CA LYS F 33 41.32 2.94 44.19
C LYS F 33 40.63 2.01 43.20
N SER F 34 41.41 1.34 42.34
CA SER F 34 40.84 0.45 41.33
C SER F 34 41.77 -0.70 40.97
N ILE F 35 41.23 -1.92 40.97
CA ILE F 35 41.98 -3.11 40.56
C ILE F 35 41.89 -3.34 39.06
N PHE F 36 41.21 -2.44 38.36
CA PHE F 36 41.06 -2.54 36.92
C PHE F 36 42.17 -1.77 36.20
N GLU F 37 43.03 -1.13 36.98
CA GLU F 37 44.16 -0.38 36.45
C GLU F 37 45.46 -0.84 37.10
N TRP F 38 46.14 -1.77 36.45
CA TRP F 38 47.43 -2.26 36.92
C TRP F 38 48.55 -1.47 36.27
N GLU F 39 49.64 -1.25 37.01
CA GLU F 39 50.87 -0.73 36.42
C GLU F 39 51.89 -1.86 36.39
N VAL F 40 52.71 -1.88 35.34
CA VAL F 40 53.70 -2.93 35.14
C VAL F 40 55.06 -2.32 34.81
N MET F 41 56.08 -2.70 35.59
CA MET F 41 57.45 -2.27 35.35
C MET F 41 58.24 -3.43 34.74
N ILE F 42 58.75 -3.21 33.52
CA ILE F 42 59.44 -4.28 32.80
C ILE F 42 60.94 -3.99 32.65
N ILE F 43 61.75 -4.98 33.04
CA ILE F 43 63.18 -4.92 32.76
C ILE F 43 63.41 -5.32 31.31
N GLY F 44 64.19 -4.52 30.60
CA GLY F 44 64.60 -4.87 29.25
C GLY F 44 65.23 -6.25 29.30
N PRO F 45 64.68 -7.22 28.54
CA PRO F 45 65.14 -8.61 28.67
C PRO F 45 66.65 -8.74 28.50
N GLU F 46 67.25 -9.68 29.24
CA GLU F 46 68.68 -9.90 29.19
C GLU F 46 69.14 -10.25 27.78
N ASP F 47 70.32 -9.74 27.41
CA ASP F 47 70.97 -10.01 26.12
C ASP F 47 70.28 -9.35 24.92
N THR F 48 68.98 -9.06 25.03
CA THR F 48 68.23 -8.47 23.92
C THR F 48 68.62 -7.01 23.66
N LEU F 49 68.00 -6.42 22.64
CA LEU F 49 68.27 -5.04 22.27
C LEU F 49 67.94 -4.03 23.37
N TYR F 50 67.04 -4.41 24.26
CA TYR F 50 66.52 -3.48 25.26
C TYR F 50 67.13 -3.68 26.64
N GLU F 51 68.05 -4.63 26.76
CA GLU F 51 68.62 -5.01 28.05
C GLU F 51 69.16 -3.80 28.81
N GLY F 52 68.98 -3.81 30.13
CA GLY F 52 69.40 -2.72 30.99
C GLY F 52 68.32 -1.65 31.11
N GLY F 53 67.39 -1.64 30.18
CA GLY F 53 66.32 -0.64 30.18
C GLY F 53 65.26 -0.93 31.22
N PHE F 54 64.48 0.09 31.55
CA PHE F 54 63.42 -0.02 32.55
C PHE F 54 62.15 0.65 32.03
N PHE F 55 61.17 -0.18 31.65
CA PHE F 55 59.97 0.32 31.00
C PHE F 55 58.71 0.15 31.85
N HIS F 56 57.96 1.24 31.99
CA HIS F 56 56.71 1.25 32.75
C HIS F 56 55.51 1.23 31.82
N ALA F 57 54.50 0.43 32.15
CA ALA F 57 53.30 0.33 31.33
C ALA F 57 52.04 0.28 32.20
N THR F 58 50.88 0.37 31.55
CA THR F 58 49.59 0.31 32.26
C THR F 58 48.65 -0.70 31.61
N LEU F 59 48.27 -1.71 32.39
CA LEU F 59 47.33 -2.73 31.93
CA LEU F 59 47.33 -2.72 31.94
C LEU F 59 45.91 -2.36 32.36
N SER F 60 45.10 -1.90 31.40
CA SER F 60 43.73 -1.48 31.68
C SER F 60 42.75 -2.60 31.37
N PHE F 61 42.10 -3.12 32.41
CA PHE F 61 41.16 -4.22 32.25
C PHE F 61 39.74 -3.71 32.04
N PRO F 62 39.03 -4.26 31.04
CA PRO F 62 37.65 -3.82 30.80
C PRO F 62 36.67 -4.29 31.87
N GLN F 63 35.57 -3.55 32.01
CA GLN F 63 34.54 -3.89 32.99
C GLN F 63 33.98 -5.31 32.81
N ASP F 64 34.03 -5.82 31.58
CA ASP F 64 33.48 -7.15 31.28
C ASP F 64 34.58 -8.20 31.09
N TYR F 65 35.78 -7.89 31.57
CA TYR F 65 36.88 -8.85 31.63
C TYR F 65 36.43 -10.11 32.38
N PRO F 66 36.83 -11.31 31.92
CA PRO F 66 37.77 -11.66 30.85
C PRO F 66 37.12 -11.97 29.49
N LEU F 67 35.87 -11.57 29.28
CA LEU F 67 35.26 -11.73 27.96
C LEU F 67 36.09 -10.96 26.95
N MET F 68 36.62 -9.83 27.38
CA MET F 68 37.50 -9.00 26.58
C MET F 68 38.89 -8.97 27.18
N PRO F 69 39.93 -8.72 26.34
CA PRO F 69 41.29 -8.63 26.88
C PRO F 69 41.58 -7.25 27.45
N PRO F 70 42.67 -7.11 28.24
CA PRO F 70 43.09 -5.80 28.71
C PRO F 70 43.83 -5.01 27.65
N LYS F 71 43.93 -3.70 27.82
CA LYS F 71 44.73 -2.86 26.93
C LYS F 71 46.01 -2.48 27.65
N MET F 72 47.14 -2.72 26.98
CA MET F 72 48.45 -2.44 27.55
C MET F 72 49.07 -1.22 26.88
N LYS F 73 49.38 -0.21 27.68
CA LYS F 73 50.04 1.00 27.19
C LYS F 73 51.36 1.23 27.90
N PHE F 74 52.44 1.34 27.13
CA PHE F 74 53.72 1.75 27.69
C PHE F 74 53.69 3.25 27.97
N THR F 75 53.99 3.63 29.20
CA THR F 75 54.10 5.04 29.57
C THR F 75 55.53 5.52 29.33
N THR F 76 56.49 4.66 29.65
CA THR F 76 57.89 4.91 29.35
C THR F 76 58.08 4.96 27.83
N GLU F 77 58.87 5.93 27.37
CA GLU F 77 59.15 6.04 25.94
C GLU F 77 59.87 4.80 25.45
N ILE F 78 59.34 4.20 24.38
CA ILE F 78 59.90 2.98 23.83
C ILE F 78 59.81 2.99 22.31
N TRP F 79 60.72 2.27 21.67
CA TRP F 79 60.79 2.21 20.21
C TRP F 79 60.76 0.76 19.76
N HIS F 80 59.59 0.32 19.30
CA HIS F 80 59.36 -1.09 18.98
C HIS F 80 58.28 -1.21 17.91
N PRO F 81 58.42 -2.18 16.99
CA PRO F 81 57.41 -2.31 15.92
C PRO F 81 56.01 -2.64 16.42
N ASN F 82 55.92 -3.41 17.50
CA ASN F 82 54.63 -3.84 18.05
C ASN F 82 54.05 -2.87 19.07
N VAL F 83 54.66 -1.70 19.21
CA VAL F 83 54.20 -0.70 20.18
C VAL F 83 53.92 0.64 19.52
N HIS F 84 52.65 1.03 19.50
CA HIS F 84 52.23 2.29 18.90
C HIS F 84 52.92 3.47 19.58
N PRO F 85 53.22 4.55 18.83
CA PRO F 85 53.87 5.72 19.43
C PRO F 85 53.15 6.28 20.67
N ASN F 86 51.84 6.13 20.72
CA ASN F 86 51.08 6.60 21.89
C ASN F 86 51.27 5.66 23.08
N GLY F 87 51.93 4.52 22.82
CA GLY F 87 52.31 3.59 23.87
C GLY F 87 51.56 2.27 23.83
N GLU F 88 50.46 2.23 23.09
CA GLU F 88 49.58 1.06 23.11
C GLU F 88 50.24 -0.14 22.43
N VAL F 89 50.26 -1.27 23.15
CA VAL F 89 50.87 -2.50 22.65
C VAL F 89 49.91 -3.29 21.78
N CYS F 90 50.41 -3.78 20.66
CA CYS F 90 49.62 -4.56 19.72
C CYS F 90 50.28 -5.90 19.42
N ILE F 91 49.81 -6.94 20.10
CA ILE F 91 50.26 -8.31 19.85
C ILE F 91 49.06 -9.26 19.84
N SER F 92 49.30 -10.48 19.36
CA SER F 92 48.22 -11.44 19.13
C SER F 92 47.37 -11.74 20.36
N ILE F 93 48.01 -12.05 21.47
CA ILE F 93 47.32 -12.52 22.67
C ILE F 93 46.33 -11.49 23.22
N LEU F 94 46.51 -10.23 22.85
CA LEU F 94 45.63 -9.15 23.34
C LEU F 94 44.54 -8.77 22.34
N HIS F 95 44.48 -9.47 21.21
CA HIS F 95 43.44 -9.20 20.22
C HIS F 95 42.12 -9.86 20.60
N PRO F 96 40.98 -9.14 20.43
CA PRO F 96 39.67 -9.70 20.79
C PRO F 96 39.30 -10.96 20.00
N PRO F 97 38.30 -11.71 20.48
CA PRO F 97 37.84 -12.92 19.77
C PRO F 97 37.17 -12.59 18.43
N GLY F 98 37.41 -13.43 17.43
CA GLY F 98 36.80 -13.25 16.12
C GLY F 98 36.82 -14.51 15.27
N ASP F 99 36.71 -14.33 13.96
CA ASP F 99 36.74 -15.45 13.03
C ASP F 99 37.33 -15.01 11.69
N GLU F 109 45.62 -19.20 20.41
CA GLU F 109 45.45 -18.32 19.26
C GLU F 109 45.52 -16.85 19.69
N ARG F 110 44.36 -16.19 19.73
CA ARG F 110 44.26 -14.80 20.17
C ARG F 110 44.00 -14.79 21.67
N TRP F 111 43.19 -13.84 22.13
CA TRP F 111 42.83 -13.76 23.54
C TRP F 111 41.86 -14.88 23.91
N LEU F 112 42.12 -15.50 25.05
CA LEU F 112 41.21 -16.50 25.60
C LEU F 112 40.94 -16.16 27.06
N PRO F 113 39.73 -16.45 27.56
CA PRO F 113 39.39 -16.09 28.93
C PRO F 113 40.29 -16.74 29.99
N VAL F 114 41.08 -17.74 29.59
CA VAL F 114 41.90 -18.49 30.53
C VAL F 114 43.28 -17.88 30.72
N HIS F 115 43.73 -17.10 29.74
CA HIS F 115 45.06 -16.50 29.79
C HIS F 115 45.18 -15.51 30.93
N SER F 116 46.03 -15.82 31.91
CA SER F 116 46.27 -14.92 33.03
C SER F 116 47.14 -13.76 32.57
N PRO F 117 47.08 -12.62 33.28
CA PRO F 117 47.93 -11.47 32.96
C PRO F 117 49.41 -11.83 32.88
N GLU F 118 49.81 -12.85 33.62
CA GLU F 118 51.19 -13.32 33.58
C GLU F 118 51.53 -13.88 32.20
N THR F 119 50.61 -14.64 31.63
CA THR F 119 50.78 -15.20 30.29
C THR F 119 50.98 -14.08 29.28
N ILE F 120 50.22 -13.00 29.42
CA ILE F 120 50.35 -11.85 28.54
C ILE F 120 51.76 -11.26 28.61
N LEU F 121 52.20 -10.95 29.83
CA LEU F 121 53.46 -10.26 30.02
C LEU F 121 54.64 -11.07 29.50
N ILE F 122 54.61 -12.39 29.70
CA ILE F 122 55.63 -13.27 29.15
C ILE F 122 55.69 -13.10 27.63
N SER F 123 54.52 -12.92 27.03
CA SER F 123 54.42 -12.76 25.58
C SER F 123 55.01 -11.41 25.16
N VAL F 124 54.98 -10.43 26.06
CA VAL F 124 55.52 -9.11 25.79
C VAL F 124 57.05 -9.12 25.88
N ILE F 125 57.61 -10.07 26.62
CA ILE F 125 59.07 -10.22 26.69
C ILE F 125 59.61 -10.73 25.36
N SER F 126 59.05 -11.83 24.89
CA SER F 126 59.47 -12.39 23.61
C SER F 126 59.26 -11.36 22.51
N MET F 127 58.27 -10.50 22.71
CA MET F 127 58.02 -9.42 21.77
C MET F 127 59.21 -8.46 21.77
N LEU F 128 59.77 -8.20 22.95
CA LEU F 128 60.95 -7.36 23.07
C LEU F 128 62.21 -8.09 22.60
N SER F 129 62.23 -9.41 22.81
CA SER F 129 63.38 -10.22 22.44
C SER F 129 63.43 -10.43 20.93
N SER F 130 62.27 -10.70 20.35
CA SER F 130 62.16 -10.98 18.92
C SER F 130 60.93 -10.28 18.35
N PRO F 131 61.10 -9.04 17.86
CA PRO F 131 59.95 -8.29 17.31
C PRO F 131 59.18 -9.07 16.26
N ASN F 132 57.86 -8.95 16.29
CA ASN F 132 57.00 -9.61 15.31
C ASN F 132 56.57 -8.62 14.25
N ASP F 133 56.97 -8.88 13.00
CA ASP F 133 56.76 -7.95 11.91
C ASP F 133 55.41 -8.16 11.24
N GLU F 134 54.55 -8.97 11.86
CA GLU F 134 53.24 -9.27 11.30
C GLU F 134 52.19 -8.31 11.86
N SER F 135 52.56 -7.51 12.85
CA SER F 135 51.64 -6.48 13.36
C SER F 135 51.48 -5.44 12.24
N PRO F 136 52.35 -4.41 12.16
CA PRO F 136 53.19 -3.55 13.01
C PRO F 136 52.39 -2.39 13.57
N ALA F 137 52.63 -2.00 14.82
CA ALA F 137 51.89 -0.91 15.43
C ALA F 137 52.63 0.41 15.22
N ASN F 138 53.95 0.33 15.11
CA ASN F 138 54.78 1.48 14.77
C ASN F 138 55.45 1.23 13.43
N ILE F 139 54.86 1.79 12.37
CA ILE F 139 55.36 1.58 11.01
C ILE F 139 56.80 2.07 10.87
N ASP F 140 57.07 3.25 11.40
CA ASP F 140 58.41 3.84 11.32
C ASP F 140 59.45 2.95 12.00
N ALA F 141 59.10 2.41 13.17
CA ALA F 141 60.00 1.54 13.91
C ALA F 141 60.15 0.19 13.22
N ALA F 142 59.07 -0.27 12.58
CA ALA F 142 59.07 -1.57 11.92
C ALA F 142 60.00 -1.59 10.72
N LYS F 143 60.18 -0.44 10.08
CA LYS F 143 61.04 -0.36 8.91
C LYS F 143 62.51 -0.32 9.35
N GLU F 144 62.81 0.54 10.32
CA GLU F 144 64.19 0.69 10.81
C GLU F 144 64.77 -0.63 11.31
N PHE F 145 63.94 -1.45 11.94
CA PHE F 145 64.40 -2.73 12.46
C PHE F 145 64.81 -3.67 11.33
N ARG F 146 64.35 -3.37 10.12
CA ARG F 146 64.59 -4.22 8.96
C ARG F 146 65.64 -3.65 8.02
N GLU F 147 65.57 -2.34 7.78
CA GLU F 147 66.38 -1.69 6.76
C GLU F 147 67.64 -1.06 7.32
N ASN F 148 67.64 -0.74 8.61
CA ASN F 148 68.84 -0.24 9.27
C ASN F 148 68.84 -0.62 10.76
N PRO F 149 68.99 -1.91 11.04
CA PRO F 149 68.92 -2.46 12.40
C PRO F 149 70.10 -2.03 13.29
N GLN F 150 71.04 -1.30 12.71
CA GLN F 150 72.21 -0.84 13.46
C GLN F 150 71.98 0.56 14.03
N GLU F 151 71.03 1.28 13.44
CA GLU F 151 70.58 2.56 13.97
C GLU F 151 69.40 2.33 14.90
N PHE F 152 68.66 1.26 14.63
CA PHE F 152 67.57 0.83 15.51
C PHE F 152 68.18 0.46 16.85
N LYS F 153 69.26 -0.31 16.80
CA LYS F 153 70.04 -0.65 17.99
C LYS F 153 70.44 0.61 18.74
N LYS F 154 70.84 1.64 17.98
CA LYS F 154 71.30 2.89 18.56
C LYS F 154 70.15 3.67 19.21
N ARG F 155 69.02 3.75 18.52
CA ARG F 155 67.88 4.52 19.02
C ARG F 155 67.30 3.88 20.27
N VAL F 156 67.30 2.56 20.29
CA VAL F 156 66.87 1.81 21.47
C VAL F 156 67.79 2.12 22.65
N ARG F 157 69.10 2.05 22.41
CA ARG F 157 70.09 2.26 23.44
C ARG F 157 69.97 3.64 24.09
N ARG F 158 69.59 4.63 23.31
CA ARG F 158 69.38 5.97 23.83
C ARG F 158 68.17 6.02 24.76
N LEU F 159 67.10 5.34 24.39
CA LEU F 159 65.89 5.30 25.21
C LEU F 159 66.11 4.43 26.44
N VAL F 160 67.03 3.48 26.34
CA VAL F 160 67.40 2.67 27.49
C VAL F 160 68.08 3.56 28.54
N ARG F 161 68.88 4.52 28.08
CA ARG F 161 69.57 5.41 28.99
C ARG F 161 68.61 6.41 29.63
N ARG F 162 67.75 7.02 28.82
CA ARG F 162 66.80 8.01 29.33
C ARG F 162 65.78 7.37 30.28
N SER F 163 65.60 6.06 30.17
CA SER F 163 64.68 5.36 31.04
C SER F 163 65.26 5.28 32.45
N ILE F 164 66.58 5.13 32.53
CA ILE F 164 67.26 5.09 33.82
C ILE F 164 67.22 6.47 34.48
N GLU F 165 67.42 7.51 33.67
CA GLU F 165 67.42 8.88 34.18
C GLU F 165 66.05 9.31 34.70
N MET F 166 65.01 8.57 34.30
CA MET F 166 63.67 8.86 34.77
C MET F 166 63.41 8.16 36.11
N ILE F 167 64.15 7.10 36.37
CA ILE F 167 64.11 6.46 37.68
C ILE F 167 64.76 7.39 38.70
N LEU F 168 65.82 8.06 38.25
CA LEU F 168 66.56 8.99 39.09
C LEU F 168 65.71 10.20 39.46
N GLU F 169 64.63 10.42 38.72
CA GLU F 169 63.76 11.56 38.95
C GLU F 169 63.16 11.49 40.36
N HIS F 170 62.84 10.26 40.77
CA HIS F 170 62.31 9.87 42.10
C HIS F 170 61.14 8.92 41.91
N HIS F 171 60.75 8.25 42.99
CA HIS F 171 59.62 7.33 42.97
C HIS F 171 59.18 6.96 44.39
S SO4 G . -1.60 0.34 -17.01
O1 SO4 G . -2.75 -0.55 -17.10
O2 SO4 G . -1.99 1.69 -17.44
O3 SO4 G . -0.51 -0.15 -17.84
O4 SO4 G . -1.15 0.39 -15.61
S SO4 H . -15.56 -1.71 -37.03
O1 SO4 H . -16.20 -0.54 -36.44
O2 SO4 H . -16.40 -2.88 -36.83
O3 SO4 H . -14.25 -1.92 -36.42
O4 SO4 H . -15.38 -1.48 -38.47
S SO4 I . -10.24 -3.03 -29.70
O1 SO4 I . -11.25 -2.43 -30.58
O2 SO4 I . -10.90 -3.67 -28.57
O3 SO4 I . -9.46 -4.01 -30.44
O4 SO4 I . -9.35 -1.98 -29.20
S SO4 J . -22.15 1.31 -12.85
O1 SO4 J . -22.24 1.69 -11.44
O2 SO4 J . -23.29 1.88 -13.57
O3 SO4 J . -20.91 1.82 -13.41
O4 SO4 J . -22.18 -0.14 -12.95
S SO4 K . -9.30 20.92 -44.38
O1 SO4 K . -9.46 22.30 -43.93
O2 SO4 K . -9.71 20.82 -45.78
O3 SO4 K . -10.15 20.04 -43.56
O4 SO4 K . -7.90 20.52 -44.24
S SO4 L . 16.04 -7.84 1.31
O1 SO4 L . 14.60 -7.64 1.23
O2 SO4 L . 16.49 -8.67 0.20
O3 SO4 L . 16.70 -6.55 1.25
O4 SO4 L . 16.37 -8.50 2.57
S SO4 M . 28.22 6.00 20.05
O1 SO4 M . 28.06 7.44 20.19
O2 SO4 M . 27.91 5.62 18.67
O3 SO4 M . 27.30 5.31 20.95
O4 SO4 M . 29.59 5.62 20.36
S SO4 N . 16.59 1.71 19.82
O1 SO4 N . 15.90 1.49 21.10
O2 SO4 N . 15.71 2.48 18.94
O3 SO4 N . 17.82 2.45 20.06
O4 SO4 N . 16.89 0.43 19.20
S SO4 O . 38.95 -10.45 12.41
O1 SO4 O . 38.50 -9.25 13.11
O2 SO4 O . 38.03 -10.76 11.33
O3 SO4 O . 38.98 -11.58 13.34
O4 SO4 O . 40.29 -10.23 11.87
#